data_4OJL
#
_entry.id   4OJL
#
_cell.length_a   123.448
_cell.length_b   152.442
_cell.length_c   171.852
_cell.angle_alpha   90.00
_cell.angle_beta   90.00
_cell.angle_gamma   90.00
#
_symmetry.space_group_name_H-M   'P 21 21 21'
#
loop_
_entity.id
_entity.type
_entity.pdbx_description
1 polymer 'Tailspike protein'
2 non-polymer beta-D-glucopyranose
3 non-polymer 'ZINC ION'
4 water water
#
_entity_poly.entity_id   1
_entity_poly.type   'polypeptide(L)'
_entity_poly.pdbx_seq_one_letter_code
;MNEMFSQGGKGSTGILTNKQAVARHFGVKQSEVVYFSVGVDLGGYKVIYDKETQRAYSLPVGIASGTTAVSLSTAAVLVH
SAGSVDLGSLAVSREEYVTLPGSFDSGSTLNVKNELLTYTDGKYRWDGILPKTVAPGSTPASTGGVGLGAWISVGDASLR
TQLANGDGSLIGIHPQGTLNNVLTVRTPEQYNAVGDGIADDTSKLKEMLSDINNVPETLPDAAAVNSYMEQVAVKIDLTK
LYRFTETLYIPPGVSIEIPTSNFFTRECKQGLFYDPVDKNTAAISLMVYRKQPDGSYKLNKDVDYYPTGLDIDNGDAITC
ARKIDINNLNLITAPGVKVGVKWIGGAGCTTKGLSIGENTGSDITTARLPRVGLLQSASWGSIHENLRILYKTQGAVFID
SNGGAAVNNAYISRLGNTNGELEQAVYKPAGFTEVGDVAVTQFAGSEVKFNSPIIEQASFDFVHAGRDTDSYGLFMVDKP
HIESSGGKKKHSFYLINTSSNVTLSGVGLSGQDPDLDSMYFLKNCPETARNVVRGQMPISGVKLVRGTGNYPTLVLDCTN
MGSQFQFGEVGDIFYIKDVVGVKADTLYIDPVNGNNYNWGTNGTKPIRELTNIAKICQLFRCKSVYLNAGESVITSNTEL
PMVVFEGPGSLKANSGSSFLIKAGGTLSLIGLSGISTDGGHMFRVSTVEKVNIHTNCSVNAGAAYVVLSEVQGNIEYRQL
FYSVNCSKYIGATAGQTIAGIMVKTATRPTGIDAAPVDGNVSLTYKIIESHHHHHH
;
_entity_poly.pdbx_strand_id   A,B,C
#
# COMPACT_ATOMS: atom_id res chain seq x y z
N SER A 12 -56.00 19.04 70.08
CA SER A 12 -56.31 18.19 71.22
C SER A 12 -55.95 16.76 70.90
N THR A 13 -56.97 15.92 70.72
CA THR A 13 -56.75 14.53 70.37
C THR A 13 -56.46 14.50 68.87
N GLY A 14 -56.91 15.57 68.19
CA GLY A 14 -56.70 15.74 66.76
C GLY A 14 -55.21 15.90 66.49
N ILE A 15 -54.51 16.59 67.39
CA ILE A 15 -53.07 16.80 67.25
C ILE A 15 -52.36 15.47 67.35
N LEU A 16 -52.76 14.67 68.33
CA LEU A 16 -52.15 13.37 68.54
C LEU A 16 -52.34 12.43 67.35
N THR A 17 -53.57 12.37 66.83
CA THR A 17 -53.84 11.52 65.68
C THR A 17 -53.09 12.01 64.44
N ASN A 18 -52.91 13.33 64.33
CA ASN A 18 -52.19 13.88 63.19
C ASN A 18 -50.72 13.54 63.27
N LYS A 19 -50.17 13.58 64.49
CA LYS A 19 -48.77 13.25 64.70
C LYS A 19 -48.55 11.81 64.26
N GLN A 20 -49.54 10.96 64.50
CA GLN A 20 -49.48 9.55 64.11
C GLN A 20 -49.44 9.42 62.59
N ALA A 21 -50.35 10.11 61.91
CA ALA A 21 -50.40 10.07 60.45
C ALA A 21 -49.06 10.51 59.87
N VAL A 22 -48.52 11.60 60.39
CA VAL A 22 -47.24 12.11 59.93
C VAL A 22 -46.12 11.11 60.21
N ALA A 23 -46.07 10.64 61.45
CA ALA A 23 -45.06 9.69 61.89
C ALA A 23 -45.03 8.44 61.01
N ARG A 24 -46.20 7.92 60.68
CA ARG A 24 -46.30 6.71 59.86
C ARG A 24 -45.89 6.96 58.43
N HIS A 25 -46.06 8.21 57.98
CA HIS A 25 -45.68 8.56 56.63
C HIS A 25 -44.16 8.57 56.48
N PHE A 26 -43.47 9.17 57.45
CA PHE A 26 -42.01 9.28 57.42
C PHE A 26 -41.30 8.07 58.05
N GLY A 27 -42.05 7.23 58.73
CA GLY A 27 -41.47 6.06 59.37
C GLY A 27 -40.77 6.35 60.68
N VAL A 28 -41.12 7.46 61.32
CA VAL A 28 -40.54 7.80 62.62
C VAL A 28 -41.54 7.51 63.75
N LYS A 29 -41.15 7.85 64.98
CA LYS A 29 -42.03 7.65 66.13
C LYS A 29 -42.98 8.84 66.33
N GLN A 30 -44.15 8.57 66.89
CA GLN A 30 -45.14 9.60 67.13
C GLN A 30 -44.56 10.73 67.99
N SER A 31 -43.74 10.37 68.96
CA SER A 31 -43.13 11.34 69.84
C SER A 31 -42.07 12.18 69.12
N GLU A 32 -41.67 11.75 67.93
CA GLU A 32 -40.64 12.47 67.18
C GLU A 32 -41.18 13.55 66.26
N VAL A 33 -42.49 13.74 66.27
CA VAL A 33 -43.12 14.78 65.46
C VAL A 33 -43.43 16.02 66.31
N VAL A 34 -43.05 17.21 65.84
CA VAL A 34 -43.33 18.43 66.57
C VAL A 34 -44.08 19.42 65.68
N TYR A 35 -45.03 20.16 66.26
CA TYR A 35 -45.75 21.18 65.53
C TYR A 35 -44.97 22.48 65.61
N PHE A 36 -44.91 23.24 64.54
CA PHE A 36 -44.21 24.52 64.62
C PHE A 36 -45.07 25.54 65.35
N SER A 37 -44.41 26.32 66.20
CA SER A 37 -45.03 27.41 66.93
C SER A 37 -43.88 28.24 67.47
N VAL A 38 -44.01 29.56 67.37
CA VAL A 38 -42.98 30.47 67.87
C VAL A 38 -42.64 30.11 69.31
N GLY A 39 -41.39 29.72 69.54
CA GLY A 39 -40.94 29.39 70.88
C GLY A 39 -40.87 27.92 71.26
N VAL A 40 -41.43 27.03 70.46
CA VAL A 40 -41.41 25.61 70.79
C VAL A 40 -39.96 25.07 70.78
N ASP A 41 -39.67 24.15 71.68
CA ASP A 41 -38.34 23.53 71.74
C ASP A 41 -38.24 22.50 70.61
N LEU A 42 -37.18 22.60 69.81
CA LEU A 42 -37.01 21.71 68.68
C LEU A 42 -36.13 20.49 68.94
N GLY A 43 -35.38 20.51 70.03
CA GLY A 43 -34.48 19.42 70.38
C GLY A 43 -35.07 18.02 70.37
N GLY A 44 -34.34 17.09 69.75
CA GLY A 44 -34.75 15.68 69.70
C GLY A 44 -35.73 15.26 68.61
N TYR A 45 -36.56 16.20 68.14
CA TYR A 45 -37.54 15.89 67.11
C TYR A 45 -36.94 15.54 65.75
N LYS A 46 -37.61 14.63 65.04
CA LYS A 46 -37.18 14.19 63.72
C LYS A 46 -37.93 14.88 62.60
N VAL A 47 -39.20 15.16 62.84
CA VAL A 47 -40.06 15.79 61.84
C VAL A 47 -40.88 16.96 62.43
N ILE A 48 -41.00 18.02 61.65
CA ILE A 48 -41.76 19.19 62.06
C ILE A 48 -42.97 19.35 61.15
N TYR A 49 -44.08 19.76 61.75
CA TYR A 49 -45.32 19.95 61.02
C TYR A 49 -45.78 21.41 61.06
N ASP A 50 -46.07 21.96 59.88
CA ASP A 50 -46.56 23.33 59.76
C ASP A 50 -48.07 23.20 59.70
N LYS A 51 -48.75 23.58 60.79
CA LYS A 51 -50.22 23.45 60.84
C LYS A 51 -50.99 24.34 59.87
N GLU A 52 -50.35 25.42 59.40
CA GLU A 52 -50.99 26.34 58.48
C GLU A 52 -50.96 25.86 57.03
N THR A 53 -49.79 25.43 56.56
CA THR A 53 -49.67 24.92 55.19
C THR A 53 -50.08 23.44 55.17
N GLN A 54 -50.04 22.83 56.35
CA GLN A 54 -50.35 21.41 56.52
C GLN A 54 -49.33 20.51 55.81
N ARG A 55 -48.07 20.91 55.89
CA ARG A 55 -46.95 20.18 55.30
C ARG A 55 -45.96 19.75 56.41
N ALA A 56 -45.35 18.60 56.22
CA ALA A 56 -44.40 18.08 57.20
C ALA A 56 -42.99 18.02 56.58
N TYR A 57 -41.97 18.23 57.40
CA TYR A 57 -40.59 18.19 56.92
C TYR A 57 -39.68 17.50 57.91
N SER A 58 -38.76 16.69 57.39
CA SER A 58 -37.77 16.02 58.23
C SER A 58 -36.86 17.13 58.72
N LEU A 59 -36.43 17.04 59.98
CA LEU A 59 -35.55 18.05 60.57
C LEU A 59 -34.09 17.62 60.55
N PRO A 60 -33.18 18.59 60.39
CA PRO A 60 -31.78 18.16 60.43
C PRO A 60 -31.45 17.59 61.80
N VAL A 61 -30.66 16.53 61.81
CA VAL A 61 -30.22 15.89 63.04
C VAL A 61 -29.18 16.83 63.68
N GLY A 62 -29.17 16.93 65.01
CA GLY A 62 -28.22 17.81 65.67
C GLY A 62 -28.76 19.12 66.23
N ILE A 63 -30.08 19.24 66.36
CA ILE A 63 -30.64 20.47 66.94
C ILE A 63 -30.51 20.26 68.43
N ALA A 64 -29.77 21.15 69.08
CA ALA A 64 -29.54 21.07 70.51
C ALA A 64 -30.83 21.24 71.31
N SER A 65 -30.90 20.57 72.46
CA SER A 65 -32.08 20.70 73.31
C SER A 65 -32.07 22.14 73.82
N GLY A 66 -33.25 22.73 73.98
CA GLY A 66 -33.34 24.10 74.43
C GLY A 66 -33.37 25.07 73.26
N THR A 67 -33.10 24.58 72.06
CA THR A 67 -33.17 25.41 70.87
C THR A 67 -34.63 25.59 70.54
N THR A 68 -35.08 26.84 70.37
CA THR A 68 -36.48 27.10 70.11
C THR A 68 -36.79 27.71 68.75
N ALA A 69 -37.98 27.42 68.21
CA ALA A 69 -38.40 27.93 66.90
C ALA A 69 -38.65 29.44 66.87
N VAL A 70 -38.16 30.09 65.82
CA VAL A 70 -38.34 31.53 65.66
C VAL A 70 -39.37 31.82 64.55
N SER A 71 -39.19 31.18 63.40
CA SER A 71 -40.12 31.36 62.28
C SER A 71 -39.97 30.29 61.19
N LEU A 72 -41.07 30.04 60.50
CA LEU A 72 -41.10 29.05 59.43
C LEU A 72 -41.83 29.65 58.23
N SER A 73 -41.09 30.00 57.18
CA SER A 73 -41.69 30.61 56.00
C SER A 73 -42.44 29.59 55.14
N THR A 74 -43.24 30.10 54.22
CA THR A 74 -44.02 29.25 53.33
C THR A 74 -43.14 28.54 52.31
N ALA A 75 -41.84 28.85 52.33
CA ALA A 75 -40.90 28.16 51.45
C ALA A 75 -40.20 27.15 52.33
N ALA A 76 -40.71 27.00 53.55
CA ALA A 76 -40.19 26.07 54.53
C ALA A 76 -38.79 26.38 55.06
N VAL A 77 -38.45 27.67 55.12
CA VAL A 77 -37.16 28.04 55.69
C VAL A 77 -37.42 28.21 57.19
N LEU A 78 -36.74 27.40 57.99
CA LEU A 78 -36.92 27.43 59.44
C LEU A 78 -35.79 28.19 60.13
N VAL A 79 -36.18 29.18 60.94
CA VAL A 79 -35.23 29.96 61.72
C VAL A 79 -35.48 29.59 63.17
N HIS A 80 -34.42 29.26 63.91
CA HIS A 80 -34.55 28.91 65.32
C HIS A 80 -33.49 29.68 66.13
N SER A 81 -33.49 29.49 67.45
CA SER A 81 -32.55 30.23 68.31
C SER A 81 -31.05 30.01 68.00
N ALA A 82 -30.70 28.84 67.45
CA ALA A 82 -29.30 28.54 67.15
C ALA A 82 -28.89 28.70 65.70
N GLY A 83 -29.78 29.22 64.85
CA GLY A 83 -29.44 29.39 63.46
C GLY A 83 -30.60 29.19 62.49
N SER A 84 -30.29 28.77 61.27
CA SER A 84 -31.33 28.59 60.25
C SER A 84 -31.09 27.35 59.38
N VAL A 85 -32.14 26.90 58.69
CA VAL A 85 -32.05 25.73 57.81
C VAL A 85 -33.18 25.70 56.78
N ASP A 86 -32.84 25.40 55.53
CA ASP A 86 -33.86 25.32 54.50
C ASP A 86 -34.40 23.89 54.46
N LEU A 87 -35.55 23.67 55.08
CA LEU A 87 -36.20 22.36 55.14
C LEU A 87 -36.59 21.84 53.74
N GLY A 88 -36.82 22.74 52.79
CA GLY A 88 -37.18 22.33 51.45
C GLY A 88 -35.99 21.69 50.75
N SER A 89 -34.81 22.28 50.94
CA SER A 89 -33.59 21.75 50.34
C SER A 89 -33.29 20.41 50.97
N LEU A 90 -33.45 20.33 52.29
CA LEU A 90 -33.19 19.09 53.00
C LEU A 90 -34.13 18.01 52.47
N ALA A 91 -35.40 18.37 52.29
CA ALA A 91 -36.39 17.42 51.79
C ALA A 91 -35.97 16.91 50.39
N VAL A 92 -35.48 17.81 49.55
CA VAL A 92 -35.03 17.43 48.22
C VAL A 92 -33.93 16.36 48.32
N SER A 93 -32.93 16.62 49.15
CA SER A 93 -31.81 15.70 49.34
C SER A 93 -32.28 14.33 49.83
N ARG A 94 -33.40 14.31 50.54
CA ARG A 94 -33.95 13.08 51.09
C ARG A 94 -35.06 12.47 50.23
N GLU A 95 -35.27 13.02 49.04
CA GLU A 95 -36.32 12.55 48.12
C GLU A 95 -37.69 12.45 48.79
N GLU A 96 -37.99 13.41 49.67
CA GLU A 96 -39.27 13.47 50.36
C GLU A 96 -39.97 14.62 49.65
N TYR A 97 -40.84 14.24 48.73
CA TYR A 97 -41.52 15.18 47.85
C TYR A 97 -43.03 15.21 47.95
N VAL A 98 -43.60 16.33 47.49
CA VAL A 98 -45.04 16.46 47.43
C VAL A 98 -45.38 16.67 45.97
N THR A 99 -46.23 15.82 45.41
CA THR A 99 -46.63 16.01 44.03
C THR A 99 -47.90 16.84 44.03
N LEU A 100 -47.77 18.07 43.55
CA LEU A 100 -48.88 19.00 43.52
C LEU A 100 -50.00 18.51 42.63
N PRO A 101 -51.23 18.96 42.91
CA PRO A 101 -52.32 18.58 42.02
C PRO A 101 -52.08 19.26 40.68
N GLY A 102 -52.70 18.74 39.62
CA GLY A 102 -52.55 19.36 38.32
C GLY A 102 -51.26 19.04 37.60
N SER A 103 -50.87 19.96 36.71
CA SER A 103 -49.71 19.75 35.86
C SER A 103 -49.29 21.03 35.19
N PHE A 104 -48.32 20.92 34.29
CA PHE A 104 -47.85 22.06 33.54
C PHE A 104 -49.00 22.54 32.64
N ASP A 105 -49.82 21.60 32.19
CA ASP A 105 -50.96 21.96 31.34
C ASP A 105 -52.02 22.75 32.09
N SER A 106 -52.31 22.34 33.32
CA SER A 106 -53.33 23.02 34.11
C SER A 106 -52.78 24.29 34.75
N GLY A 107 -51.49 24.34 34.96
CA GLY A 107 -50.87 25.48 35.60
C GLY A 107 -50.87 25.23 37.10
N SER A 108 -50.06 25.96 37.85
CA SER A 108 -49.97 25.78 39.30
C SER A 108 -49.04 26.85 39.86
N THR A 109 -48.88 26.86 41.17
CA THR A 109 -47.95 27.78 41.82
C THR A 109 -47.14 26.97 42.82
N LEU A 110 -45.83 27.01 42.69
CA LEU A 110 -44.95 26.28 43.60
C LEU A 110 -44.37 27.22 44.64
N ASN A 111 -44.30 26.76 45.89
CA ASN A 111 -43.76 27.56 46.99
C ASN A 111 -42.59 26.92 47.70
N VAL A 112 -42.43 25.60 47.52
CA VAL A 112 -41.36 24.88 48.20
C VAL A 112 -40.48 24.09 47.22
N LYS A 113 -39.21 23.93 47.58
CA LYS A 113 -38.25 23.20 46.75
C LYS A 113 -38.59 21.71 46.62
N ASN A 114 -39.36 21.18 47.56
CA ASN A 114 -39.73 19.76 47.50
C ASN A 114 -41.07 19.50 46.82
N GLU A 115 -41.56 20.50 46.10
CA GLU A 115 -42.81 20.34 45.36
C GLU A 115 -42.52 19.89 43.92
N LEU A 116 -43.28 18.94 43.43
CA LEU A 116 -43.09 18.49 42.06
C LEU A 116 -44.33 18.81 41.22
N LEU A 117 -44.12 19.18 39.97
CA LEU A 117 -45.22 19.43 39.03
C LEU A 117 -45.11 18.38 37.92
N THR A 118 -46.22 17.71 37.64
CA THR A 118 -46.25 16.66 36.63
C THR A 118 -46.36 17.14 35.20
N TYR A 119 -45.48 16.65 34.34
CA TYR A 119 -45.54 16.97 32.90
C TYR A 119 -45.80 15.62 32.22
N THR A 120 -46.19 15.65 30.96
CA THR A 120 -46.49 14.41 30.24
C THR A 120 -45.32 13.43 30.15
N ASP A 121 -44.10 13.87 30.44
CA ASP A 121 -42.96 12.95 30.36
C ASP A 121 -42.27 12.66 31.70
N GLY A 122 -42.92 13.06 32.80
CA GLY A 122 -42.38 12.84 34.13
C GLY A 122 -42.54 14.08 35.00
N LYS A 123 -42.00 14.04 36.22
CA LYS A 123 -42.10 15.16 37.15
C LYS A 123 -40.86 16.05 37.20
N TYR A 124 -41.05 17.27 37.68
CA TYR A 124 -40.00 18.25 37.79
C TYR A 124 -40.11 19.09 39.05
N ARG A 125 -38.97 19.45 39.62
CA ARG A 125 -38.95 20.35 40.77
C ARG A 125 -38.34 21.65 40.25
N TRP A 126 -38.65 22.77 40.90
CA TRP A 126 -38.13 24.08 40.48
C TRP A 126 -36.92 24.45 41.31
N ASP A 127 -35.83 24.79 40.63
CA ASP A 127 -34.58 25.13 41.32
C ASP A 127 -34.27 26.63 41.32
N GLY A 128 -35.24 27.44 40.89
CA GLY A 128 -35.04 28.87 40.85
C GLY A 128 -35.68 29.64 42.00
N ILE A 129 -36.03 30.89 41.71
CA ILE A 129 -36.68 31.76 42.69
C ILE A 129 -38.09 31.29 43.00
N LEU A 130 -38.42 31.23 44.29
CA LEU A 130 -39.75 30.84 44.73
C LEU A 130 -40.43 32.07 45.36
N PRO A 131 -41.77 32.16 45.26
CA PRO A 131 -42.68 31.20 44.61
C PRO A 131 -42.58 31.25 43.09
N LYS A 132 -43.01 30.17 42.43
CA LYS A 132 -42.95 30.07 40.99
C LYS A 132 -44.34 29.81 40.41
N THR A 133 -44.79 30.72 39.55
CA THR A 133 -46.09 30.61 38.93
C THR A 133 -45.97 30.03 37.54
N VAL A 134 -46.78 29.02 37.28
CA VAL A 134 -46.82 28.32 36.01
C VAL A 134 -48.21 28.50 35.41
N ALA A 135 -48.28 29.24 34.32
CA ALA A 135 -49.56 29.48 33.66
C ALA A 135 -50.07 28.21 32.98
N PRO A 136 -51.39 28.12 32.77
CA PRO A 136 -51.92 26.95 32.07
C PRO A 136 -51.32 26.83 30.67
N GLY A 137 -51.21 25.61 30.15
CA GLY A 137 -50.67 25.37 28.83
C GLY A 137 -49.16 25.48 28.77
N SER A 138 -48.51 25.50 29.93
CA SER A 138 -47.05 25.60 29.99
C SER A 138 -46.35 24.27 29.78
N THR A 139 -45.03 24.34 29.64
CA THR A 139 -44.13 23.19 29.49
C THR A 139 -42.87 23.63 30.23
N PRO A 140 -42.02 22.69 30.65
CA PRO A 140 -40.82 23.13 31.36
C PRO A 140 -40.01 24.11 30.49
N ALA A 141 -40.00 23.82 29.19
CA ALA A 141 -39.28 24.63 28.22
C ALA A 141 -39.74 26.07 28.17
N SER A 142 -41.05 26.28 28.15
CA SER A 142 -41.61 27.62 28.07
C SER A 142 -41.60 28.39 29.38
N THR A 143 -41.23 27.72 30.46
CA THR A 143 -41.23 28.38 31.76
C THR A 143 -39.88 28.39 32.47
N GLY A 144 -38.81 28.57 31.70
CA GLY A 144 -37.48 28.65 32.27
C GLY A 144 -36.48 27.61 31.78
N GLY A 145 -36.97 26.52 31.19
CA GLY A 145 -36.09 25.48 30.69
C GLY A 145 -35.60 24.56 31.81
N VAL A 146 -34.85 23.53 31.42
CA VAL A 146 -34.34 22.58 32.39
C VAL A 146 -32.85 22.81 32.66
N GLY A 147 -32.44 22.57 33.90
CA GLY A 147 -31.06 22.76 34.29
C GLY A 147 -30.97 23.52 35.59
N LEU A 148 -29.76 23.68 36.10
CA LEU A 148 -29.53 24.40 37.35
C LEU A 148 -30.24 25.74 37.36
N GLY A 149 -30.84 26.08 38.49
CA GLY A 149 -31.56 27.33 38.62
C GLY A 149 -32.91 27.34 37.92
N ALA A 150 -33.29 26.24 37.30
CA ALA A 150 -34.56 26.16 36.59
C ALA A 150 -35.28 24.85 36.94
N TRP A 151 -35.86 24.18 35.94
CA TRP A 151 -36.54 22.90 36.19
C TRP A 151 -35.55 21.75 36.26
N ILE A 152 -35.73 20.88 37.23
CA ILE A 152 -34.86 19.70 37.36
C ILE A 152 -35.73 18.45 37.29
N SER A 153 -35.34 17.51 36.44
CA SER A 153 -36.09 16.26 36.29
C SER A 153 -36.00 15.42 37.55
N VAL A 154 -37.13 14.88 38.00
CA VAL A 154 -37.15 14.05 39.21
C VAL A 154 -37.97 12.76 39.06
N GLY A 155 -37.45 11.66 39.59
CA GLY A 155 -38.18 10.41 39.57
C GLY A 155 -38.00 9.47 38.40
N ASP A 156 -38.43 8.23 38.63
CA ASP A 156 -38.32 7.17 37.66
C ASP A 156 -38.95 7.42 36.29
N ALA A 157 -40.19 7.87 36.23
CA ALA A 157 -40.81 8.10 34.92
C ALA A 157 -39.99 9.14 34.13
N SER A 158 -39.57 10.18 34.82
CA SER A 158 -38.79 11.22 34.19
C SER A 158 -37.41 10.68 33.72
N LEU A 159 -36.81 9.79 34.50
CA LEU A 159 -35.53 9.21 34.13
C LEU A 159 -35.68 8.34 32.87
N ARG A 160 -36.75 7.56 32.80
CA ARG A 160 -36.99 6.71 31.62
C ARG A 160 -37.10 7.53 30.34
N THR A 161 -37.89 8.59 30.36
CA THR A 161 -38.08 9.42 29.18
C THR A 161 -36.80 10.19 28.80
N GLN A 162 -36.07 10.64 29.80
CA GLN A 162 -34.81 11.34 29.56
C GLN A 162 -33.82 10.40 28.86
N LEU A 163 -33.74 9.16 29.35
CA LEU A 163 -32.82 8.17 28.77
C LEU A 163 -33.25 7.85 27.36
N ALA A 164 -34.56 7.66 27.18
CA ALA A 164 -35.11 7.33 25.87
C ALA A 164 -34.92 8.43 24.83
N ASN A 165 -35.05 9.69 25.24
CA ASN A 165 -34.95 10.79 24.31
C ASN A 165 -33.64 11.57 24.32
N GLY A 166 -32.65 11.08 25.05
CA GLY A 166 -31.39 11.78 25.14
C GLY A 166 -30.36 11.40 24.06
N ASP A 167 -29.09 11.64 24.38
CA ASP A 167 -28.01 11.36 23.45
C ASP A 167 -26.93 10.52 24.14
N GLY A 168 -27.19 10.14 25.39
CA GLY A 168 -26.26 9.33 26.14
C GLY A 168 -25.53 10.11 27.22
N SER A 169 -25.79 11.41 27.30
CA SER A 169 -25.12 12.24 28.29
C SER A 169 -25.38 11.85 29.75
N LEU A 170 -26.41 11.04 30.00
CA LEU A 170 -26.70 10.62 31.38
C LEU A 170 -25.84 9.42 31.78
N ILE A 171 -25.13 8.85 30.81
CA ILE A 171 -24.30 7.65 31.03
C ILE A 171 -22.81 7.95 31.11
N GLY A 172 -22.22 7.80 32.29
CA GLY A 172 -20.79 8.06 32.44
C GLY A 172 -19.94 6.93 31.86
N ILE A 173 -18.75 7.25 31.38
CA ILE A 173 -17.84 6.23 30.83
C ILE A 173 -16.41 6.46 31.30
N HIS A 174 -15.56 5.45 31.15
CA HIS A 174 -14.17 5.59 31.55
C HIS A 174 -13.28 6.09 30.39
N PRO A 175 -12.16 6.76 30.72
CA PRO A 175 -11.69 7.11 32.06
C PRO A 175 -12.55 8.19 32.70
N GLN A 176 -13.20 8.99 31.85
CA GLN A 176 -14.07 10.05 32.29
C GLN A 176 -14.95 10.47 31.11
N GLY A 177 -15.95 11.30 31.39
CA GLY A 177 -16.84 11.77 30.36
C GLY A 177 -18.12 10.97 30.30
N THR A 178 -18.88 11.19 29.24
CA THR A 178 -20.15 10.49 29.09
C THR A 178 -20.26 9.80 27.72
N LEU A 179 -21.21 8.87 27.62
CA LEU A 179 -21.41 8.08 26.42
C LEU A 179 -21.51 8.88 25.11
N ASN A 180 -22.23 9.99 25.12
CA ASN A 180 -22.36 10.83 23.93
C ASN A 180 -21.00 11.34 23.42
N ASN A 181 -20.01 11.38 24.29
CA ASN A 181 -18.67 11.84 23.89
C ASN A 181 -17.97 10.85 22.95
N VAL A 182 -18.33 9.57 23.01
CA VAL A 182 -17.66 8.59 22.16
C VAL A 182 -18.49 7.92 21.05
N LEU A 183 -19.75 8.31 20.92
CA LEU A 183 -20.59 7.74 19.87
C LEU A 183 -20.48 8.61 18.62
N THR A 184 -19.72 8.13 17.63
CA THR A 184 -19.51 8.93 16.41
C THR A 184 -19.87 8.26 15.08
N VAL A 185 -20.06 6.94 15.07
CA VAL A 185 -20.39 6.24 13.83
C VAL A 185 -21.90 6.17 13.61
N ARG A 186 -22.34 6.26 12.35
CA ARG A 186 -23.76 6.16 12.04
C ARG A 186 -24.05 4.82 11.40
N THR A 187 -25.28 4.37 11.53
CA THR A 187 -25.72 3.12 10.92
C THR A 187 -27.10 3.33 10.34
N PRO A 188 -27.50 2.49 9.38
CA PRO A 188 -28.85 2.65 8.83
C PRO A 188 -29.89 2.23 9.87
N GLU A 189 -29.47 1.42 10.84
CA GLU A 189 -30.36 0.94 11.91
C GLU A 189 -30.90 2.11 12.74
N GLN A 190 -30.15 3.21 12.76
CA GLN A 190 -30.60 4.41 13.48
C GLN A 190 -31.82 4.99 12.77
N TYR A 191 -31.97 4.67 11.49
CA TYR A 191 -33.09 5.17 10.70
C TYR A 191 -34.13 4.09 10.45
N ASN A 192 -33.99 2.98 11.17
CA ASN A 192 -34.92 1.86 11.08
C ASN A 192 -34.94 1.15 9.74
N ALA A 193 -33.77 1.02 9.12
CA ALA A 193 -33.68 0.30 7.86
C ALA A 193 -33.92 -1.17 8.20
N VAL A 194 -34.63 -1.88 7.34
CA VAL A 194 -34.91 -3.29 7.57
C VAL A 194 -33.66 -4.14 7.43
N GLY A 195 -32.87 -3.84 6.42
CA GLY A 195 -31.62 -4.55 6.22
C GLY A 195 -31.69 -6.03 5.84
N ASP A 196 -32.77 -6.45 5.19
CA ASP A 196 -32.92 -7.84 4.78
C ASP A 196 -32.70 -8.02 3.28
N GLY A 197 -32.36 -6.93 2.60
CA GLY A 197 -32.15 -6.96 1.16
C GLY A 197 -33.43 -7.26 0.39
N ILE A 198 -34.57 -7.09 1.05
CA ILE A 198 -35.88 -7.32 0.43
C ILE A 198 -36.69 -6.02 0.52
N ALA A 199 -36.86 -5.49 1.73
CA ALA A 199 -37.57 -4.24 1.86
C ALA A 199 -36.78 -3.13 1.18
N ASP A 200 -37.46 -2.09 0.74
CA ASP A 200 -36.82 -0.99 0.07
C ASP A 200 -36.32 0.02 1.08
N ASP A 201 -35.02 -0.03 1.38
CA ASP A 201 -34.42 0.85 2.37
C ASP A 201 -33.90 2.18 1.81
N THR A 202 -34.21 2.47 0.55
CA THR A 202 -33.73 3.67 -0.12
C THR A 202 -33.91 4.99 0.65
N SER A 203 -35.14 5.26 1.08
CA SER A 203 -35.43 6.50 1.81
C SER A 203 -34.63 6.60 3.11
N LYS A 204 -34.37 5.47 3.75
CA LYS A 204 -33.59 5.45 4.99
C LYS A 204 -32.12 5.78 4.74
N LEU A 205 -31.55 5.17 3.70
CA LEU A 205 -30.16 5.40 3.34
C LEU A 205 -29.97 6.85 2.93
N LYS A 206 -30.93 7.38 2.18
CA LYS A 206 -30.86 8.75 1.73
C LYS A 206 -30.95 9.73 2.88
N GLU A 207 -31.73 9.39 3.90
CA GLU A 207 -31.86 10.28 5.05
C GLU A 207 -30.57 10.22 5.88
N MET A 208 -30.01 9.03 6.00
CA MET A 208 -28.75 8.85 6.73
C MET A 208 -27.66 9.74 6.09
N LEU A 209 -27.61 9.75 4.76
CA LEU A 209 -26.62 10.56 4.04
C LEU A 209 -26.94 12.03 4.18
N SER A 210 -28.22 12.39 4.01
CA SER A 210 -28.63 13.78 4.11
C SER A 210 -28.28 14.38 5.48
N ASP A 211 -28.45 13.56 6.52
CA ASP A 211 -28.15 13.98 7.89
C ASP A 211 -26.67 14.30 8.08
N ILE A 212 -25.83 13.79 7.19
CA ILE A 212 -24.39 14.03 7.24
C ILE A 212 -24.04 15.27 6.40
N ASN A 213 -24.42 15.24 5.14
CA ASN A 213 -24.15 16.35 4.22
C ASN A 213 -25.28 16.43 3.21
N ASN A 214 -26.21 17.35 3.46
CA ASN A 214 -27.40 17.55 2.63
C ASN A 214 -27.16 18.62 1.58
N VAL A 215 -26.73 18.18 0.40
CA VAL A 215 -26.44 19.13 -0.67
C VAL A 215 -27.59 19.15 -1.70
N PRO A 216 -28.13 20.36 -1.96
CA PRO A 216 -29.24 20.58 -2.89
C PRO A 216 -28.85 20.16 -4.29
N GLU A 217 -29.79 19.60 -5.05
CA GLU A 217 -29.50 19.15 -6.40
C GLU A 217 -29.28 20.32 -7.36
N THR A 218 -29.68 21.51 -6.94
CA THR A 218 -29.50 22.70 -7.75
C THR A 218 -28.86 23.76 -6.86
N LEU A 219 -27.80 24.38 -7.37
CA LEU A 219 -27.09 25.41 -6.62
C LEU A 219 -26.81 26.63 -7.49
N PRO A 220 -26.77 27.83 -6.87
CA PRO A 220 -26.57 29.12 -7.55
C PRO A 220 -25.28 29.27 -8.36
N ASP A 221 -24.13 29.07 -7.73
CA ASP A 221 -22.86 29.24 -8.45
C ASP A 221 -21.76 28.32 -7.94
N ALA A 222 -20.55 28.52 -8.47
CA ALA A 222 -19.41 27.70 -8.08
C ALA A 222 -19.11 27.78 -6.59
N ALA A 223 -19.23 28.97 -6.01
CA ALA A 223 -18.95 29.12 -4.59
C ALA A 223 -19.89 28.25 -3.77
N ALA A 224 -21.13 28.13 -4.25
CA ALA A 224 -22.15 27.36 -3.57
C ALA A 224 -21.82 25.87 -3.56
N VAL A 225 -21.55 25.29 -4.73
CA VAL A 225 -21.23 23.87 -4.82
C VAL A 225 -19.96 23.52 -4.03
N ASN A 226 -18.97 24.40 -4.07
CA ASN A 226 -17.71 24.17 -3.36
C ASN A 226 -17.84 24.18 -1.85
N SER A 227 -18.77 24.97 -1.32
CA SER A 227 -18.95 25.05 0.13
C SER A 227 -19.27 23.69 0.75
N TYR A 228 -19.94 22.82 -0.01
CA TYR A 228 -20.32 21.51 0.47
C TYR A 228 -19.17 20.54 0.74
N MET A 229 -17.98 20.89 0.26
CA MET A 229 -16.81 20.05 0.48
C MET A 229 -16.08 20.51 1.74
N GLU A 230 -16.69 21.45 2.45
CA GLU A 230 -16.10 22.00 3.66
C GLU A 230 -16.96 21.74 4.88
N GLN A 231 -17.53 20.54 4.97
CA GLN A 231 -18.36 20.18 6.11
C GLN A 231 -17.75 19.04 6.93
N VAL A 232 -18.29 18.82 8.12
CA VAL A 232 -17.81 17.77 8.99
C VAL A 232 -18.04 16.39 8.35
N ALA A 233 -17.00 15.55 8.38
CA ALA A 233 -17.09 14.21 7.81
C ALA A 233 -17.56 13.19 8.85
N VAL A 234 -18.37 12.23 8.40
CA VAL A 234 -18.91 11.22 9.30
C VAL A 234 -18.70 9.80 8.75
N LYS A 235 -18.35 8.87 9.64
CA LYS A 235 -18.13 7.49 9.26
C LYS A 235 -19.43 6.70 9.35
N ILE A 236 -19.68 5.85 8.35
CA ILE A 236 -20.89 5.03 8.30
C ILE A 236 -20.55 3.55 8.37
N ASP A 237 -21.28 2.80 9.19
CA ASP A 237 -21.04 1.37 9.33
C ASP A 237 -22.22 0.56 8.79
N LEU A 238 -21.98 -0.22 7.75
CA LEU A 238 -23.01 -1.06 7.15
C LEU A 238 -22.76 -2.51 7.54
N THR A 239 -23.59 -3.03 8.43
CA THR A 239 -23.42 -4.40 8.90
C THR A 239 -24.50 -5.38 8.41
N LYS A 240 -25.51 -4.86 7.71
CA LYS A 240 -26.58 -5.70 7.19
C LYS A 240 -26.69 -5.53 5.67
N LEU A 241 -27.76 -6.06 5.06
CA LEU A 241 -27.92 -5.94 3.60
C LEU A 241 -29.04 -4.99 3.24
N TYR A 242 -28.73 -3.93 2.51
CA TYR A 242 -29.74 -2.93 2.20
C TYR A 242 -30.12 -2.81 0.74
N ARG A 243 -31.37 -3.18 0.44
CA ARG A 243 -31.86 -3.07 -0.92
C ARG A 243 -32.28 -1.64 -1.19
N PHE A 244 -31.86 -1.07 -2.31
CA PHE A 244 -32.28 0.29 -2.66
C PHE A 244 -32.66 0.31 -4.14
N THR A 245 -33.46 1.30 -4.55
CA THR A 245 -33.98 1.30 -5.91
C THR A 245 -33.74 2.53 -6.76
N GLU A 246 -32.95 3.48 -6.24
CA GLU A 246 -32.63 4.68 -6.99
C GLU A 246 -31.16 4.95 -6.75
N THR A 247 -30.48 5.56 -7.71
CA THR A 247 -29.07 5.85 -7.61
C THR A 247 -28.73 6.65 -6.35
N LEU A 248 -27.79 6.14 -5.57
CA LEU A 248 -27.37 6.85 -4.36
C LEU A 248 -26.22 7.78 -4.72
N TYR A 249 -26.30 9.03 -4.27
CA TYR A 249 -25.24 10.01 -4.52
C TYR A 249 -24.54 10.33 -3.21
N ILE A 250 -23.31 9.85 -3.10
CA ILE A 250 -22.48 10.06 -1.91
C ILE A 250 -22.03 11.51 -1.85
N PRO A 251 -22.39 12.22 -0.78
CA PRO A 251 -21.96 13.60 -0.68
C PRO A 251 -20.54 13.63 -0.12
N PRO A 252 -19.85 14.77 -0.20
CA PRO A 252 -18.49 14.84 0.33
C PRO A 252 -18.46 14.65 1.85
N GLY A 253 -17.31 14.24 2.39
CA GLY A 253 -17.17 14.07 3.83
C GLY A 253 -17.91 12.84 4.34
N VAL A 254 -17.69 11.71 3.70
CA VAL A 254 -18.33 10.45 4.09
C VAL A 254 -17.35 9.28 4.04
N SER A 255 -17.33 8.50 5.12
CA SER A 255 -16.49 7.32 5.20
C SER A 255 -17.44 6.14 5.38
N ILE A 256 -17.30 5.13 4.54
CA ILE A 256 -18.18 3.97 4.60
C ILE A 256 -17.35 2.74 4.96
N GLU A 257 -17.84 2.01 5.95
CA GLU A 257 -17.14 0.86 6.50
C GLU A 257 -18.03 -0.39 6.59
N ILE A 258 -17.41 -1.56 6.40
CA ILE A 258 -18.06 -2.86 6.52
C ILE A 258 -16.97 -3.79 7.08
N PRO A 259 -17.32 -4.71 7.98
CA PRO A 259 -16.30 -5.60 8.57
C PRO A 259 -15.34 -6.28 7.58
N THR A 260 -15.85 -6.92 6.54
CA THR A 260 -14.99 -7.59 5.57
C THR A 260 -15.47 -7.33 4.15
N SER A 261 -14.59 -7.60 3.20
CA SER A 261 -14.93 -7.42 1.80
C SER A 261 -15.34 -8.74 1.17
N ASN A 262 -16.33 -8.70 0.28
CA ASN A 262 -16.73 -9.91 -0.42
C ASN A 262 -15.64 -10.33 -1.39
N PHE A 263 -15.56 -11.63 -1.65
CA PHE A 263 -14.59 -12.18 -2.57
C PHE A 263 -15.30 -13.36 -3.24
N PHE A 264 -15.78 -13.15 -4.46
CA PHE A 264 -16.48 -14.19 -5.21
C PHE A 264 -17.60 -14.80 -4.38
N THR A 265 -18.30 -14.03 -3.57
CA THR A 265 -19.36 -14.61 -2.75
C THR A 265 -20.68 -14.89 -3.47
N ARG A 266 -21.23 -16.08 -3.21
CA ARG A 266 -22.47 -16.54 -3.84
C ARG A 266 -23.66 -15.79 -3.30
N GLU A 267 -23.64 -15.49 -2.01
CA GLU A 267 -24.76 -14.80 -1.41
C GLU A 267 -24.27 -13.65 -0.54
N CYS A 268 -24.44 -12.43 -1.05
CA CYS A 268 -24.03 -11.24 -0.34
C CYS A 268 -24.91 -11.07 0.88
N LYS A 269 -24.29 -10.87 2.04
CA LYS A 269 -25.06 -10.70 3.28
C LYS A 269 -24.90 -9.31 3.91
N GLN A 270 -23.87 -8.58 3.50
CA GLN A 270 -23.66 -7.23 4.03
C GLN A 270 -23.31 -6.26 2.92
N GLY A 271 -23.99 -5.11 2.89
CA GLY A 271 -23.71 -4.10 1.89
C GLY A 271 -24.94 -3.49 1.23
N LEU A 272 -24.77 -3.04 -0.01
CA LEU A 272 -25.82 -2.39 -0.78
C LEU A 272 -26.29 -3.26 -1.97
N PHE A 273 -27.60 -3.37 -2.15
CA PHE A 273 -28.17 -4.15 -3.27
C PHE A 273 -29.06 -3.22 -4.10
N TYR A 274 -28.55 -2.84 -5.26
CA TYR A 274 -29.27 -1.94 -6.17
C TYR A 274 -30.23 -2.74 -7.05
N ASP A 275 -31.53 -2.42 -6.92
CA ASP A 275 -32.58 -3.12 -7.64
C ASP A 275 -33.61 -2.14 -8.20
N PRO A 276 -33.24 -1.40 -9.27
CA PRO A 276 -34.13 -0.38 -9.85
C PRO A 276 -35.05 -0.90 -10.95
N VAL A 277 -36.09 -0.13 -11.24
CA VAL A 277 -37.02 -0.45 -12.31
C VAL A 277 -36.26 -0.17 -13.59
N ASP A 278 -35.61 0.99 -13.64
CA ASP A 278 -34.82 1.42 -14.77
C ASP A 278 -33.39 0.91 -14.63
N LYS A 279 -33.06 -0.13 -15.39
CA LYS A 279 -31.72 -0.71 -15.33
C LYS A 279 -30.65 0.10 -16.08
N ASN A 280 -31.09 1.04 -16.91
CA ASN A 280 -30.17 1.89 -17.66
C ASN A 280 -29.63 2.99 -16.74
N THR A 281 -29.10 2.58 -15.59
CA THR A 281 -28.58 3.53 -14.61
C THR A 281 -27.43 2.95 -13.78
N ALA A 282 -26.92 3.78 -12.88
CA ALA A 282 -25.82 3.42 -11.98
C ALA A 282 -26.33 3.22 -10.56
N ALA A 283 -25.69 2.31 -9.82
CA ALA A 283 -26.07 2.05 -8.43
C ALA A 283 -25.65 3.19 -7.51
N ILE A 284 -24.37 3.56 -7.59
CA ILE A 284 -23.78 4.60 -6.76
C ILE A 284 -22.98 5.56 -7.60
N SER A 285 -23.09 6.85 -7.29
CA SER A 285 -22.35 7.86 -8.00
C SER A 285 -21.85 8.95 -7.08
N LEU A 286 -20.71 9.53 -7.44
CA LEU A 286 -20.17 10.65 -6.70
C LEU A 286 -20.90 11.87 -7.25
N MET A 287 -20.71 13.04 -6.65
CA MET A 287 -21.42 14.23 -7.11
C MET A 287 -20.64 15.17 -8.01
N VAL A 288 -21.15 15.38 -9.21
CA VAL A 288 -20.51 16.33 -10.12
C VAL A 288 -21.60 17.25 -10.62
N TYR A 289 -21.40 18.56 -10.47
CA TYR A 289 -22.40 19.53 -10.91
C TYR A 289 -22.07 20.06 -12.29
N ARG A 290 -23.09 20.08 -13.15
CA ARG A 290 -22.93 20.57 -14.52
C ARG A 290 -23.53 21.95 -14.68
N LYS A 291 -22.84 22.80 -15.44
CA LYS A 291 -23.30 24.18 -15.65
C LYS A 291 -24.53 24.25 -16.53
N GLN A 292 -25.47 25.09 -16.12
CA GLN A 292 -26.72 25.27 -16.86
C GLN A 292 -26.67 26.53 -17.73
N PRO A 293 -27.62 26.66 -18.69
CA PRO A 293 -27.66 27.86 -19.54
C PRO A 293 -27.75 29.16 -18.74
N ASP A 294 -28.62 29.19 -17.73
CA ASP A 294 -28.83 30.37 -16.90
C ASP A 294 -27.64 30.72 -16.00
N GLY A 295 -26.66 29.83 -15.94
CA GLY A 295 -25.48 30.08 -15.12
C GLY A 295 -25.44 29.30 -13.81
N SER A 296 -26.52 28.61 -13.49
CA SER A 296 -26.57 27.83 -12.26
C SER A 296 -25.99 26.44 -12.49
N TYR A 297 -26.01 25.61 -11.45
CA TYR A 297 -25.46 24.27 -11.53
C TYR A 297 -26.42 23.18 -11.04
N LYS A 298 -26.51 22.08 -11.78
CA LYS A 298 -27.37 20.96 -11.41
C LYS A 298 -26.56 19.68 -11.23
N LEU A 299 -26.92 18.87 -10.24
CA LEU A 299 -26.23 17.63 -9.97
C LEU A 299 -26.37 16.66 -11.15
N ASN A 300 -25.28 16.11 -11.64
CA ASN A 300 -25.41 15.15 -12.73
C ASN A 300 -26.16 13.91 -12.30
N LYS A 301 -27.17 13.57 -13.09
CA LYS A 301 -28.00 12.41 -12.85
C LYS A 301 -28.01 11.51 -14.09
N ASP A 302 -27.20 11.86 -15.08
CA ASP A 302 -27.11 11.08 -16.31
C ASP A 302 -26.12 9.92 -16.13
N VAL A 303 -26.57 8.70 -16.41
CA VAL A 303 -25.72 7.52 -16.26
C VAL A 303 -24.45 7.53 -17.10
N ASP A 304 -24.54 8.04 -18.33
CA ASP A 304 -23.38 8.05 -19.22
C ASP A 304 -22.43 9.24 -19.05
N TYR A 305 -22.87 10.28 -18.34
CA TYR A 305 -22.03 11.46 -18.17
C TYR A 305 -20.81 11.23 -17.28
N TYR A 306 -19.69 11.83 -17.67
CA TYR A 306 -18.46 11.80 -16.87
C TYR A 306 -17.75 13.10 -17.22
N PRO A 307 -17.23 13.81 -16.21
CA PRO A 307 -16.57 15.09 -16.48
C PRO A 307 -15.15 14.93 -17.03
N THR A 308 -14.75 15.85 -17.89
CA THR A 308 -13.41 15.85 -18.45
C THR A 308 -12.58 16.94 -17.77
N GLY A 309 -11.26 16.84 -17.89
CA GLY A 309 -10.36 17.83 -17.32
C GLY A 309 -10.73 19.21 -17.83
N LEU A 310 -11.10 19.27 -19.10
CA LEU A 310 -11.52 20.51 -19.75
C LEU A 310 -12.72 21.10 -19.00
N ASP A 311 -13.74 20.26 -18.77
CA ASP A 311 -14.96 20.69 -18.05
C ASP A 311 -14.62 21.34 -16.72
N ILE A 312 -13.70 20.72 -15.98
CA ILE A 312 -13.29 21.24 -14.68
C ILE A 312 -12.64 22.64 -14.81
N ASP A 313 -12.02 22.91 -15.95
CA ASP A 313 -11.37 24.20 -16.18
C ASP A 313 -12.33 25.21 -16.85
N ASN A 314 -13.25 24.70 -17.66
CA ASN A 314 -14.23 25.52 -18.36
C ASN A 314 -15.28 26.09 -17.42
N GLY A 315 -15.42 25.46 -16.27
CA GLY A 315 -16.43 25.85 -15.31
C GLY A 315 -17.70 25.10 -15.68
N ASP A 316 -17.65 24.39 -16.80
CA ASP A 316 -18.78 23.59 -17.30
C ASP A 316 -19.19 22.53 -16.28
N ALA A 317 -18.21 22.08 -15.50
CA ALA A 317 -18.45 21.09 -14.48
C ALA A 317 -17.71 21.50 -13.23
N ILE A 318 -18.31 21.25 -12.09
CA ILE A 318 -17.68 21.54 -10.82
C ILE A 318 -17.86 20.27 -10.03
N THR A 319 -16.77 19.76 -9.47
CA THR A 319 -16.89 18.53 -8.71
C THR A 319 -17.32 18.82 -7.28
N CYS A 320 -18.05 17.87 -6.71
CA CYS A 320 -18.50 17.97 -5.34
C CYS A 320 -18.25 16.60 -4.74
N ALA A 321 -17.08 16.06 -5.06
CA ALA A 321 -16.64 14.74 -4.60
C ALA A 321 -15.27 14.87 -3.97
N ARG A 322 -15.23 14.92 -2.65
CA ARG A 322 -13.98 15.09 -1.93
C ARG A 322 -14.15 14.57 -0.52
N LYS A 323 -13.05 14.17 0.12
CA LYS A 323 -13.09 13.63 1.48
C LYS A 323 -14.08 12.48 1.58
N ILE A 324 -13.94 11.52 0.67
CA ILE A 324 -14.79 10.34 0.67
C ILE A 324 -13.83 9.16 0.75
N ASP A 325 -14.07 8.27 1.71
CA ASP A 325 -13.21 7.12 1.95
C ASP A 325 -14.09 5.87 2.04
N ILE A 326 -13.70 4.79 1.37
CA ILE A 326 -14.48 3.55 1.37
C ILE A 326 -13.69 2.34 1.86
N ASN A 327 -14.24 1.61 2.81
CA ASN A 327 -13.57 0.44 3.36
C ASN A 327 -14.46 -0.81 3.35
N ASN A 328 -14.19 -1.72 2.42
CA ASN A 328 -14.96 -2.97 2.30
C ASN A 328 -16.41 -2.83 1.86
N LEU A 329 -16.75 -1.78 1.13
CA LEU A 329 -18.13 -1.65 0.69
C LEU A 329 -18.41 -2.73 -0.33
N ASN A 330 -19.48 -3.51 -0.12
CA ASN A 330 -19.88 -4.55 -1.05
C ASN A 330 -21.11 -4.04 -1.79
N LEU A 331 -21.07 -4.06 -3.11
CA LEU A 331 -22.19 -3.59 -3.90
C LEU A 331 -22.64 -4.64 -4.89
N ILE A 332 -23.86 -5.13 -4.75
CA ILE A 332 -24.38 -6.08 -5.70
C ILE A 332 -25.49 -5.35 -6.45
N THR A 333 -25.86 -5.87 -7.60
CA THR A 333 -26.80 -5.21 -8.45
C THR A 333 -27.72 -6.24 -9.09
N ALA A 334 -28.91 -5.84 -9.54
CA ALA A 334 -29.79 -6.79 -10.21
C ALA A 334 -29.19 -7.01 -11.59
N PRO A 335 -29.38 -8.20 -12.18
CA PRO A 335 -28.84 -8.44 -13.53
C PRO A 335 -29.30 -7.34 -14.50
N GLY A 336 -28.45 -6.94 -15.44
CA GLY A 336 -28.86 -5.93 -16.39
C GLY A 336 -28.57 -4.48 -16.02
N VAL A 337 -28.29 -4.20 -14.76
CA VAL A 337 -27.97 -2.84 -14.35
C VAL A 337 -26.72 -2.41 -15.14
N LYS A 338 -26.74 -1.19 -15.67
CA LYS A 338 -25.65 -0.70 -16.50
C LYS A 338 -24.29 -0.49 -15.81
N VAL A 339 -24.28 0.36 -14.78
CA VAL A 339 -23.04 0.68 -14.07
C VAL A 339 -23.11 0.42 -12.57
N GLY A 340 -22.04 -0.11 -12.01
CA GLY A 340 -21.99 -0.34 -10.57
C GLY A 340 -21.66 0.96 -9.86
N VAL A 341 -20.42 1.42 -10.01
CA VAL A 341 -20.00 2.67 -9.36
C VAL A 341 -19.49 3.73 -10.34
N LYS A 342 -19.99 4.96 -10.21
CA LYS A 342 -19.55 6.08 -11.02
C LYS A 342 -18.60 6.93 -10.18
N TRP A 343 -17.30 6.66 -10.28
CA TRP A 343 -16.29 7.38 -9.49
C TRP A 343 -15.85 8.62 -10.27
N ILE A 344 -16.76 9.58 -10.38
CA ILE A 344 -16.50 10.79 -11.15
C ILE A 344 -16.21 12.02 -10.28
N GLY A 345 -15.10 12.70 -10.60
CA GLY A 345 -14.68 13.89 -9.89
C GLY A 345 -14.07 13.64 -8.53
N GLY A 346 -13.85 12.37 -8.17
CA GLY A 346 -13.32 12.02 -6.87
C GLY A 346 -11.82 12.17 -6.69
N ALA A 347 -11.31 13.37 -6.93
CA ALA A 347 -9.88 13.63 -6.76
C ALA A 347 -9.50 13.44 -5.29
N GLY A 348 -8.43 12.69 -5.05
CA GLY A 348 -7.95 12.44 -3.70
C GLY A 348 -8.82 11.51 -2.86
N CYS A 349 -9.90 11.00 -3.44
CA CYS A 349 -10.79 10.09 -2.73
C CYS A 349 -10.17 8.70 -2.76
N THR A 350 -10.42 7.92 -1.71
CA THR A 350 -9.77 6.62 -1.61
C THR A 350 -10.71 5.46 -1.37
N THR A 351 -10.21 4.26 -1.68
CA THR A 351 -11.00 3.07 -1.59
C THR A 351 -10.13 1.84 -1.17
N LYS A 352 -10.66 0.99 -0.30
CA LYS A 352 -9.96 -0.22 0.12
C LYS A 352 -10.98 -1.34 0.24
N GLY A 353 -10.81 -2.41 -0.51
CA GLY A 353 -11.72 -3.54 -0.44
C GLY A 353 -13.11 -3.30 -1.01
N LEU A 354 -13.26 -2.29 -1.87
CA LEU A 354 -14.53 -2.08 -2.55
C LEU A 354 -14.74 -3.35 -3.37
N SER A 355 -15.90 -3.97 -3.19
CA SER A 355 -16.18 -5.23 -3.88
C SER A 355 -17.51 -5.13 -4.62
N ILE A 356 -17.45 -5.21 -5.95
CA ILE A 356 -18.63 -5.10 -6.80
C ILE A 356 -19.05 -6.42 -7.45
N GLY A 357 -20.33 -6.76 -7.31
CA GLY A 357 -20.88 -7.96 -7.91
C GLY A 357 -20.93 -9.20 -7.05
N GLU A 358 -21.91 -10.05 -7.35
CA GLU A 358 -22.13 -11.29 -6.64
C GLU A 358 -21.92 -12.51 -7.55
N ASN A 359 -21.26 -13.53 -7.03
CA ASN A 359 -21.04 -14.77 -7.75
C ASN A 359 -22.29 -15.65 -7.55
N THR A 360 -23.43 -15.15 -8.02
CA THR A 360 -24.72 -15.82 -7.82
C THR A 360 -24.79 -17.29 -8.25
N GLY A 361 -24.28 -17.58 -9.44
CA GLY A 361 -24.29 -18.93 -9.95
C GLY A 361 -23.67 -18.99 -11.33
N SER A 362 -23.60 -20.20 -11.88
CA SER A 362 -23.02 -20.45 -13.19
C SER A 362 -23.51 -19.59 -14.35
N ASP A 363 -24.81 -19.31 -14.42
CA ASP A 363 -25.34 -18.50 -15.50
C ASP A 363 -25.12 -17.02 -15.22
N ILE A 364 -24.27 -16.39 -16.02
CA ILE A 364 -23.94 -14.98 -15.82
C ILE A 364 -25.09 -14.02 -16.12
N THR A 365 -25.99 -14.41 -17.00
CA THR A 365 -27.11 -13.54 -17.37
C THR A 365 -28.12 -13.32 -16.23
N THR A 366 -28.01 -14.14 -15.19
CA THR A 366 -28.90 -14.03 -14.04
C THR A 366 -28.12 -13.66 -12.77
N ALA A 367 -26.81 -13.50 -12.90
CA ALA A 367 -25.97 -13.13 -11.76
C ALA A 367 -26.24 -11.70 -11.31
N ARG A 368 -26.09 -11.47 -10.01
CA ARG A 368 -26.34 -10.14 -9.45
C ARG A 368 -25.08 -9.24 -9.50
N LEU A 369 -24.70 -8.85 -10.71
CA LEU A 369 -23.53 -8.03 -10.94
C LEU A 369 -23.87 -7.11 -12.11
N PRO A 370 -23.17 -5.98 -12.23
CA PRO A 370 -23.48 -5.04 -13.31
C PRO A 370 -22.75 -5.29 -14.62
N ARG A 371 -23.23 -4.68 -15.70
CA ARG A 371 -22.59 -4.85 -16.99
C ARG A 371 -21.21 -4.19 -16.97
N VAL A 372 -21.15 -2.99 -16.39
CA VAL A 372 -19.92 -2.21 -16.24
C VAL A 372 -19.71 -2.01 -14.74
N GLY A 373 -18.60 -2.52 -14.20
CA GLY A 373 -18.34 -2.41 -12.78
C GLY A 373 -18.11 -0.99 -12.27
N LEU A 374 -17.08 -0.33 -12.80
CA LEU A 374 -16.74 0.99 -12.35
C LEU A 374 -16.31 1.86 -13.51
N LEU A 375 -16.75 3.11 -13.49
CA LEU A 375 -16.43 4.10 -14.51
C LEU A 375 -15.84 5.32 -13.79
N GLN A 376 -14.61 5.69 -14.14
CA GLN A 376 -13.93 6.80 -13.45
C GLN A 376 -13.29 7.87 -14.32
N SER A 377 -13.47 9.14 -13.92
CA SER A 377 -12.88 10.27 -14.62
C SER A 377 -12.69 11.41 -13.62
N ALA A 378 -11.84 12.37 -14.00
CA ALA A 378 -11.55 13.54 -13.19
C ALA A 378 -11.20 13.15 -11.75
N SER A 379 -10.50 12.04 -11.58
CA SER A 379 -10.16 11.59 -10.24
C SER A 379 -8.66 11.50 -9.99
N TRP A 380 -7.94 12.59 -10.24
CA TRP A 380 -6.51 12.56 -10.01
C TRP A 380 -6.23 12.35 -8.52
N GLY A 381 -5.16 11.61 -8.22
CA GLY A 381 -4.80 11.36 -6.85
C GLY A 381 -5.67 10.37 -6.09
N SER A 382 -6.59 9.69 -6.76
CA SER A 382 -7.44 8.72 -6.08
C SER A 382 -6.71 7.38 -6.05
N ILE A 383 -6.90 6.63 -4.98
CA ILE A 383 -6.27 5.33 -4.82
C ILE A 383 -7.30 4.24 -4.58
N HIS A 384 -7.27 3.18 -5.39
CA HIS A 384 -8.18 2.05 -5.18
C HIS A 384 -7.33 0.88 -4.72
N GLU A 385 -7.36 0.59 -3.43
CA GLU A 385 -6.58 -0.51 -2.88
C GLU A 385 -7.40 -1.79 -2.84
N ASN A 386 -6.88 -2.84 -3.47
CA ASN A 386 -7.50 -4.14 -3.49
C ASN A 386 -8.99 -4.12 -3.89
N LEU A 387 -9.25 -3.53 -5.05
CA LEU A 387 -10.57 -3.44 -5.65
C LEU A 387 -10.98 -4.78 -6.28
N ARG A 388 -12.18 -5.26 -5.96
CA ARG A 388 -12.66 -6.54 -6.50
C ARG A 388 -13.91 -6.34 -7.32
N ILE A 389 -13.87 -6.79 -8.57
CA ILE A 389 -15.00 -6.63 -9.46
C ILE A 389 -15.40 -7.90 -10.20
N LEU A 390 -16.69 -8.20 -10.17
CA LEU A 390 -17.28 -9.31 -10.89
C LEU A 390 -18.18 -8.59 -11.87
N TYR A 391 -17.86 -8.68 -13.16
CA TYR A 391 -18.62 -7.98 -14.18
C TYR A 391 -19.14 -8.89 -15.30
N LYS A 392 -19.91 -8.30 -16.22
CA LYS A 392 -20.47 -9.05 -17.35
C LYS A 392 -19.99 -8.51 -18.69
N THR A 393 -19.87 -7.19 -18.80
CA THR A 393 -19.44 -6.56 -20.04
C THR A 393 -18.08 -5.84 -19.91
N GLN A 394 -17.95 -4.98 -18.90
CA GLN A 394 -16.71 -4.26 -18.66
C GLN A 394 -16.46 -4.19 -17.16
N GLY A 395 -15.22 -4.47 -16.75
CA GLY A 395 -14.85 -4.41 -15.34
C GLY A 395 -14.75 -2.97 -14.86
N ALA A 396 -13.62 -2.33 -15.18
CA ALA A 396 -13.40 -0.94 -14.79
C ALA A 396 -13.05 -0.11 -16.02
N VAL A 397 -13.47 1.15 -16.03
CA VAL A 397 -13.22 2.07 -17.13
C VAL A 397 -12.66 3.38 -16.58
N PHE A 398 -11.52 3.80 -17.13
CA PHE A 398 -10.87 5.04 -16.70
C PHE A 398 -10.70 5.99 -17.88
N ILE A 399 -11.29 7.18 -17.76
CA ILE A 399 -11.27 8.13 -18.87
C ILE A 399 -10.83 9.53 -18.48
N ASP A 400 -10.10 10.19 -19.37
CA ASP A 400 -9.65 11.57 -19.17
C ASP A 400 -8.74 11.73 -17.95
N SER A 401 -8.76 12.92 -17.37
CA SER A 401 -7.88 13.22 -16.24
C SER A 401 -7.97 12.29 -15.03
N ASN A 402 -6.85 11.62 -14.75
CA ASN A 402 -6.72 10.72 -13.61
C ASN A 402 -5.25 10.71 -13.17
N GLY A 403 -4.59 11.84 -13.32
CA GLY A 403 -3.18 11.96 -12.98
C GLY A 403 -2.80 11.46 -11.60
N GLY A 404 -1.80 10.58 -11.54
CA GLY A 404 -1.32 10.04 -10.27
C GLY A 404 -2.24 9.04 -9.59
N ALA A 405 -3.38 8.73 -10.21
CA ALA A 405 -4.31 7.76 -9.62
C ALA A 405 -3.71 6.36 -9.68
N ALA A 406 -4.03 5.54 -8.67
CA ALA A 406 -3.49 4.18 -8.64
C ALA A 406 -4.54 3.15 -8.29
N VAL A 407 -4.39 1.98 -8.92
CA VAL A 407 -5.28 0.84 -8.71
C VAL A 407 -4.34 -0.32 -8.37
N ASN A 408 -4.25 -0.64 -7.09
CA ASN A 408 -3.34 -1.68 -6.62
C ASN A 408 -4.03 -2.97 -6.22
N ASN A 409 -3.42 -4.09 -6.64
CA ASN A 409 -3.94 -5.41 -6.33
C ASN A 409 -5.44 -5.56 -6.65
N ALA A 410 -5.86 -5.02 -7.78
CA ALA A 410 -7.25 -5.17 -8.21
C ALA A 410 -7.46 -6.62 -8.59
N TYR A 411 -8.66 -7.14 -8.35
CA TYR A 411 -9.03 -8.51 -8.69
C TYR A 411 -10.31 -8.37 -9.49
N ILE A 412 -10.14 -8.33 -10.81
CA ILE A 412 -11.24 -8.10 -11.75
C ILE A 412 -11.46 -9.33 -12.61
N SER A 413 -12.70 -9.80 -12.65
CA SER A 413 -12.99 -11.00 -13.43
C SER A 413 -14.42 -11.05 -13.96
N ARG A 414 -14.59 -11.58 -15.17
CA ARG A 414 -15.95 -11.73 -15.67
C ARG A 414 -16.43 -12.99 -14.98
N LEU A 415 -17.73 -13.13 -14.76
CA LEU A 415 -18.22 -14.33 -14.12
C LEU A 415 -18.25 -15.43 -15.19
N GLY A 416 -17.10 -16.06 -15.40
CA GLY A 416 -16.96 -17.09 -16.42
C GLY A 416 -16.76 -16.42 -17.78
N ASN A 417 -16.26 -17.18 -18.76
CA ASN A 417 -16.05 -16.61 -20.09
C ASN A 417 -17.08 -17.05 -21.16
N THR A 418 -18.16 -17.68 -20.72
CA THR A 418 -19.24 -18.13 -21.60
C THR A 418 -19.90 -16.95 -22.30
N ASN A 419 -19.77 -16.89 -23.62
CA ASN A 419 -20.32 -15.81 -24.43
C ASN A 419 -19.67 -14.44 -24.19
N GLY A 420 -18.51 -14.47 -23.54
CA GLY A 420 -17.78 -13.24 -23.26
C GLY A 420 -17.39 -12.58 -24.57
N GLU A 421 -17.03 -13.39 -25.57
CA GLU A 421 -16.61 -12.85 -26.87
C GLU A 421 -17.73 -12.07 -27.56
N LEU A 422 -18.97 -12.26 -27.14
CA LEU A 422 -20.09 -11.54 -27.75
C LEU A 422 -20.40 -10.22 -27.05
N GLU A 423 -19.82 -9.99 -25.87
CA GLU A 423 -20.04 -8.76 -25.13
C GLU A 423 -19.53 -7.53 -25.87
N GLN A 424 -20.37 -6.51 -26.02
CA GLN A 424 -19.96 -5.28 -26.70
C GLN A 424 -19.64 -4.16 -25.69
N ALA A 425 -18.39 -3.71 -25.68
CA ALA A 425 -17.95 -2.67 -24.74
C ALA A 425 -18.82 -1.42 -24.83
N VAL A 426 -19.21 -0.89 -23.65
CA VAL A 426 -20.08 0.28 -23.57
C VAL A 426 -19.37 1.65 -23.58
N TYR A 427 -18.33 1.77 -22.77
CA TYR A 427 -17.54 3.01 -22.69
C TYR A 427 -16.14 2.69 -23.16
N LYS A 428 -15.79 3.17 -24.35
CA LYS A 428 -14.49 2.85 -24.94
C LYS A 428 -14.02 3.89 -25.96
N PRO A 429 -12.73 3.85 -26.34
CA PRO A 429 -12.23 4.81 -27.33
C PRO A 429 -12.76 4.46 -28.73
N ALA A 430 -12.90 5.45 -29.59
CA ALA A 430 -13.42 5.21 -30.95
C ALA A 430 -12.57 4.19 -31.71
N GLY A 431 -11.27 4.21 -31.47
CA GLY A 431 -10.36 3.30 -32.13
C GLY A 431 -10.54 1.84 -31.79
N PHE A 432 -11.31 1.54 -30.76
CA PHE A 432 -11.54 0.15 -30.38
C PHE A 432 -12.92 -0.29 -30.87
N THR A 433 -12.92 -1.05 -31.97
CA THR A 433 -14.16 -1.50 -32.58
C THR A 433 -14.42 -3.00 -32.46
N GLU A 434 -13.54 -3.71 -31.76
CA GLU A 434 -13.67 -5.15 -31.58
C GLU A 434 -14.80 -5.50 -30.62
N VAL A 435 -15.32 -6.71 -30.78
CA VAL A 435 -16.37 -7.24 -29.93
C VAL A 435 -15.73 -8.17 -28.92
N GLY A 436 -16.20 -8.15 -27.67
CA GLY A 436 -15.66 -8.99 -26.60
C GLY A 436 -15.61 -8.20 -25.30
N ASP A 437 -15.75 -8.87 -24.17
CA ASP A 437 -15.73 -8.19 -22.86
C ASP A 437 -14.33 -7.64 -22.57
N VAL A 438 -14.27 -6.53 -21.83
CA VAL A 438 -12.98 -5.91 -21.52
C VAL A 438 -12.83 -5.70 -20.01
N ALA A 439 -11.83 -6.31 -19.40
CA ALA A 439 -11.66 -6.14 -17.96
C ALA A 439 -11.34 -4.71 -17.57
N VAL A 440 -10.33 -4.14 -18.22
CA VAL A 440 -9.90 -2.77 -17.92
C VAL A 440 -9.77 -1.97 -19.21
N THR A 441 -10.45 -0.83 -19.26
CA THR A 441 -10.44 0.05 -20.42
C THR A 441 -9.92 1.42 -20.00
N GLN A 442 -9.07 2.03 -20.81
CA GLN A 442 -8.55 3.34 -20.46
C GLN A 442 -8.34 4.21 -21.69
N PHE A 443 -8.81 5.45 -21.66
CA PHE A 443 -8.58 6.32 -22.82
C PHE A 443 -8.68 7.82 -22.54
N ALA A 444 -8.49 8.59 -23.61
CA ALA A 444 -8.55 10.07 -23.59
C ALA A 444 -7.50 10.75 -22.71
N GLY A 445 -6.40 10.07 -22.43
CA GLY A 445 -5.35 10.68 -21.63
C GLY A 445 -5.27 10.23 -20.19
N SER A 446 -6.11 9.28 -19.81
CA SER A 446 -6.07 8.73 -18.46
C SER A 446 -4.81 7.89 -18.38
N GLU A 447 -4.02 8.08 -17.32
CA GLU A 447 -2.79 7.31 -17.14
C GLU A 447 -2.73 6.72 -15.73
N VAL A 448 -3.64 5.82 -15.45
CA VAL A 448 -3.72 5.18 -14.14
C VAL A 448 -2.65 4.10 -13.98
N LYS A 449 -2.01 4.07 -12.82
CA LYS A 449 -1.01 3.03 -12.58
C LYS A 449 -1.69 1.74 -12.09
N PHE A 450 -1.47 0.64 -12.81
CA PHE A 450 -2.07 -0.63 -12.40
C PHE A 450 -0.99 -1.54 -11.83
N ASN A 451 -1.03 -1.74 -10.51
CA ASN A 451 -0.03 -2.56 -9.86
C ASN A 451 -0.57 -3.89 -9.41
N SER A 452 0.05 -4.95 -9.93
CA SER A 452 -0.30 -6.33 -9.63
C SER A 452 -1.79 -6.68 -9.75
N PRO A 453 -2.41 -6.34 -10.89
CA PRO A 453 -3.81 -6.71 -10.97
C PRO A 453 -3.92 -8.18 -11.34
N ILE A 454 -5.02 -8.79 -10.93
CA ILE A 454 -5.31 -10.17 -11.26
C ILE A 454 -6.53 -10.04 -12.15
N ILE A 455 -6.40 -10.44 -13.41
CA ILE A 455 -7.50 -10.34 -14.38
C ILE A 455 -7.90 -11.74 -14.86
N GLU A 456 -9.17 -12.09 -14.71
CA GLU A 456 -9.59 -13.42 -15.12
C GLU A 456 -10.79 -13.45 -16.05
N GLN A 457 -10.84 -14.50 -16.87
CA GLN A 457 -11.92 -14.77 -17.80
C GLN A 457 -12.29 -13.65 -18.77
N ALA A 458 -11.33 -12.84 -19.15
CA ALA A 458 -11.63 -11.72 -20.05
C ALA A 458 -11.23 -11.96 -21.51
N SER A 459 -12.04 -11.46 -22.44
CA SER A 459 -11.70 -11.57 -23.85
C SER A 459 -10.48 -10.66 -24.07
N PHE A 460 -10.60 -9.45 -23.54
CA PHE A 460 -9.55 -8.43 -23.59
C PHE A 460 -9.23 -8.04 -22.16
N ASP A 461 -8.00 -8.27 -21.72
CA ASP A 461 -7.66 -7.89 -20.36
C ASP A 461 -7.59 -6.38 -20.26
N PHE A 462 -6.86 -5.77 -21.18
CA PHE A 462 -6.69 -4.33 -21.19
C PHE A 462 -6.89 -3.69 -22.56
N VAL A 463 -7.65 -2.61 -22.60
CA VAL A 463 -7.81 -1.84 -23.83
C VAL A 463 -7.40 -0.44 -23.43
N HIS A 464 -6.36 0.08 -24.06
CA HIS A 464 -5.86 1.40 -23.72
C HIS A 464 -5.55 2.21 -24.96
N ALA A 465 -6.02 3.45 -24.98
CA ALA A 465 -5.77 4.35 -26.07
C ALA A 465 -5.17 5.62 -25.52
N GLY A 466 -4.11 6.11 -26.16
CA GLY A 466 -3.48 7.35 -25.74
C GLY A 466 -4.37 8.49 -26.24
N ARG A 467 -4.10 9.69 -25.74
CA ARG A 467 -4.86 10.89 -26.12
C ARG A 467 -4.75 11.07 -27.63
N ASP A 468 -5.87 11.33 -28.29
CA ASP A 468 -5.92 11.49 -29.74
C ASP A 468 -4.90 12.46 -30.34
N THR A 469 -4.77 13.63 -29.72
CA THR A 469 -3.88 14.67 -30.24
C THR A 469 -2.37 14.41 -30.15
N ASP A 470 -1.89 13.89 -29.03
CA ASP A 470 -0.45 13.73 -28.87
C ASP A 470 0.01 12.40 -28.29
N SER A 471 -0.86 11.40 -28.29
CA SER A 471 -0.54 10.07 -27.78
C SER A 471 -0.13 10.07 -26.30
N TYR A 472 -0.55 11.10 -25.58
CA TYR A 472 -0.24 11.21 -24.16
C TYR A 472 -1.03 10.18 -23.32
N GLY A 473 -0.43 9.70 -22.24
CA GLY A 473 -1.09 8.74 -21.38
C GLY A 473 -0.45 7.38 -21.49
N LEU A 474 0.56 7.15 -20.65
CA LEU A 474 1.30 5.90 -20.63
C LEU A 474 0.50 4.75 -20.03
N PHE A 475 0.50 3.61 -20.72
CA PHE A 475 -0.18 2.43 -20.22
C PHE A 475 0.82 1.75 -19.28
N MET A 476 0.52 1.75 -17.99
CA MET A 476 1.42 1.19 -16.98
C MET A 476 0.82 0.03 -16.21
N VAL A 477 1.36 -1.17 -16.42
CA VAL A 477 0.90 -2.35 -15.72
C VAL A 477 2.08 -3.14 -15.17
N ASP A 478 2.12 -3.27 -13.85
CA ASP A 478 3.21 -4.00 -13.23
C ASP A 478 2.78 -5.39 -12.74
N LYS A 479 3.35 -6.42 -13.36
CA LYS A 479 3.09 -7.81 -13.00
C LYS A 479 1.62 -8.26 -12.94
N PRO A 480 0.92 -8.24 -14.08
CA PRO A 480 -0.47 -8.68 -14.12
C PRO A 480 -0.55 -10.20 -14.11
N HIS A 481 -1.47 -10.73 -13.30
CA HIS A 481 -1.68 -12.16 -13.18
C HIS A 481 -2.93 -12.43 -14.02
N ILE A 482 -2.70 -12.78 -15.28
CA ILE A 482 -3.79 -13.03 -16.22
C ILE A 482 -4.08 -14.50 -16.43
N GLU A 483 -5.34 -14.89 -16.24
CA GLU A 483 -5.78 -16.27 -16.41
C GLU A 483 -7.15 -16.29 -17.05
N SER A 484 -7.43 -17.35 -17.80
CA SER A 484 -8.73 -17.50 -18.47
C SER A 484 -9.00 -18.99 -18.76
N SER A 485 -10.08 -19.52 -18.19
CA SER A 485 -10.49 -20.92 -18.35
C SER A 485 -10.54 -21.39 -19.80
N GLY A 486 -9.92 -22.53 -20.06
CA GLY A 486 -9.88 -23.12 -21.39
C GLY A 486 -9.13 -22.27 -22.39
N GLY A 487 -8.25 -21.42 -21.88
CA GLY A 487 -7.44 -20.54 -22.71
C GLY A 487 -8.19 -19.61 -23.66
N LYS A 488 -9.42 -19.25 -23.34
CA LYS A 488 -10.17 -18.37 -24.23
C LYS A 488 -9.77 -16.91 -24.02
N LYS A 489 -9.33 -16.26 -25.09
CA LYS A 489 -8.89 -14.89 -25.01
C LYS A 489 -8.63 -14.33 -26.42
N LYS A 490 -8.78 -13.01 -26.57
CA LYS A 490 -8.50 -12.38 -27.83
C LYS A 490 -7.14 -11.67 -27.73
N HIS A 491 -7.04 -10.72 -26.81
CA HIS A 491 -5.80 -10.00 -26.58
C HIS A 491 -5.66 -9.64 -25.10
N SER A 492 -4.43 -9.48 -24.62
CA SER A 492 -4.21 -9.09 -23.23
C SER A 492 -4.04 -7.60 -23.17
N PHE A 493 -3.26 -7.08 -24.12
CA PHE A 493 -3.01 -5.65 -24.20
C PHE A 493 -3.32 -5.15 -25.61
N TYR A 494 -4.45 -4.47 -25.73
CA TYR A 494 -4.87 -3.91 -27.01
C TYR A 494 -4.53 -2.44 -26.88
N LEU A 495 -3.41 -2.05 -27.49
CA LEU A 495 -2.88 -0.69 -27.38
C LEU A 495 -3.03 0.18 -28.62
N ILE A 496 -3.75 1.27 -28.45
CA ILE A 496 -4.05 2.21 -29.53
C ILE A 496 -3.35 3.55 -29.36
N ASN A 497 -2.56 3.95 -30.36
CA ASN A 497 -1.89 5.25 -30.36
C ASN A 497 -1.30 5.58 -29.00
N THR A 498 -0.41 4.71 -28.51
CA THR A 498 0.12 4.88 -27.17
C THR A 498 1.44 4.18 -26.97
N SER A 499 2.06 4.54 -25.85
CA SER A 499 3.31 3.96 -25.37
C SER A 499 2.90 3.16 -24.15
N SER A 500 3.81 2.35 -23.64
CA SER A 500 3.53 1.54 -22.48
C SER A 500 4.79 0.98 -21.86
N ASN A 501 4.65 0.63 -20.58
CA ASN A 501 5.70 -0.03 -19.81
C ASN A 501 5.02 -1.17 -19.04
N VAL A 502 5.26 -2.40 -19.50
CA VAL A 502 4.66 -3.57 -18.88
C VAL A 502 5.73 -4.53 -18.35
N THR A 503 5.57 -4.98 -17.10
CA THR A 503 6.50 -5.95 -16.54
C THR A 503 5.72 -7.25 -16.37
N LEU A 504 6.16 -8.29 -17.08
CA LEU A 504 5.48 -9.58 -17.03
C LEU A 504 5.99 -10.42 -15.87
N SER A 505 5.11 -11.19 -15.24
CA SER A 505 5.49 -12.01 -14.09
C SER A 505 5.51 -13.51 -14.36
N GLY A 506 5.56 -13.91 -15.63
CA GLY A 506 5.61 -15.33 -15.95
C GLY A 506 4.24 -15.97 -16.01
N VAL A 507 3.22 -15.12 -15.93
CA VAL A 507 1.83 -15.58 -15.97
C VAL A 507 1.15 -14.97 -17.19
N GLY A 508 0.46 -15.79 -17.97
CA GLY A 508 -0.24 -15.30 -19.14
C GLY A 508 -0.53 -16.40 -20.16
N LEU A 509 -1.11 -16.02 -21.29
CA LEU A 509 -1.47 -16.94 -22.36
C LEU A 509 -1.99 -16.15 -23.56
N SER A 510 -2.13 -16.82 -24.70
CA SER A 510 -2.75 -16.19 -25.87
C SER A 510 -3.87 -17.14 -26.30
N GLY A 511 -4.91 -16.59 -26.93
CA GLY A 511 -6.09 -17.34 -27.33
C GLY A 511 -5.95 -18.56 -28.21
N GLN A 512 -7.07 -19.22 -28.45
CA GLN A 512 -7.11 -20.44 -29.26
C GLN A 512 -7.03 -20.20 -30.77
N ASP A 513 -7.33 -18.98 -31.21
CA ASP A 513 -7.24 -18.66 -32.63
C ASP A 513 -5.77 -18.59 -33.05
N PRO A 514 -5.33 -19.50 -33.93
CA PRO A 514 -3.95 -19.61 -34.40
C PRO A 514 -3.45 -18.43 -35.22
N ASP A 515 -4.34 -17.60 -35.74
CA ASP A 515 -3.92 -16.47 -36.54
C ASP A 515 -4.14 -15.12 -35.87
N LEU A 516 -5.34 -14.93 -35.33
CA LEU A 516 -5.73 -13.65 -34.74
C LEU A 516 -5.37 -13.32 -33.29
N ASP A 517 -5.34 -14.33 -32.44
CA ASP A 517 -5.08 -14.10 -31.02
C ASP A 517 -3.60 -13.87 -30.68
N SER A 518 -3.35 -12.84 -29.87
CA SER A 518 -1.98 -12.54 -29.43
C SER A 518 -2.01 -11.72 -28.17
N MET A 519 -0.94 -11.83 -27.39
CA MET A 519 -0.81 -11.12 -26.12
C MET A 519 -0.98 -9.63 -26.32
N TYR A 520 -0.26 -9.11 -27.31
CA TYR A 520 -0.32 -7.69 -27.63
C TYR A 520 -0.91 -7.43 -28.99
N PHE A 521 -1.62 -6.30 -29.11
CA PHE A 521 -2.11 -5.82 -30.38
C PHE A 521 -1.85 -4.33 -30.39
N LEU A 522 -1.00 -3.88 -31.30
CA LEU A 522 -0.63 -2.48 -31.36
C LEU A 522 -1.33 -1.81 -32.53
N LYS A 523 -2.38 -1.07 -32.24
CA LYS A 523 -3.12 -0.40 -33.27
C LYS A 523 -2.69 1.05 -33.44
N ASN A 524 -2.13 1.33 -34.60
CA ASN A 524 -1.70 2.68 -34.96
C ASN A 524 -0.88 3.43 -33.91
N CYS A 525 0.14 2.77 -33.37
CA CYS A 525 1.01 3.44 -32.41
C CYS A 525 2.00 4.32 -33.18
N PRO A 526 2.18 5.57 -32.74
CA PRO A 526 3.04 6.48 -33.49
C PRO A 526 4.52 6.09 -33.48
N GLU A 527 5.25 6.62 -34.46
CA GLU A 527 6.66 6.34 -34.61
C GLU A 527 7.48 6.63 -33.36
N THR A 528 7.06 7.65 -32.61
CA THR A 528 7.75 8.07 -31.38
C THR A 528 7.40 7.23 -30.15
N ALA A 529 6.38 6.39 -30.25
CA ALA A 529 5.97 5.57 -29.11
C ALA A 529 6.83 4.33 -28.92
N ARG A 530 6.84 3.83 -27.68
CA ARG A 530 7.56 2.61 -27.34
C ARG A 530 6.68 1.80 -26.41
N ASN A 531 6.51 0.52 -26.72
CA ASN A 531 5.73 -0.40 -25.92
C ASN A 531 6.73 -1.41 -25.34
N VAL A 532 7.25 -1.05 -24.17
CA VAL A 532 8.29 -1.81 -23.51
C VAL A 532 7.84 -3.00 -22.68
N VAL A 533 8.44 -4.14 -22.96
CA VAL A 533 8.12 -5.39 -22.27
C VAL A 533 9.32 -5.86 -21.47
N ARG A 534 9.09 -6.05 -20.18
CA ARG A 534 10.13 -6.54 -19.28
C ARG A 534 9.54 -7.71 -18.54
N GLY A 535 10.37 -8.40 -17.76
CA GLY A 535 9.91 -9.53 -16.98
C GLY A 535 10.02 -10.89 -17.65
N GLN A 536 9.17 -11.80 -17.21
CA GLN A 536 9.19 -13.17 -17.70
C GLN A 536 7.98 -13.54 -18.54
N MET A 537 8.23 -14.12 -19.71
CA MET A 537 7.18 -14.55 -20.60
C MET A 537 6.47 -15.75 -19.96
N PRO A 538 5.22 -16.01 -20.36
CA PRO A 538 4.52 -17.16 -19.78
C PRO A 538 5.25 -18.47 -20.10
N ILE A 539 5.03 -19.49 -19.28
CA ILE A 539 5.70 -20.76 -19.49
C ILE A 539 5.29 -21.42 -20.82
N SER A 540 3.97 -21.49 -21.05
CA SER A 540 3.43 -22.07 -22.25
C SER A 540 3.60 -21.13 -23.41
N GLY A 541 3.75 -21.67 -24.61
CA GLY A 541 3.96 -20.85 -25.78
C GLY A 541 2.79 -19.92 -26.04
N VAL A 542 3.10 -18.69 -26.46
CA VAL A 542 2.08 -17.73 -26.81
C VAL A 542 2.48 -17.03 -28.09
N LYS A 543 1.54 -16.34 -28.72
CA LYS A 543 1.85 -15.54 -29.88
C LYS A 543 1.98 -14.14 -29.27
N LEU A 544 3.16 -13.54 -29.42
CA LEU A 544 3.46 -12.26 -28.80
C LEU A 544 2.74 -11.02 -29.31
N VAL A 545 2.84 -10.76 -30.61
CA VAL A 545 2.30 -9.50 -31.12
C VAL A 545 1.74 -9.50 -32.53
N ARG A 546 0.73 -8.65 -32.72
CA ARG A 546 0.07 -8.38 -33.99
C ARG A 546 -0.22 -6.87 -33.96
N GLY A 547 -0.52 -6.27 -35.09
CA GLY A 547 -0.86 -4.87 -35.09
C GLY A 547 -1.30 -4.28 -36.41
N THR A 548 -1.52 -2.98 -36.41
CA THR A 548 -1.90 -2.20 -37.58
C THR A 548 -1.08 -0.93 -37.47
N GLY A 549 -0.72 -0.35 -38.60
CA GLY A 549 0.09 0.86 -38.57
C GLY A 549 1.43 0.64 -39.23
N ASN A 550 2.10 1.75 -39.54
CA ASN A 550 3.37 1.68 -40.25
C ASN A 550 4.63 1.73 -39.38
N TYR A 551 4.48 1.78 -38.06
CA TYR A 551 5.67 1.87 -37.21
C TYR A 551 5.80 0.82 -36.10
N PRO A 552 6.96 0.16 -36.02
CA PRO A 552 7.20 -0.81 -34.95
C PRO A 552 7.42 -0.05 -33.65
N THR A 553 6.91 -0.56 -32.52
CA THR A 553 7.10 0.12 -31.25
C THR A 553 7.41 -0.84 -30.10
N LEU A 554 7.19 -2.14 -30.32
CA LEU A 554 7.44 -3.10 -29.25
C LEU A 554 8.93 -3.25 -28.97
N VAL A 555 9.29 -3.22 -27.69
CA VAL A 555 10.68 -3.33 -27.25
C VAL A 555 10.84 -4.45 -26.24
N LEU A 556 11.79 -5.37 -26.48
CA LEU A 556 12.05 -6.44 -25.54
C LEU A 556 13.26 -5.99 -24.75
N ASP A 557 12.99 -5.56 -23.53
CA ASP A 557 14.03 -5.07 -22.63
C ASP A 557 14.44 -6.15 -21.63
N CYS A 558 15.45 -6.93 -22.02
CA CYS A 558 15.97 -8.04 -21.22
C CYS A 558 14.89 -9.05 -20.85
N THR A 559 13.85 -9.11 -21.67
CA THR A 559 12.75 -10.03 -21.42
C THR A 559 13.24 -11.46 -21.34
N ASN A 560 12.74 -12.17 -20.34
CA ASN A 560 13.07 -13.56 -20.13
C ASN A 560 12.09 -14.33 -21.00
N MET A 561 12.56 -14.80 -22.15
CA MET A 561 11.72 -15.48 -23.12
C MET A 561 11.47 -16.95 -22.82
N GLY A 562 12.15 -17.49 -21.81
CA GLY A 562 12.01 -18.89 -21.45
C GLY A 562 12.16 -19.77 -22.68
N SER A 563 11.15 -20.59 -22.93
CA SER A 563 11.20 -21.48 -24.09
C SER A 563 10.23 -21.06 -25.19
N GLN A 564 9.97 -19.75 -25.28
CA GLN A 564 9.05 -19.22 -26.28
C GLN A 564 9.53 -19.38 -27.73
N PHE A 565 10.83 -19.35 -27.97
CA PHE A 565 11.33 -19.52 -29.33
C PHE A 565 10.95 -20.92 -29.83
N GLN A 566 11.02 -21.90 -28.93
CA GLN A 566 10.69 -23.29 -29.25
C GLN A 566 9.18 -23.60 -29.24
N PHE A 567 8.41 -23.00 -28.33
CA PHE A 567 6.98 -23.32 -28.25
C PHE A 567 5.99 -22.19 -28.59
N GLY A 568 6.44 -20.95 -28.61
CA GLY A 568 5.54 -19.84 -28.88
C GLY A 568 5.72 -19.29 -30.28
N GLU A 569 5.26 -18.06 -30.51
CA GLU A 569 5.37 -17.41 -31.81
C GLU A 569 5.51 -15.91 -31.61
N VAL A 570 6.23 -15.21 -32.47
CA VAL A 570 6.30 -13.77 -32.32
C VAL A 570 4.99 -13.20 -32.87
N GLY A 571 4.48 -13.85 -33.91
CA GLY A 571 3.28 -13.36 -34.58
C GLY A 571 3.75 -12.51 -35.74
N ASP A 572 3.72 -11.19 -35.56
CA ASP A 572 4.15 -10.26 -36.59
C ASP A 572 5.44 -9.56 -36.24
N ILE A 573 6.56 -10.07 -36.76
CA ILE A 573 7.88 -9.50 -36.49
C ILE A 573 7.99 -8.03 -36.84
N PHE A 574 7.16 -7.55 -37.75
CA PHE A 574 7.23 -6.16 -38.17
C PHE A 574 7.12 -5.16 -37.03
N TYR A 575 6.26 -5.44 -36.06
CA TYR A 575 6.03 -4.51 -34.95
C TYR A 575 7.08 -4.43 -33.84
N ILE A 576 8.09 -5.27 -33.89
CA ILE A 576 9.14 -5.20 -32.88
C ILE A 576 10.15 -4.13 -33.30
N LYS A 577 10.32 -3.13 -32.43
CA LYS A 577 11.22 -2.02 -32.71
C LYS A 577 12.67 -2.32 -32.36
N ASP A 578 12.90 -2.87 -31.17
CA ASP A 578 14.25 -3.20 -30.79
C ASP A 578 14.29 -4.22 -29.66
N VAL A 579 15.43 -4.86 -29.52
CA VAL A 579 15.63 -5.90 -28.54
C VAL A 579 16.91 -5.66 -27.77
N VAL A 580 16.83 -5.77 -26.45
CA VAL A 580 17.98 -5.60 -25.58
C VAL A 580 18.14 -6.84 -24.67
N GLY A 581 19.34 -7.41 -24.64
CA GLY A 581 19.62 -8.54 -23.77
C GLY A 581 18.95 -9.87 -24.10
N VAL A 582 18.62 -10.08 -25.36
CA VAL A 582 18.01 -11.34 -25.76
C VAL A 582 18.72 -11.78 -27.03
N LYS A 583 19.45 -12.89 -26.97
CA LYS A 583 20.20 -13.38 -28.13
C LYS A 583 19.89 -14.84 -28.49
N ALA A 584 20.10 -15.17 -29.75
CA ALA A 584 19.94 -16.52 -30.29
C ALA A 584 21.04 -16.70 -31.33
N ASP A 585 21.68 -17.86 -31.35
CA ASP A 585 22.78 -18.12 -32.27
C ASP A 585 22.41 -18.31 -33.72
N THR A 586 21.27 -18.92 -33.97
CA THR A 586 20.87 -19.25 -35.32
C THR A 586 19.42 -19.01 -35.69
N LEU A 587 19.23 -18.56 -36.91
CA LEU A 587 17.93 -18.32 -37.50
C LEU A 587 17.70 -19.44 -38.52
N TYR A 588 16.57 -20.14 -38.40
CA TYR A 588 16.23 -21.25 -39.28
C TYR A 588 15.13 -20.90 -40.28
N ILE A 589 15.39 -21.18 -41.56
CA ILE A 589 14.46 -20.90 -42.64
C ILE A 589 14.07 -22.20 -43.34
N ASP A 590 12.77 -22.38 -43.54
CA ASP A 590 12.25 -23.57 -44.21
C ASP A 590 11.12 -23.17 -45.15
N PRO A 591 11.45 -23.02 -46.45
CA PRO A 591 10.47 -22.61 -47.46
C PRO A 591 9.35 -23.64 -47.65
N VAL A 592 9.54 -24.85 -47.17
CA VAL A 592 8.52 -25.88 -47.32
C VAL A 592 7.61 -26.03 -46.11
N ASN A 593 8.23 -26.20 -44.94
CA ASN A 593 7.50 -26.42 -43.70
C ASN A 593 7.49 -25.24 -42.70
N GLY A 594 8.13 -24.14 -43.06
CA GLY A 594 8.19 -22.99 -42.17
C GLY A 594 6.92 -22.21 -41.97
N ASN A 595 6.87 -21.45 -40.87
CA ASN A 595 5.73 -20.63 -40.53
C ASN A 595 6.20 -19.25 -40.16
N ASN A 596 5.75 -18.24 -40.90
CA ASN A 596 6.18 -16.88 -40.61
C ASN A 596 5.79 -16.34 -39.22
N TYR A 597 4.88 -17.03 -38.55
CA TYR A 597 4.46 -16.63 -37.20
C TYR A 597 5.56 -16.96 -36.20
N ASN A 598 6.41 -17.90 -36.55
CA ASN A 598 7.49 -18.33 -35.65
C ASN A 598 8.59 -17.30 -35.42
N TRP A 599 9.29 -17.47 -34.30
CA TRP A 599 10.42 -16.63 -33.95
C TRP A 599 11.51 -16.93 -34.98
N GLY A 600 11.70 -18.22 -35.27
CA GLY A 600 12.67 -18.68 -36.25
C GLY A 600 14.03 -18.99 -35.66
N THR A 601 14.19 -18.67 -34.38
CA THR A 601 15.46 -18.88 -33.71
C THR A 601 15.60 -20.25 -33.08
N ASN A 602 14.57 -21.08 -33.19
CA ASN A 602 14.65 -22.45 -32.70
C ASN A 602 14.46 -23.41 -33.87
N GLY A 603 15.33 -24.41 -33.95
CA GLY A 603 15.28 -25.37 -35.04
C GLY A 603 13.95 -26.04 -35.32
N THR A 604 13.17 -26.31 -34.29
CA THR A 604 11.88 -26.96 -34.48
C THR A 604 10.80 -26.01 -34.94
N LYS A 605 11.09 -24.71 -34.89
CA LYS A 605 10.12 -23.70 -35.34
C LYS A 605 10.74 -22.66 -36.28
N PRO A 606 11.05 -23.07 -37.53
CA PRO A 606 11.64 -22.13 -38.48
C PRO A 606 10.60 -21.20 -39.11
N ILE A 607 11.07 -20.08 -39.65
CA ILE A 607 10.20 -19.17 -40.37
C ILE A 607 10.20 -19.66 -41.82
N ARG A 608 9.38 -19.03 -42.66
CA ARG A 608 9.24 -19.50 -44.04
C ARG A 608 9.93 -18.69 -45.14
N GLU A 609 9.92 -17.36 -45.01
CA GLU A 609 10.47 -16.48 -46.04
C GLU A 609 11.73 -15.71 -45.61
N LEU A 610 12.42 -15.10 -46.58
CA LEU A 610 13.66 -14.36 -46.32
C LEU A 610 13.46 -12.89 -46.05
N THR A 611 12.23 -12.42 -46.23
CA THR A 611 11.90 -11.01 -46.10
C THR A 611 12.54 -10.27 -44.92
N ASN A 612 12.41 -10.82 -43.72
CA ASN A 612 12.93 -10.15 -42.53
C ASN A 612 14.14 -10.79 -41.88
N ILE A 613 14.94 -11.55 -42.63
CA ILE A 613 16.08 -12.20 -41.97
C ILE A 613 17.12 -11.23 -41.45
N ALA A 614 17.33 -10.11 -42.16
CA ALA A 614 18.30 -9.11 -41.72
C ALA A 614 17.83 -8.50 -40.39
N LYS A 615 16.55 -8.13 -40.34
CA LYS A 615 15.92 -7.55 -39.16
C LYS A 615 16.06 -8.51 -37.98
N ILE A 616 15.63 -9.75 -38.18
CA ILE A 616 15.69 -10.76 -37.14
C ILE A 616 17.12 -11.00 -36.62
N CYS A 617 18.09 -11.12 -37.53
CA CYS A 617 19.47 -11.32 -37.11
C CYS A 617 20.03 -10.13 -36.33
N GLN A 618 19.62 -8.91 -36.69
CA GLN A 618 20.07 -7.71 -35.96
C GLN A 618 19.51 -7.70 -34.54
N LEU A 619 18.23 -8.07 -34.41
CA LEU A 619 17.56 -8.10 -33.11
C LEU A 619 18.15 -9.11 -32.10
N PHE A 620 18.42 -10.33 -32.55
CA PHE A 620 18.92 -11.38 -31.66
C PHE A 620 20.40 -11.71 -31.82
N ARG A 621 21.10 -10.88 -32.59
CA ARG A 621 22.53 -11.04 -32.85
C ARG A 621 22.90 -12.43 -33.33
N CYS A 622 22.12 -12.97 -34.26
CA CYS A 622 22.39 -14.31 -34.78
C CYS A 622 23.75 -14.42 -35.48
N LYS A 623 24.43 -15.53 -35.27
CA LYS A 623 25.75 -15.76 -35.88
C LYS A 623 25.63 -16.53 -37.20
N SER A 624 24.48 -17.17 -37.40
CA SER A 624 24.29 -17.94 -38.61
C SER A 624 22.82 -18.08 -38.99
N VAL A 625 22.60 -18.49 -40.23
CA VAL A 625 21.28 -18.72 -40.79
C VAL A 625 21.35 -20.11 -41.40
N TYR A 626 20.36 -20.95 -41.08
CA TYR A 626 20.33 -22.29 -41.60
C TYR A 626 19.17 -22.41 -42.58
N LEU A 627 19.49 -22.79 -43.81
CA LEU A 627 18.46 -22.94 -44.83
C LEU A 627 18.09 -24.40 -44.98
N ASN A 628 16.85 -24.73 -44.64
CA ASN A 628 16.40 -26.09 -44.77
C ASN A 628 16.21 -26.39 -46.25
N ALA A 629 16.15 -27.68 -46.58
CA ALA A 629 16.02 -28.13 -47.97
C ALA A 629 14.92 -27.38 -48.72
N GLY A 630 15.22 -26.98 -49.96
CA GLY A 630 14.26 -26.25 -50.78
C GLY A 630 14.86 -24.94 -51.26
N GLU A 631 14.15 -24.26 -52.14
CA GLU A 631 14.64 -22.99 -52.66
C GLU A 631 14.09 -21.76 -51.93
N SER A 632 14.95 -21.02 -51.22
CA SER A 632 14.54 -19.79 -50.56
C SER A 632 14.66 -18.68 -51.58
N VAL A 633 13.54 -18.04 -51.89
CA VAL A 633 13.52 -17.06 -52.96
C VAL A 633 13.10 -15.64 -52.59
N ILE A 634 13.48 -14.67 -53.43
CA ILE A 634 13.06 -13.30 -53.25
C ILE A 634 12.60 -12.80 -54.61
N THR A 635 11.64 -11.88 -54.62
CA THR A 635 11.14 -11.34 -55.87
C THR A 635 11.36 -9.83 -55.90
N SER A 636 11.99 -9.32 -54.84
CA SER A 636 12.32 -7.91 -54.76
C SER A 636 13.57 -7.79 -53.88
N ASN A 637 14.35 -6.75 -54.10
CA ASN A 637 15.59 -6.53 -53.37
C ASN A 637 15.46 -6.75 -51.87
N THR A 638 16.25 -7.68 -51.36
CA THR A 638 16.20 -8.07 -49.97
C THR A 638 17.59 -8.13 -49.33
N GLU A 639 17.71 -7.57 -48.14
CA GLU A 639 18.98 -7.56 -47.43
C GLU A 639 19.33 -8.91 -46.80
N LEU A 640 20.62 -9.24 -46.85
CA LEU A 640 21.12 -10.45 -46.21
C LEU A 640 22.03 -9.95 -45.11
N PRO A 641 21.86 -10.50 -43.90
CA PRO A 641 22.74 -10.14 -42.78
C PRO A 641 24.12 -10.70 -43.07
N MET A 642 25.15 -10.08 -42.50
CA MET A 642 26.52 -10.52 -42.71
C MET A 642 26.89 -11.65 -41.74
N VAL A 643 26.35 -12.82 -42.04
CA VAL A 643 26.54 -13.99 -41.21
C VAL A 643 26.85 -15.22 -42.08
N VAL A 644 27.02 -16.36 -41.42
CA VAL A 644 27.28 -17.63 -42.10
C VAL A 644 25.97 -18.29 -42.50
N PHE A 645 25.78 -18.56 -43.78
CA PHE A 645 24.59 -19.28 -44.26
C PHE A 645 25.03 -20.71 -44.49
N GLU A 646 24.26 -21.66 -43.98
CA GLU A 646 24.59 -23.08 -44.10
C GLU A 646 23.31 -23.90 -44.30
N GLY A 647 23.46 -25.18 -44.56
CA GLY A 647 22.31 -26.05 -44.78
C GLY A 647 22.19 -26.49 -46.21
N PRO A 648 21.22 -27.37 -46.50
CA PRO A 648 20.99 -27.90 -47.86
C PRO A 648 20.21 -26.97 -48.78
N GLY A 649 19.52 -25.98 -48.23
CA GLY A 649 18.75 -25.08 -49.05
C GLY A 649 19.53 -24.28 -50.08
N SER A 650 18.80 -23.60 -50.96
CA SER A 650 19.42 -22.76 -51.97
C SER A 650 18.80 -21.37 -51.91
N LEU A 651 19.50 -20.39 -52.47
CA LEU A 651 19.03 -19.01 -52.51
C LEU A 651 18.79 -18.59 -53.96
N LYS A 652 17.65 -17.97 -54.22
CA LYS A 652 17.29 -17.55 -55.57
C LYS A 652 16.71 -16.14 -55.61
N ALA A 653 17.22 -15.31 -56.50
CA ALA A 653 16.71 -13.95 -56.67
C ALA A 653 15.94 -13.91 -58.00
N ASN A 654 14.62 -13.82 -57.92
CA ASN A 654 13.77 -13.79 -59.10
C ASN A 654 13.29 -12.39 -59.45
N SER A 655 12.67 -12.28 -60.62
CA SER A 655 12.12 -11.02 -61.14
C SER A 655 13.14 -9.91 -61.28
N GLY A 656 14.40 -10.27 -61.55
CA GLY A 656 15.46 -9.29 -61.70
C GLY A 656 15.92 -8.64 -60.40
N SER A 657 15.55 -9.23 -59.27
CA SER A 657 15.95 -8.69 -57.98
C SER A 657 17.39 -9.06 -57.60
N SER A 658 17.89 -8.40 -56.55
CA SER A 658 19.24 -8.62 -56.04
C SER A 658 19.24 -8.77 -54.52
N PHE A 659 20.22 -9.49 -53.99
CA PHE A 659 20.34 -9.58 -52.56
C PHE A 659 21.09 -8.33 -52.20
N LEU A 660 20.76 -7.71 -51.07
CA LEU A 660 21.39 -6.46 -50.67
C LEU A 660 22.34 -6.59 -49.50
N ILE A 661 23.49 -5.96 -49.63
CA ILE A 661 24.52 -5.94 -48.58
C ILE A 661 24.62 -4.48 -48.13
N LYS A 662 24.13 -4.21 -46.93
CA LYS A 662 24.10 -2.86 -46.39
C LYS A 662 25.01 -2.68 -45.18
N ALA A 663 25.70 -3.73 -44.79
CA ALA A 663 26.55 -3.64 -43.62
C ALA A 663 27.92 -4.24 -43.88
N GLY A 664 28.89 -3.83 -43.08
CA GLY A 664 30.24 -4.34 -43.21
C GLY A 664 30.30 -5.70 -42.55
N GLY A 665 31.40 -6.42 -42.78
CA GLY A 665 31.57 -7.74 -42.19
C GLY A 665 31.78 -8.78 -43.26
N THR A 666 31.47 -10.03 -42.92
CA THR A 666 31.64 -11.14 -43.84
C THR A 666 30.35 -11.93 -44.04
N LEU A 667 29.94 -12.05 -45.30
CA LEU A 667 28.77 -12.83 -45.65
C LEU A 667 29.34 -14.15 -46.19
N SER A 668 29.02 -15.27 -45.54
CA SER A 668 29.51 -16.60 -45.98
C SER A 668 28.39 -17.56 -46.36
N LEU A 669 28.48 -18.15 -47.56
CA LEU A 669 27.52 -19.15 -48.03
C LEU A 669 28.32 -20.45 -48.07
N ILE A 670 28.10 -21.32 -47.08
CA ILE A 670 28.86 -22.55 -46.95
C ILE A 670 28.06 -23.82 -47.11
N GLY A 671 28.32 -24.54 -48.20
CA GLY A 671 27.67 -25.82 -48.46
C GLY A 671 26.21 -25.77 -48.90
N LEU A 672 25.73 -24.59 -49.30
CA LEU A 672 24.34 -24.49 -49.74
C LEU A 672 24.18 -25.24 -51.07
N SER A 673 22.94 -25.43 -51.52
CA SER A 673 22.69 -26.09 -52.81
C SER A 673 22.98 -25.13 -53.97
N GLY A 674 23.30 -23.90 -53.63
CA GLY A 674 23.65 -22.88 -54.61
C GLY A 674 22.91 -21.58 -54.46
N ILE A 675 23.44 -20.54 -55.08
CA ILE A 675 22.80 -19.24 -55.09
C ILE A 675 22.81 -18.77 -56.53
N SER A 676 21.70 -18.20 -56.98
CA SER A 676 21.61 -17.73 -58.36
C SER A 676 20.55 -16.65 -58.48
N THR A 677 20.55 -15.97 -59.64
CA THR A 677 19.56 -14.95 -59.91
C THR A 677 19.01 -15.20 -61.31
N ASP A 678 17.85 -14.64 -61.60
CA ASP A 678 17.27 -14.81 -62.92
C ASP A 678 17.59 -13.64 -63.85
N GLY A 679 18.67 -12.92 -63.56
CA GLY A 679 19.08 -11.81 -64.40
C GLY A 679 19.72 -10.61 -63.73
N GLY A 680 19.38 -10.36 -62.48
CA GLY A 680 19.95 -9.23 -61.79
C GLY A 680 21.29 -9.57 -61.18
N HIS A 681 22.03 -8.52 -60.80
CA HIS A 681 23.30 -8.70 -60.14
C HIS A 681 23.01 -9.40 -58.82
N MET A 682 23.86 -10.33 -58.42
CA MET A 682 23.62 -11.08 -57.19
C MET A 682 23.69 -10.28 -55.88
N PHE A 683 24.78 -9.55 -55.68
CA PHE A 683 24.92 -8.75 -54.48
C PHE A 683 25.10 -7.27 -54.81
N ARG A 684 24.17 -6.44 -54.34
CA ARG A 684 24.26 -5.01 -54.53
C ARG A 684 24.77 -4.42 -53.22
N VAL A 685 26.00 -3.90 -53.25
CA VAL A 685 26.64 -3.34 -52.07
C VAL A 685 26.40 -1.84 -51.94
N SER A 686 25.82 -1.41 -50.83
CA SER A 686 25.53 -0.01 -50.62
C SER A 686 26.24 0.55 -49.39
N THR A 687 27.21 -0.17 -48.87
CA THR A 687 27.96 0.32 -47.71
C THR A 687 29.41 0.61 -48.11
N VAL A 688 30.01 1.62 -47.49
CA VAL A 688 31.39 1.96 -47.80
C VAL A 688 32.34 1.23 -46.88
N GLU A 689 31.79 0.47 -45.94
CA GLU A 689 32.63 -0.30 -45.03
C GLU A 689 33.18 -1.56 -45.70
N LYS A 690 34.24 -2.13 -45.10
CA LYS A 690 34.85 -3.33 -45.64
C LYS A 690 33.83 -4.46 -45.69
N VAL A 691 33.62 -4.98 -46.89
CA VAL A 691 32.70 -6.08 -47.12
C VAL A 691 33.47 -7.30 -47.62
N ASN A 692 33.27 -8.44 -46.98
CA ASN A 692 33.89 -9.69 -47.41
C ASN A 692 32.78 -10.60 -47.87
N ILE A 693 32.93 -11.20 -49.04
CA ILE A 693 31.94 -12.15 -49.57
C ILE A 693 32.63 -13.49 -49.81
N HIS A 694 32.24 -14.48 -49.04
CA HIS A 694 32.82 -15.81 -49.04
C HIS A 694 31.83 -16.85 -49.54
N THR A 695 31.96 -17.23 -50.81
CA THR A 695 31.05 -18.22 -51.39
C THR A 695 31.70 -19.61 -51.57
N ASN A 696 31.21 -20.57 -50.81
CA ASN A 696 31.69 -21.95 -50.82
C ASN A 696 30.49 -22.83 -51.17
N CYS A 697 29.94 -22.58 -52.35
CA CYS A 697 28.78 -23.27 -52.89
C CYS A 697 28.71 -22.83 -54.35
N SER A 698 27.78 -23.37 -55.11
CA SER A 698 27.67 -22.96 -56.51
C SER A 698 27.10 -21.53 -56.62
N VAL A 699 27.66 -20.73 -57.51
CA VAL A 699 27.25 -19.35 -57.70
C VAL A 699 26.98 -19.05 -59.17
N ASN A 700 25.78 -18.58 -59.49
CA ASN A 700 25.45 -18.27 -60.87
C ASN A 700 24.68 -16.96 -61.02
N ALA A 701 25.37 -15.95 -61.52
CA ALA A 701 24.78 -14.64 -61.73
C ALA A 701 24.46 -14.46 -63.22
N GLY A 702 24.62 -15.54 -63.99
CA GLY A 702 24.36 -15.51 -65.42
C GLY A 702 25.12 -14.44 -66.15
N ALA A 703 24.38 -13.54 -66.81
CA ALA A 703 24.99 -12.45 -67.56
C ALA A 703 25.33 -11.24 -66.68
N ALA A 704 24.98 -11.32 -65.40
CA ALA A 704 25.25 -10.22 -64.48
C ALA A 704 26.51 -10.43 -63.64
N TYR A 705 26.72 -9.54 -62.68
CA TYR A 705 27.90 -9.62 -61.83
C TYR A 705 27.55 -10.35 -60.54
N VAL A 706 28.57 -10.93 -59.89
CA VAL A 706 28.34 -11.54 -58.60
C VAL A 706 28.20 -10.37 -57.63
N VAL A 707 29.04 -9.35 -57.79
CA VAL A 707 29.00 -8.19 -56.91
C VAL A 707 28.98 -6.86 -57.64
N LEU A 708 28.01 -6.01 -57.29
CA LEU A 708 27.93 -4.67 -57.86
C LEU A 708 27.97 -3.64 -56.73
N SER A 709 29.01 -2.81 -56.69
CA SER A 709 29.11 -1.79 -55.67
C SER A 709 28.38 -0.54 -56.15
N GLU A 710 27.37 -0.10 -55.38
CA GLU A 710 26.59 1.08 -55.71
C GLU A 710 27.24 2.32 -55.12
N VAL A 711 28.34 2.10 -54.42
CA VAL A 711 29.06 3.20 -53.78
C VAL A 711 30.55 3.07 -54.07
N GLN A 712 31.34 3.93 -53.43
CA GLN A 712 32.79 3.88 -53.55
C GLN A 712 33.17 2.81 -52.51
N GLY A 713 33.07 1.55 -52.91
CA GLY A 713 33.28 0.43 -52.01
C GLY A 713 34.67 -0.06 -51.68
N ASN A 714 34.70 -1.09 -50.84
CA ASN A 714 35.90 -1.73 -50.37
C ASN A 714 35.50 -3.19 -50.15
N ILE A 715 35.71 -4.01 -51.18
CA ILE A 715 35.26 -5.40 -51.15
C ILE A 715 36.32 -6.48 -51.37
N GLU A 716 36.17 -7.61 -50.68
CA GLU A 716 37.05 -8.75 -50.88
C GLU A 716 36.11 -9.91 -51.15
N TYR A 717 36.27 -10.54 -52.30
CA TYR A 717 35.43 -11.67 -52.68
C TYR A 717 36.27 -12.92 -52.83
N ARG A 718 35.77 -14.05 -52.32
CA ARG A 718 36.49 -15.32 -52.45
C ARG A 718 35.55 -16.48 -52.74
N GLN A 719 35.80 -17.14 -53.88
CA GLN A 719 35.00 -18.27 -54.31
C GLN A 719 35.77 -19.52 -54.00
N LEU A 720 35.17 -20.41 -53.22
CA LEU A 720 35.86 -21.65 -52.85
C LEU A 720 35.22 -22.91 -53.40
N PHE A 721 35.87 -23.47 -54.43
CA PHE A 721 35.42 -24.69 -55.09
C PHE A 721 34.05 -24.56 -55.75
N TYR A 722 33.31 -25.65 -55.86
CA TYR A 722 32.02 -25.65 -56.53
C TYR A 722 32.16 -25.00 -57.91
N SER A 723 31.28 -24.06 -58.25
CA SER A 723 31.36 -23.39 -59.54
C SER A 723 30.86 -21.95 -59.47
N VAL A 724 31.29 -21.15 -60.43
CA VAL A 724 30.88 -19.76 -60.49
C VAL A 724 30.71 -19.30 -61.94
N ASN A 725 29.65 -18.54 -62.18
CA ASN A 725 29.36 -18.00 -63.50
C ASN A 725 28.84 -16.57 -63.36
N CYS A 726 29.35 -15.68 -64.21
CA CYS A 726 28.98 -14.27 -64.20
C CYS A 726 29.68 -13.58 -65.38
N SER A 727 29.33 -12.34 -65.67
CA SER A 727 29.99 -11.62 -66.76
C SER A 727 31.25 -10.95 -66.23
N LYS A 728 31.20 -10.56 -64.96
CA LYS A 728 32.32 -9.96 -64.24
C LYS A 728 32.09 -10.40 -62.80
N TYR A 729 33.15 -10.64 -62.04
CA TYR A 729 32.95 -11.05 -60.65
C TYR A 729 32.50 -9.84 -59.81
N ILE A 730 33.18 -8.71 -60.02
CA ILE A 730 32.85 -7.50 -59.29
C ILE A 730 32.79 -6.32 -60.23
N GLY A 731 31.78 -5.46 -60.03
CA GLY A 731 31.61 -4.26 -60.83
C GLY A 731 31.17 -3.12 -59.93
N ALA A 732 31.04 -1.93 -60.50
CA ALA A 732 30.62 -0.76 -59.72
C ALA A 732 29.88 0.23 -60.61
N THR A 733 28.94 0.96 -60.02
CA THR A 733 28.16 1.94 -60.78
C THR A 733 28.96 3.17 -61.21
N ALA A 734 29.94 3.58 -60.42
CA ALA A 734 30.74 4.76 -60.75
C ALA A 734 32.12 4.82 -60.10
N GLY A 735 32.45 6.02 -59.61
CA GLY A 735 33.73 6.33 -58.98
C GLY A 735 34.41 5.26 -58.15
N GLN A 736 35.44 4.67 -58.75
CA GLN A 736 36.30 3.61 -58.20
C GLN A 736 36.02 2.92 -56.86
N THR A 737 35.98 1.59 -56.93
CA THR A 737 35.77 0.74 -55.77
C THR A 737 37.02 -0.14 -55.67
N ILE A 738 37.59 -0.26 -54.48
CA ILE A 738 38.76 -1.11 -54.32
C ILE A 738 38.33 -2.53 -54.01
N ALA A 739 39.05 -3.51 -54.57
CA ALA A 739 38.68 -4.89 -54.32
C ALA A 739 39.80 -5.91 -54.39
N GLY A 740 39.63 -7.00 -53.65
CA GLY A 740 40.56 -8.10 -53.63
C GLY A 740 39.75 -9.31 -54.08
N ILE A 741 40.33 -10.18 -54.87
CA ILE A 741 39.58 -11.33 -55.34
C ILE A 741 40.35 -12.66 -55.36
N MET A 742 39.66 -13.71 -54.93
CA MET A 742 40.23 -15.04 -55.00
C MET A 742 39.17 -15.97 -55.55
N VAL A 743 39.50 -16.64 -56.64
CA VAL A 743 38.58 -17.58 -57.25
C VAL A 743 39.33 -18.88 -57.34
N LYS A 744 38.99 -19.84 -56.47
CA LYS A 744 39.68 -21.11 -56.48
C LYS A 744 38.75 -22.25 -56.90
N THR A 745 38.56 -22.37 -58.20
CA THR A 745 37.75 -23.42 -58.78
C THR A 745 38.01 -23.47 -60.29
N ALA A 746 37.99 -24.69 -60.84
CA ALA A 746 38.21 -24.86 -62.27
C ALA A 746 36.96 -24.49 -63.05
N THR A 747 35.80 -24.70 -62.43
CA THR A 747 34.56 -24.36 -63.10
C THR A 747 34.23 -22.88 -62.88
N ARG A 748 34.85 -22.03 -63.70
CA ARG A 748 34.66 -20.58 -63.63
C ARG A 748 34.72 -20.05 -65.06
N PRO A 749 34.33 -18.77 -65.29
CA PRO A 749 34.42 -18.23 -66.65
C PRO A 749 35.87 -17.85 -66.91
N THR A 750 36.59 -18.77 -67.54
CA THR A 750 38.01 -18.60 -67.82
C THR A 750 38.37 -17.40 -68.70
N GLY A 751 37.42 -16.94 -69.51
CA GLY A 751 37.64 -15.80 -70.38
C GLY A 751 37.80 -14.47 -69.67
N ILE A 752 37.58 -14.45 -68.35
CA ILE A 752 37.75 -13.20 -67.61
C ILE A 752 38.89 -13.27 -66.58
N ASP A 753 39.71 -14.31 -66.64
CA ASP A 753 40.84 -14.42 -65.72
C ASP A 753 41.72 -13.18 -65.84
N ALA A 754 41.85 -12.66 -67.05
CA ALA A 754 42.66 -11.48 -67.32
C ALA A 754 41.95 -10.19 -66.94
N ALA A 755 40.62 -10.18 -67.01
CA ALA A 755 39.84 -8.99 -66.64
C ALA A 755 38.65 -9.38 -65.77
N PRO A 756 38.92 -9.80 -64.51
CA PRO A 756 37.87 -10.26 -63.60
C PRO A 756 36.87 -9.21 -63.11
N VAL A 757 37.20 -7.92 -63.18
CA VAL A 757 36.32 -6.87 -62.70
C VAL A 757 36.14 -5.78 -63.76
N ASP A 758 35.13 -4.94 -63.59
CA ASP A 758 34.90 -3.88 -64.56
C ASP A 758 35.91 -2.73 -64.36
N GLY A 759 35.80 -1.70 -65.19
CA GLY A 759 36.70 -0.57 -65.12
C GLY A 759 36.53 0.31 -63.90
N ASN A 760 35.41 0.17 -63.20
CA ASN A 760 35.15 0.97 -62.00
C ASN A 760 35.70 0.33 -60.73
N VAL A 761 36.45 -0.75 -60.89
CA VAL A 761 37.01 -1.47 -59.75
C VAL A 761 38.52 -1.63 -59.89
N SER A 762 39.27 -1.26 -58.85
CA SER A 762 40.72 -1.41 -58.88
C SER A 762 41.07 -2.54 -57.91
N LEU A 763 41.90 -3.48 -58.35
CA LEU A 763 42.26 -4.64 -57.53
C LEU A 763 43.45 -4.44 -56.61
N THR A 764 43.32 -4.95 -55.37
CA THR A 764 44.38 -4.89 -54.37
C THR A 764 45.20 -6.19 -54.44
N TYR A 765 44.56 -7.28 -54.84
CA TYR A 765 45.22 -8.57 -55.04
C TYR A 765 44.33 -9.39 -55.96
N LYS A 766 44.91 -10.37 -56.63
CA LYS A 766 44.15 -11.23 -57.52
C LYS A 766 44.75 -12.64 -57.50
N ILE A 767 44.01 -13.57 -56.91
CA ILE A 767 44.43 -14.95 -56.78
C ILE A 767 43.51 -15.85 -57.58
N ILE A 768 43.97 -16.22 -58.77
CA ILE A 768 43.26 -17.11 -59.69
C ILE A 768 44.30 -18.05 -60.26
N GLU A 769 43.98 -19.33 -60.36
CA GLU A 769 44.88 -20.40 -60.85
C GLU A 769 45.88 -20.84 -59.79
N GLY B 14 -63.13 9.64 63.50
CA GLY B 14 -63.19 8.46 62.65
C GLY B 14 -62.93 8.81 61.20
N ILE B 15 -63.84 9.60 60.63
CA ILE B 15 -63.72 10.05 59.24
C ILE B 15 -62.64 11.13 59.22
N LEU B 16 -62.62 11.96 60.26
CA LEU B 16 -61.66 13.04 60.37
C LEU B 16 -60.23 12.55 60.52
N THR B 17 -60.04 11.46 61.26
CA THR B 17 -58.69 10.94 61.42
C THR B 17 -58.24 10.29 60.11
N ASN B 18 -59.17 9.68 59.39
CA ASN B 18 -58.83 9.06 58.11
C ASN B 18 -58.47 10.15 57.11
N LYS B 19 -59.21 11.26 57.15
CA LYS B 19 -58.93 12.38 56.25
C LYS B 19 -57.53 12.90 56.52
N GLN B 20 -57.13 12.90 57.79
CA GLN B 20 -55.78 13.33 58.14
C GLN B 20 -54.75 12.39 57.53
N ALA B 21 -54.98 11.09 57.70
CA ALA B 21 -54.07 10.06 57.18
C ALA B 21 -53.89 10.15 55.66
N VAL B 22 -55.00 10.28 54.96
CA VAL B 22 -54.98 10.39 53.51
C VAL B 22 -54.30 11.70 53.09
N ALA B 23 -54.63 12.79 53.78
CA ALA B 23 -54.05 14.10 53.46
C ALA B 23 -52.53 14.11 53.58
N ARG B 24 -52.01 13.52 54.65
CA ARG B 24 -50.57 13.47 54.86
C ARG B 24 -49.88 12.59 53.82
N HIS B 25 -50.59 11.59 53.31
CA HIS B 25 -50.02 10.70 52.32
C HIS B 25 -49.81 11.45 51.01
N PHE B 26 -50.78 12.28 50.66
CA PHE B 26 -50.73 13.06 49.41
C PHE B 26 -50.17 14.49 49.53
N GLY B 27 -49.99 14.99 50.75
CA GLY B 27 -49.44 16.33 50.91
C GLY B 27 -50.46 17.43 50.66
N VAL B 28 -51.72 17.17 50.99
CA VAL B 28 -52.78 18.15 50.84
C VAL B 28 -53.37 18.47 52.21
N LYS B 29 -54.33 19.39 52.25
CA LYS B 29 -54.97 19.75 53.51
C LYS B 29 -56.10 18.76 53.79
N GLN B 30 -56.36 18.56 55.08
CA GLN B 30 -57.41 17.65 55.50
C GLN B 30 -58.75 18.02 54.86
N SER B 31 -59.00 19.32 54.72
CA SER B 31 -60.24 19.79 54.12
C SER B 31 -60.28 19.57 52.62
N GLU B 32 -59.16 19.19 52.03
CA GLU B 32 -59.10 18.94 50.58
C GLU B 32 -59.39 17.49 50.20
N VAL B 33 -59.68 16.66 51.20
CA VAL B 33 -60.04 15.28 50.97
C VAL B 33 -61.55 15.09 51.06
N VAL B 34 -62.15 14.42 50.07
CA VAL B 34 -63.59 14.18 50.09
C VAL B 34 -63.84 12.67 49.96
N TYR B 35 -64.89 12.20 50.62
CA TYR B 35 -65.26 10.80 50.56
C TYR B 35 -66.23 10.67 49.40
N PHE B 36 -66.16 9.54 48.68
CA PHE B 36 -67.12 9.37 47.62
C PHE B 36 -68.45 8.94 48.20
N SER B 37 -69.53 9.45 47.60
CA SER B 37 -70.90 9.06 47.94
C SER B 37 -71.71 9.55 46.75
N VAL B 38 -72.84 8.93 46.49
CA VAL B 38 -73.66 9.35 45.37
C VAL B 38 -74.21 10.74 45.67
N GLY B 39 -73.99 11.66 44.72
CA GLY B 39 -74.45 13.02 44.86
C GLY B 39 -73.48 13.97 45.55
N VAL B 40 -72.34 13.48 46.06
CA VAL B 40 -71.40 14.37 46.75
C VAL B 40 -70.81 15.43 45.81
N ASP B 41 -70.75 16.66 46.28
CA ASP B 41 -70.20 17.75 45.46
C ASP B 41 -68.68 17.65 45.45
N LEU B 42 -68.10 17.56 44.25
CA LEU B 42 -66.66 17.38 44.08
C LEU B 42 -65.83 18.67 43.91
N GLY B 43 -66.50 19.81 43.76
CA GLY B 43 -65.79 21.06 43.58
C GLY B 43 -64.72 21.38 44.61
N GLY B 44 -63.53 21.78 44.14
CA GLY B 44 -62.44 22.18 45.02
C GLY B 44 -61.58 21.15 45.73
N TYR B 45 -62.04 19.93 45.84
CA TYR B 45 -61.26 18.90 46.53
C TYR B 45 -60.09 18.43 45.67
N LYS B 46 -59.00 18.04 46.31
CA LYS B 46 -57.82 17.54 45.60
C LYS B 46 -57.73 16.01 45.60
N VAL B 47 -58.31 15.37 46.62
CA VAL B 47 -58.27 13.92 46.76
C VAL B 47 -59.61 13.32 47.13
N ILE B 48 -59.98 12.22 46.47
CA ILE B 48 -61.23 11.53 46.78
C ILE B 48 -60.91 10.17 47.43
N TYR B 49 -61.72 9.75 48.40
CA TYR B 49 -61.54 8.48 49.11
C TYR B 49 -62.75 7.57 48.97
N ASP B 50 -62.51 6.31 48.62
CA ASP B 50 -63.57 5.31 48.44
C ASP B 50 -63.61 4.50 49.72
N LYS B 51 -64.69 4.61 50.48
CA LYS B 51 -64.80 3.93 51.76
C LYS B 51 -64.99 2.43 51.63
N GLU B 52 -65.36 1.97 50.44
CA GLU B 52 -65.55 0.55 50.23
C GLU B 52 -64.25 -0.19 49.95
N THR B 53 -63.43 0.36 49.05
CA THR B 53 -62.17 -0.27 48.68
C THR B 53 -61.04 0.21 49.57
N GLN B 54 -61.32 1.29 50.29
CA GLN B 54 -60.35 1.94 51.16
C GLN B 54 -59.14 2.42 50.37
N ARG B 55 -59.41 2.99 49.19
CA ARG B 55 -58.37 3.53 48.33
C ARG B 55 -58.65 5.02 48.10
N ALA B 56 -57.59 5.80 47.95
CA ALA B 56 -57.71 7.24 47.71
C ALA B 56 -57.07 7.57 46.39
N TYR B 57 -57.52 8.64 45.76
CA TYR B 57 -56.99 9.06 44.47
C TYR B 57 -56.99 10.57 44.30
N SER B 58 -55.93 11.09 43.69
CA SER B 58 -55.86 12.51 43.38
C SER B 58 -56.97 12.77 42.36
N LEU B 59 -57.67 13.90 42.49
CA LEU B 59 -58.74 14.24 41.58
C LEU B 59 -58.18 15.09 40.46
N PRO B 60 -58.75 14.97 39.25
CA PRO B 60 -58.26 15.84 38.17
C PRO B 60 -58.59 17.27 38.56
N VAL B 61 -57.76 18.20 38.16
CA VAL B 61 -57.98 19.59 38.54
C VAL B 61 -59.07 20.19 37.65
N GLY B 62 -59.71 21.25 38.12
CA GLY B 62 -60.74 21.93 37.35
C GLY B 62 -62.18 21.46 37.51
N ILE B 63 -62.46 20.71 38.56
CA ILE B 63 -63.84 20.27 38.77
C ILE B 63 -64.54 21.41 39.51
N ALA B 64 -65.50 22.01 38.85
CA ALA B 64 -66.24 23.16 39.40
C ALA B 64 -67.16 22.83 40.56
N SER B 65 -67.37 23.83 41.43
CA SER B 65 -68.28 23.72 42.54
C SER B 65 -69.61 23.46 41.83
N GLY B 66 -70.45 22.58 42.35
CA GLY B 66 -71.70 22.29 41.68
C GLY B 66 -71.67 21.00 40.88
N THR B 67 -70.48 20.43 40.69
CA THR B 67 -70.35 19.17 39.96
C THR B 67 -70.45 18.06 41.00
N THR B 68 -71.46 17.20 40.86
CA THR B 68 -71.69 16.15 41.83
C THR B 68 -71.32 14.76 41.31
N ALA B 69 -70.97 13.87 42.24
CA ALA B 69 -70.58 12.51 41.91
C ALA B 69 -71.78 11.62 41.59
N VAL B 70 -71.65 10.85 40.51
CA VAL B 70 -72.70 9.91 40.12
C VAL B 70 -72.30 8.51 40.54
N SER B 71 -71.11 8.07 40.13
CA SER B 71 -70.63 6.73 40.51
C SER B 71 -69.10 6.58 40.53
N LEU B 72 -68.65 5.57 41.26
CA LEU B 72 -67.22 5.26 41.37
C LEU B 72 -67.06 3.74 41.34
N SER B 73 -66.46 3.21 40.28
CA SER B 73 -66.30 1.76 40.14
C SER B 73 -65.12 1.16 40.91
N THR B 74 -65.08 -0.16 40.96
CA THR B 74 -64.00 -0.84 41.64
C THR B 74 -62.68 -0.67 40.86
N ALA B 75 -62.78 -0.22 39.61
CA ALA B 75 -61.60 0.05 38.79
C ALA B 75 -61.26 1.54 38.86
N ALA B 76 -61.86 2.25 39.82
CA ALA B 76 -61.64 3.68 40.04
C ALA B 76 -62.08 4.63 38.92
N VAL B 77 -63.12 4.25 38.19
CA VAL B 77 -63.64 5.12 37.16
C VAL B 77 -64.72 5.98 37.83
N LEU B 78 -64.49 7.28 37.86
CA LEU B 78 -65.43 8.20 38.49
C LEU B 78 -66.33 8.90 37.50
N VAL B 79 -67.63 8.71 37.66
CA VAL B 79 -68.59 9.38 36.79
C VAL B 79 -69.24 10.49 37.62
N HIS B 80 -69.30 11.69 37.04
CA HIS B 80 -69.92 12.83 37.72
C HIS B 80 -70.74 13.69 36.75
N SER B 81 -71.26 14.80 37.27
CA SER B 81 -72.08 15.75 36.53
C SER B 81 -71.47 16.27 35.24
N ALA B 82 -70.19 16.60 35.26
CA ALA B 82 -69.51 17.16 34.09
C ALA B 82 -68.84 16.14 33.17
N GLY B 83 -68.88 14.87 33.55
CA GLY B 83 -68.26 13.84 32.74
C GLY B 83 -67.71 12.68 33.54
N SER B 84 -66.53 12.19 33.14
CA SER B 84 -65.92 11.06 33.82
C SER B 84 -64.40 11.01 33.71
N VAL B 85 -63.78 10.34 34.68
CA VAL B 85 -62.34 10.24 34.72
C VAL B 85 -61.92 8.91 35.33
N ASP B 86 -60.92 8.29 34.71
CA ASP B 86 -60.37 7.04 35.22
C ASP B 86 -59.29 7.51 36.18
N LEU B 87 -59.56 7.45 37.48
CA LEU B 87 -58.62 7.92 38.49
C LEU B 87 -57.38 7.04 38.50
N GLY B 88 -57.55 5.81 38.02
CA GLY B 88 -56.43 4.89 37.93
C GLY B 88 -55.41 5.43 36.94
N SER B 89 -55.88 5.84 35.76
CA SER B 89 -54.99 6.42 34.75
C SER B 89 -54.35 7.71 35.24
N LEU B 90 -55.15 8.54 35.90
CA LEU B 90 -54.60 9.79 36.43
C LEU B 90 -53.48 9.48 37.45
N ALA B 91 -53.72 8.50 38.31
CA ALA B 91 -52.73 8.13 39.32
C ALA B 91 -51.43 7.63 38.66
N VAL B 92 -51.53 6.85 37.58
CA VAL B 92 -50.35 6.37 36.86
C VAL B 92 -49.54 7.56 36.34
N SER B 93 -50.23 8.50 35.69
CA SER B 93 -49.55 9.69 35.18
C SER B 93 -48.86 10.44 36.31
N ARG B 94 -49.40 10.31 37.51
CA ARG B 94 -48.85 10.98 38.68
C ARG B 94 -47.90 10.10 39.50
N GLU B 95 -47.69 8.87 39.05
CA GLU B 95 -46.82 7.92 39.75
C GLU B 95 -47.27 7.71 41.20
N GLU B 96 -48.58 7.61 41.37
CA GLU B 96 -49.19 7.38 42.68
C GLU B 96 -49.74 5.96 42.61
N TYR B 97 -48.93 5.03 43.10
CA TYR B 97 -49.25 3.61 43.03
C TYR B 97 -49.48 2.91 44.36
N VAL B 98 -50.19 1.80 44.26
CA VAL B 98 -50.44 0.92 45.41
C VAL B 98 -49.78 -0.41 45.03
N THR B 99 -48.82 -0.88 45.83
CA THR B 99 -48.13 -2.15 45.60
C THR B 99 -48.91 -3.21 46.34
N LEU B 100 -49.59 -4.08 45.59
CA LEU B 100 -50.45 -5.10 46.16
C LEU B 100 -49.69 -6.10 47.01
N PRO B 101 -50.40 -6.70 47.98
CA PRO B 101 -49.78 -7.74 48.82
C PRO B 101 -49.34 -8.91 47.90
N GLY B 102 -48.34 -9.67 48.32
CA GLY B 102 -47.92 -10.80 47.53
C GLY B 102 -47.13 -10.50 46.26
N SER B 103 -47.31 -11.37 45.27
CA SER B 103 -46.54 -11.29 44.04
C SER B 103 -47.06 -12.19 42.92
N PHE B 104 -46.27 -12.30 41.85
CA PHE B 104 -46.62 -13.16 40.74
C PHE B 104 -46.62 -14.62 41.22
N ASP B 105 -45.68 -14.95 42.11
CA ASP B 105 -45.59 -16.28 42.70
C ASP B 105 -46.89 -16.63 43.46
N SER B 106 -47.28 -15.73 44.37
CA SER B 106 -48.49 -15.92 45.18
C SER B 106 -49.78 -15.81 44.37
N GLY B 107 -49.76 -15.01 43.32
CA GLY B 107 -50.95 -14.76 42.54
C GLY B 107 -51.69 -13.58 43.16
N SER B 108 -52.65 -13.01 42.44
CA SER B 108 -53.40 -11.87 42.93
C SER B 108 -54.49 -11.55 41.95
N THR B 109 -55.23 -10.49 42.26
CA THR B 109 -56.27 -9.98 41.36
C THR B 109 -56.08 -8.47 41.34
N LEU B 110 -55.82 -7.92 40.14
CA LEU B 110 -55.63 -6.50 39.96
C LEU B 110 -56.96 -5.89 39.52
N ASN B 111 -57.34 -4.80 40.17
CA ASN B 111 -58.61 -4.12 39.87
C ASN B 111 -58.47 -2.68 39.37
N VAL B 112 -57.30 -2.09 39.58
CA VAL B 112 -57.09 -0.69 39.23
C VAL B 112 -55.79 -0.51 38.45
N LYS B 113 -55.76 0.51 37.60
CA LYS B 113 -54.57 0.79 36.79
C LYS B 113 -53.35 1.22 37.59
N ASN B 114 -53.54 1.69 38.82
CA ASN B 114 -52.39 2.08 39.63
C ASN B 114 -51.92 1.00 40.60
N GLU B 115 -52.41 -0.23 40.40
CA GLU B 115 -51.96 -1.34 41.22
C GLU B 115 -50.73 -1.99 40.62
N LEU B 116 -49.74 -2.29 41.47
CA LEU B 116 -48.50 -2.92 41.02
C LEU B 116 -48.37 -4.32 41.59
N LEU B 117 -47.88 -5.26 40.79
CA LEU B 117 -47.68 -6.62 41.27
C LEU B 117 -46.18 -6.86 41.21
N THR B 118 -45.59 -7.26 42.33
CA THR B 118 -44.16 -7.51 42.43
C THR B 118 -43.71 -8.83 41.81
N TYR B 119 -42.69 -8.77 40.97
CA TYR B 119 -42.13 -9.97 40.36
C TYR B 119 -40.71 -10.14 40.93
N THR B 120 -39.92 -11.06 40.39
CA THR B 120 -38.56 -11.27 40.88
C THR B 120 -37.58 -10.20 40.42
N ASP B 121 -37.94 -9.44 39.39
CA ASP B 121 -37.02 -8.42 38.90
C ASP B 121 -37.60 -7.01 38.92
N GLY B 122 -38.63 -6.81 39.73
CA GLY B 122 -39.27 -5.50 39.82
C GLY B 122 -40.80 -5.57 39.86
N LYS B 123 -41.43 -4.43 39.58
CA LYS B 123 -42.88 -4.36 39.63
C LYS B 123 -43.53 -4.07 38.27
N TYR B 124 -44.79 -4.49 38.13
CA TYR B 124 -45.51 -4.28 36.89
C TYR B 124 -46.95 -3.84 37.14
N ARG B 125 -47.49 -3.02 36.25
CA ARG B 125 -48.90 -2.64 36.31
C ARG B 125 -49.55 -3.29 35.09
N TRP B 126 -50.84 -3.57 35.18
CA TRP B 126 -51.59 -4.18 34.08
C TRP B 126 -52.28 -3.10 33.26
N ASP B 127 -51.99 -3.07 31.96
CA ASP B 127 -52.54 -2.07 31.05
C ASP B 127 -53.64 -2.63 30.13
N GLY B 128 -54.15 -3.81 30.46
CA GLY B 128 -55.20 -4.42 29.66
C GLY B 128 -56.53 -4.39 30.40
N ILE B 129 -57.41 -5.32 30.05
CA ILE B 129 -58.74 -5.42 30.66
C ILE B 129 -58.71 -5.69 32.18
N LEU B 130 -59.55 -4.97 32.92
CA LEU B 130 -59.67 -5.15 34.37
C LEU B 130 -61.07 -5.62 34.71
N PRO B 131 -61.21 -6.45 35.76
CA PRO B 131 -60.18 -6.99 36.65
C PRO B 131 -59.28 -8.00 35.95
N LYS B 132 -58.06 -8.11 36.45
CA LYS B 132 -57.08 -9.04 35.90
C LYS B 132 -56.69 -10.06 36.95
N THR B 133 -57.07 -11.32 36.73
CA THR B 133 -56.76 -12.40 37.65
C THR B 133 -55.40 -13.00 37.32
N VAL B 134 -54.56 -13.14 38.34
CA VAL B 134 -53.22 -13.68 38.16
C VAL B 134 -53.03 -14.93 39.00
N ALA B 135 -53.11 -16.10 38.37
CA ALA B 135 -52.93 -17.37 39.09
C ALA B 135 -51.60 -17.45 39.83
N PRO B 136 -51.56 -18.15 40.97
CA PRO B 136 -50.30 -18.30 41.67
C PRO B 136 -49.31 -19.01 40.73
N GLY B 137 -48.04 -18.61 40.74
CA GLY B 137 -47.04 -19.22 39.88
C GLY B 137 -46.99 -18.61 38.48
N SER B 138 -47.55 -17.41 38.32
CA SER B 138 -47.56 -16.72 37.03
C SER B 138 -46.29 -15.90 36.78
N THR B 139 -46.07 -15.52 35.53
CA THR B 139 -44.96 -14.63 35.20
C THR B 139 -45.59 -13.62 34.26
N PRO B 140 -44.98 -12.43 34.14
CA PRO B 140 -45.57 -11.45 33.22
C PRO B 140 -45.64 -12.05 31.82
N ALA B 141 -44.56 -12.72 31.40
CA ALA B 141 -44.51 -13.33 30.09
C ALA B 141 -45.61 -14.36 29.84
N SER B 142 -45.98 -15.12 30.87
CA SER B 142 -47.00 -16.16 30.70
C SER B 142 -48.44 -15.70 30.96
N THR B 143 -48.63 -14.43 31.28
CA THR B 143 -49.99 -13.95 31.56
C THR B 143 -50.39 -12.70 30.78
N GLY B 144 -49.94 -12.62 29.54
CA GLY B 144 -50.30 -11.50 28.68
C GLY B 144 -49.10 -10.88 27.98
N GLY B 145 -47.91 -11.14 28.49
CA GLY B 145 -46.72 -10.56 27.91
C GLY B 145 -46.50 -9.13 28.41
N VAL B 146 -45.36 -8.56 28.05
CA VAL B 146 -45.02 -7.20 28.48
C VAL B 146 -45.15 -6.21 27.33
N GLY B 147 -45.85 -5.10 27.55
CA GLY B 147 -46.01 -4.11 26.51
C GLY B 147 -47.37 -3.45 26.58
N LEU B 148 -47.60 -2.49 25.68
CA LEU B 148 -48.86 -1.76 25.62
C LEU B 148 -50.07 -2.70 25.63
N GLY B 149 -51.02 -2.45 26.53
CA GLY B 149 -52.21 -3.30 26.61
C GLY B 149 -52.01 -4.57 27.43
N ALA B 150 -50.79 -4.78 27.92
CA ALA B 150 -50.47 -5.94 28.74
C ALA B 150 -49.68 -5.47 29.97
N TRP B 151 -48.64 -6.19 30.36
CA TRP B 151 -47.87 -5.78 31.54
C TRP B 151 -46.89 -4.67 31.21
N ILE B 152 -46.77 -3.67 32.10
CA ILE B 152 -45.85 -2.55 31.90
C ILE B 152 -44.95 -2.46 33.15
N SER B 153 -43.63 -2.42 32.94
CA SER B 153 -42.65 -2.35 34.04
C SER B 153 -42.73 -0.98 34.67
N VAL B 154 -42.67 -0.93 36.00
CA VAL B 154 -42.79 0.34 36.69
C VAL B 154 -41.78 0.45 37.82
N GLY B 155 -41.21 1.64 37.99
CA GLY B 155 -40.32 1.88 39.10
C GLY B 155 -38.84 1.67 38.90
N ASP B 156 -38.11 2.09 39.93
CA ASP B 156 -36.65 2.05 39.95
C ASP B 156 -36.03 0.67 39.87
N ALA B 157 -36.56 -0.30 40.62
CA ALA B 157 -35.99 -1.65 40.57
C ALA B 157 -36.10 -2.26 39.18
N SER B 158 -37.28 -2.11 38.57
CA SER B 158 -37.53 -2.61 37.23
C SER B 158 -36.58 -1.97 36.25
N LEU B 159 -36.41 -0.66 36.36
CA LEU B 159 -35.52 0.06 35.44
C LEU B 159 -34.09 -0.48 35.53
N ARG B 160 -33.62 -0.72 36.74
CA ARG B 160 -32.27 -1.23 36.92
C ARG B 160 -32.11 -2.60 36.26
N THR B 161 -33.11 -3.47 36.40
CA THR B 161 -33.04 -4.80 35.82
C THR B 161 -33.19 -4.74 34.30
N GLN B 162 -34.06 -3.88 33.82
CA GLN B 162 -34.23 -3.73 32.37
C GLN B 162 -32.93 -3.26 31.73
N LEU B 163 -32.28 -2.27 32.35
CA LEU B 163 -31.03 -1.75 31.81
C LEU B 163 -29.93 -2.83 31.85
N ALA B 164 -29.82 -3.54 32.98
CA ALA B 164 -28.81 -4.58 33.17
C ALA B 164 -28.94 -5.74 32.19
N ASN B 165 -30.17 -6.09 31.83
CA ASN B 165 -30.41 -7.23 30.94
C ASN B 165 -30.89 -6.90 29.53
N GLY B 166 -30.86 -5.63 29.17
CA GLY B 166 -31.31 -5.22 27.84
C GLY B 166 -30.17 -5.19 26.84
N ASP B 167 -30.39 -4.51 25.71
CA ASP B 167 -29.35 -4.43 24.69
C ASP B 167 -29.01 -3.00 24.33
N GLY B 168 -29.50 -2.06 25.14
CA GLY B 168 -29.26 -0.65 24.92
C GLY B 168 -30.44 0.07 24.29
N SER B 169 -31.51 -0.66 24.00
CA SER B 169 -32.69 -0.07 23.36
C SER B 169 -33.39 1.03 24.19
N LEU B 170 -33.07 1.09 25.48
CA LEU B 170 -33.67 2.10 26.36
C LEU B 170 -32.90 3.42 26.33
N ILE B 171 -31.73 3.42 25.70
CA ILE B 171 -30.90 4.62 25.63
C ILE B 171 -30.93 5.29 24.26
N GLY B 172 -31.55 6.46 24.16
CA GLY B 172 -31.57 7.17 22.91
C GLY B 172 -30.19 7.75 22.61
N ILE B 173 -29.88 7.93 21.33
CA ILE B 173 -28.59 8.48 20.88
C ILE B 173 -28.82 9.47 19.75
N HIS B 174 -27.76 10.18 19.33
CA HIS B 174 -27.91 11.16 18.25
C HIS B 174 -27.35 10.63 16.92
N PRO B 175 -27.86 11.14 15.78
CA PRO B 175 -28.93 12.13 15.63
C PRO B 175 -30.30 11.57 15.99
N GLN B 176 -30.44 10.26 15.87
CA GLN B 176 -31.67 9.56 16.23
C GLN B 176 -31.35 8.09 16.46
N GLY B 177 -32.35 7.30 16.84
CA GLY B 177 -32.13 5.88 17.11
C GLY B 177 -31.73 5.63 18.56
N THR B 178 -31.37 4.38 18.87
CA THR B 178 -30.97 4.00 20.22
C THR B 178 -29.61 3.31 20.22
N LEU B 179 -29.03 3.19 21.41
CA LEU B 179 -27.71 2.61 21.61
C LEU B 179 -27.44 1.27 20.87
N ASN B 180 -28.39 0.35 20.92
CA ASN B 180 -28.23 -0.93 20.24
C ASN B 180 -28.00 -0.80 18.73
N ASN B 181 -28.46 0.31 18.14
CA ASN B 181 -28.29 0.53 16.70
C ASN B 181 -26.84 0.75 16.28
N VAL B 182 -25.98 1.15 17.21
CA VAL B 182 -24.59 1.44 16.84
C VAL B 182 -23.53 0.59 17.52
N LEU B 183 -23.90 -0.40 18.31
CA LEU B 183 -22.89 -1.27 18.93
C LEU B 183 -22.76 -2.46 18.01
N THR B 184 -21.63 -2.55 17.30
CA THR B 184 -21.42 -3.63 16.33
C THR B 184 -20.14 -4.44 16.53
N VAL B 185 -19.21 -3.92 17.31
CA VAL B 185 -17.95 -4.64 17.55
C VAL B 185 -18.04 -5.61 18.73
N ARG B 186 -17.32 -6.72 18.67
CA ARG B 186 -17.31 -7.69 19.78
C ARG B 186 -15.94 -7.69 20.43
N THR B 187 -15.90 -7.99 21.73
CA THR B 187 -14.64 -8.05 22.45
C THR B 187 -14.65 -9.28 23.37
N PRO B 188 -13.45 -9.80 23.71
CA PRO B 188 -13.40 -10.94 24.61
C PRO B 188 -13.97 -10.58 25.99
N GLU B 189 -14.00 -9.30 26.33
CA GLU B 189 -14.52 -8.83 27.62
C GLU B 189 -16.01 -9.13 27.79
N GLN B 190 -16.75 -9.15 26.69
CA GLN B 190 -18.17 -9.48 26.71
C GLN B 190 -18.34 -10.94 27.18
N TYR B 191 -17.29 -11.75 26.96
CA TYR B 191 -17.31 -13.15 27.35
C TYR B 191 -16.48 -13.38 28.61
N ASN B 192 -16.23 -12.29 29.35
CA ASN B 192 -15.49 -12.34 30.60
C ASN B 192 -14.08 -12.91 30.52
N ALA B 193 -13.36 -12.62 29.44
CA ALA B 193 -11.99 -13.09 29.33
C ALA B 193 -11.19 -12.31 30.36
N VAL B 194 -10.17 -12.92 30.95
CA VAL B 194 -9.37 -12.23 31.95
C VAL B 194 -8.42 -11.20 31.34
N GLY B 195 -7.89 -11.50 30.16
CA GLY B 195 -7.00 -10.60 29.47
C GLY B 195 -5.67 -10.23 30.14
N ASP B 196 -5.18 -11.06 31.05
CA ASP B 196 -3.91 -10.78 31.74
C ASP B 196 -2.70 -11.57 31.21
N GLY B 197 -2.91 -12.46 30.26
CA GLY B 197 -1.81 -13.25 29.74
C GLY B 197 -1.42 -14.41 30.64
N ILE B 198 -2.13 -14.56 31.76
CA ILE B 198 -1.88 -15.63 32.73
C ILE B 198 -2.99 -16.67 32.70
N ALA B 199 -4.22 -16.22 32.96
CA ALA B 199 -5.37 -17.12 32.94
C ALA B 199 -5.55 -17.70 31.55
N ASP B 200 -6.18 -18.88 31.47
CA ASP B 200 -6.42 -19.53 30.19
C ASP B 200 -7.76 -19.08 29.63
N ASP B 201 -7.72 -18.10 28.72
CA ASP B 201 -8.91 -17.53 28.09
C ASP B 201 -9.40 -18.28 26.85
N THR B 202 -8.81 -19.45 26.56
CA THR B 202 -9.16 -20.24 25.39
C THR B 202 -10.65 -20.39 25.10
N SER B 203 -11.36 -21.03 26.03
CA SER B 203 -12.78 -21.27 25.86
C SER B 203 -13.61 -20.00 25.61
N LYS B 204 -13.22 -18.90 26.23
CA LYS B 204 -13.96 -17.67 26.02
C LYS B 204 -13.71 -17.15 24.60
N LEU B 205 -12.46 -17.25 24.16
CA LEU B 205 -12.10 -16.84 22.81
C LEU B 205 -12.84 -17.68 21.79
N LYS B 206 -12.91 -18.98 22.04
CA LYS B 206 -13.59 -19.89 21.13
C LYS B 206 -15.08 -19.58 21.09
N GLU B 207 -15.63 -19.19 22.24
CA GLU B 207 -17.05 -18.86 22.34
C GLU B 207 -17.36 -17.64 21.49
N MET B 208 -16.50 -16.62 21.59
CA MET B 208 -16.64 -15.40 20.81
C MET B 208 -16.66 -15.68 19.31
N LEU B 209 -15.74 -16.53 18.85
CA LEU B 209 -15.66 -16.90 17.43
C LEU B 209 -16.86 -17.74 16.98
N SER B 210 -17.30 -18.66 17.84
CA SER B 210 -18.46 -19.51 17.54
C SER B 210 -19.73 -18.72 17.44
N ASP B 211 -19.86 -17.70 18.30
CA ASP B 211 -21.05 -16.84 18.30
C ASP B 211 -21.16 -16.08 16.98
N ILE B 212 -20.03 -15.84 16.34
CA ILE B 212 -20.00 -15.15 15.06
C ILE B 212 -20.29 -16.15 13.94
N ASN B 213 -19.55 -17.25 13.90
CA ASN B 213 -19.74 -18.26 12.86
C ASN B 213 -19.30 -19.61 13.38
N ASN B 214 -20.29 -20.42 13.74
CA ASN B 214 -20.06 -21.75 14.30
C ASN B 214 -19.94 -22.84 13.22
N VAL B 215 -18.71 -23.17 12.83
CA VAL B 215 -18.48 -24.18 11.80
C VAL B 215 -18.18 -25.57 12.36
N PRO B 216 -19.08 -26.53 12.10
CA PRO B 216 -18.93 -27.92 12.56
C PRO B 216 -17.65 -28.53 12.00
N GLU B 217 -16.87 -29.20 12.83
CA GLU B 217 -15.60 -29.80 12.38
C GLU B 217 -15.77 -30.92 11.36
N THR B 218 -16.95 -31.52 11.31
CA THR B 218 -17.21 -32.57 10.34
C THR B 218 -18.45 -32.13 9.57
N LEU B 219 -18.38 -32.20 8.25
CA LEU B 219 -19.49 -31.78 7.40
C LEU B 219 -19.73 -32.82 6.30
N PRO B 220 -20.99 -32.94 5.85
CA PRO B 220 -21.41 -33.93 4.86
C PRO B 220 -20.79 -33.82 3.47
N ASP B 221 -20.90 -32.65 2.85
CA ASP B 221 -20.39 -32.47 1.50
C ASP B 221 -19.84 -31.09 1.16
N ALA B 222 -19.50 -30.90 -0.11
CA ALA B 222 -18.97 -29.64 -0.61
C ALA B 222 -19.89 -28.46 -0.37
N ALA B 223 -21.18 -28.63 -0.64
CA ALA B 223 -22.14 -27.55 -0.44
C ALA B 223 -22.23 -27.15 1.03
N ALA B 224 -22.00 -28.11 1.92
CA ALA B 224 -22.06 -27.85 3.35
C ALA B 224 -20.91 -26.94 3.81
N VAL B 225 -19.69 -27.23 3.36
CA VAL B 225 -18.55 -26.41 3.74
C VAL B 225 -18.69 -25.03 3.14
N ASN B 226 -19.02 -24.96 1.87
CA ASN B 226 -19.16 -23.67 1.20
C ASN B 226 -20.24 -22.75 1.79
N SER B 227 -21.19 -23.33 2.52
CA SER B 227 -22.26 -22.53 3.11
C SER B 227 -21.78 -21.58 4.21
N TYR B 228 -20.76 -21.98 4.95
CA TYR B 228 -20.24 -21.17 6.05
C TYR B 228 -19.43 -19.95 5.61
N MET B 229 -19.28 -19.76 4.31
CA MET B 229 -18.57 -18.61 3.79
C MET B 229 -19.59 -17.59 3.36
N GLU B 230 -20.86 -17.84 3.68
CA GLU B 230 -21.96 -16.96 3.29
C GLU B 230 -22.74 -16.46 4.51
N GLN B 231 -22.02 -16.19 5.59
CA GLN B 231 -22.63 -15.69 6.82
C GLN B 231 -22.21 -14.25 7.12
N VAL B 232 -22.94 -13.59 8.00
CA VAL B 232 -22.63 -12.21 8.33
C VAL B 232 -21.24 -12.10 8.99
N ALA B 233 -20.45 -11.12 8.54
CA ALA B 233 -19.13 -10.93 9.10
C ALA B 233 -19.19 -9.96 10.27
N VAL B 234 -18.34 -10.20 11.28
CA VAL B 234 -18.31 -9.37 12.49
C VAL B 234 -16.88 -8.91 12.87
N LYS B 235 -16.75 -7.68 13.34
CA LYS B 235 -15.45 -7.18 13.74
C LYS B 235 -15.16 -7.43 15.23
N ILE B 236 -13.94 -7.89 15.51
CA ILE B 236 -13.51 -8.17 16.87
C ILE B 236 -12.41 -7.19 17.25
N ASP B 237 -12.46 -6.67 18.46
CA ASP B 237 -11.45 -5.74 18.95
C ASP B 237 -10.72 -6.39 20.11
N LEU B 238 -9.41 -6.58 19.98
CA LEU B 238 -8.61 -7.17 21.05
C LEU B 238 -7.77 -6.07 21.69
N THR B 239 -8.12 -5.69 22.92
CA THR B 239 -7.41 -4.59 23.57
C THR B 239 -6.56 -5.03 24.77
N LYS B 240 -6.70 -6.29 25.18
CA LYS B 240 -5.92 -6.81 26.28
C LYS B 240 -5.04 -7.96 25.77
N LEU B 241 -4.47 -8.76 26.68
CA LEU B 241 -3.59 -9.87 26.32
C LEU B 241 -4.25 -11.21 26.68
N TYR B 242 -4.49 -12.05 25.69
CA TYR B 242 -5.19 -13.30 25.94
C TYR B 242 -4.38 -14.56 25.77
N ARG B 243 -4.08 -15.21 26.89
CA ARG B 243 -3.35 -16.46 26.85
C ARG B 243 -4.33 -17.57 26.43
N PHE B 244 -3.93 -18.40 25.47
CA PHE B 244 -4.77 -19.51 25.02
C PHE B 244 -3.91 -20.78 24.86
N THR B 245 -4.51 -21.95 24.89
CA THR B 245 -3.73 -23.19 24.88
C THR B 245 -4.04 -24.23 23.82
N GLU B 246 -4.90 -23.87 22.88
CA GLU B 246 -5.22 -24.79 21.78
C GLU B 246 -5.31 -23.95 20.52
N THR B 247 -4.99 -24.55 19.38
CA THR B 247 -5.05 -23.85 18.11
C THR B 247 -6.41 -23.18 17.90
N LEU B 248 -6.40 -21.89 17.62
CA LEU B 248 -7.64 -21.20 17.35
C LEU B 248 -7.86 -21.27 15.85
N TYR B 249 -9.06 -21.68 15.44
CA TYR B 249 -9.42 -21.78 14.03
C TYR B 249 -10.36 -20.64 13.66
N ILE B 250 -9.84 -19.68 12.88
CA ILE B 250 -10.64 -18.53 12.47
C ILE B 250 -11.66 -18.91 11.40
N PRO B 251 -12.96 -18.77 11.71
CA PRO B 251 -13.99 -19.09 10.71
C PRO B 251 -14.13 -17.91 9.73
N PRO B 252 -14.77 -18.15 8.57
CA PRO B 252 -15.00 -17.10 7.58
C PRO B 252 -15.86 -15.97 8.16
N GLY B 253 -15.74 -14.77 7.58
CA GLY B 253 -16.51 -13.63 8.02
C GLY B 253 -16.04 -13.01 9.34
N VAL B 254 -14.74 -12.88 9.52
CA VAL B 254 -14.19 -12.31 10.75
C VAL B 254 -13.16 -11.23 10.44
N SER B 255 -13.24 -10.13 11.18
CA SER B 255 -12.31 -9.03 11.07
C SER B 255 -11.72 -8.82 12.46
N ILE B 256 -10.39 -8.91 12.59
CA ILE B 256 -9.77 -8.73 13.91
C ILE B 256 -9.00 -7.44 13.91
N GLU B 257 -9.10 -6.71 15.01
CA GLU B 257 -8.47 -5.41 15.13
C GLU B 257 -7.83 -5.15 16.50
N ILE B 258 -6.70 -4.44 16.50
CA ILE B 258 -5.96 -4.04 17.70
C ILE B 258 -5.52 -2.60 17.40
N PRO B 259 -5.50 -1.72 18.42
CA PRO B 259 -5.12 -0.31 18.17
C PRO B 259 -3.81 -0.11 17.41
N THR B 260 -2.72 -0.74 17.86
CA THR B 260 -1.45 -0.60 17.15
C THR B 260 -0.76 -1.95 16.96
N SER B 261 0.14 -1.99 15.98
CA SER B 261 0.87 -3.18 15.71
C SER B 261 2.17 -3.18 16.51
N ASN B 262 2.53 -4.33 17.04
CA ASN B 262 3.74 -4.39 17.83
C ASN B 262 4.98 -4.42 16.91
N PHE B 263 6.09 -3.86 17.39
CA PHE B 263 7.31 -3.77 16.61
C PHE B 263 8.51 -4.01 17.51
N PHE B 264 9.09 -5.20 17.44
CA PHE B 264 10.26 -5.56 18.26
C PHE B 264 10.11 -5.27 19.77
N THR B 265 8.88 -5.29 20.31
CA THR B 265 8.74 -4.98 21.73
C THR B 265 9.03 -6.16 22.64
N ARG B 266 9.65 -5.85 23.78
CA ARG B 266 10.05 -6.84 24.76
C ARG B 266 8.91 -7.53 25.51
N GLU B 267 7.79 -6.83 25.69
CA GLU B 267 6.66 -7.41 26.40
C GLU B 267 5.31 -7.09 25.77
N CYS B 268 4.70 -8.12 25.19
CA CYS B 268 3.41 -8.00 24.54
C CYS B 268 2.33 -7.68 25.56
N LYS B 269 1.58 -6.62 25.33
CA LYS B 269 0.52 -6.21 26.25
C LYS B 269 -0.86 -6.39 25.65
N GLN B 270 -0.92 -6.48 24.32
CA GLN B 270 -2.19 -6.65 23.62
C GLN B 270 -2.04 -7.69 22.52
N GLY B 271 -2.99 -8.63 22.46
CA GLY B 271 -2.93 -9.66 21.46
C GLY B 271 -3.21 -11.05 22.02
N LEU B 272 -2.69 -12.05 21.34
CA LEU B 272 -2.87 -13.44 21.72
C LEU B 272 -1.53 -14.10 22.06
N PHE B 273 -1.54 -14.91 23.12
CA PHE B 273 -0.37 -15.63 23.57
C PHE B 273 -0.66 -17.14 23.57
N TYR B 274 -0.05 -17.86 22.61
CA TYR B 274 -0.26 -19.30 22.49
C TYR B 274 0.74 -20.03 23.39
N ASP B 275 0.22 -20.80 24.33
CA ASP B 275 1.03 -21.53 25.31
C ASP B 275 0.47 -22.95 25.50
N PRO B 276 0.62 -23.82 24.49
CA PRO B 276 0.09 -25.18 24.54
C PRO B 276 1.00 -26.19 25.24
N VAL B 277 0.44 -27.32 25.65
CA VAL B 277 1.27 -28.35 26.24
C VAL B 277 2.03 -29.02 25.09
N ASP B 278 1.33 -29.24 23.98
CA ASP B 278 1.92 -29.82 22.77
C ASP B 278 2.51 -28.69 21.90
N LYS B 279 3.83 -28.56 21.91
CA LYS B 279 4.50 -27.52 21.11
C LYS B 279 4.50 -27.78 19.59
N ASN B 280 4.26 -29.03 19.18
CA ASN B 280 4.23 -29.41 17.76
C ASN B 280 2.89 -29.03 17.16
N THR B 281 2.52 -27.76 17.28
CA THR B 281 1.24 -27.29 16.77
C THR B 281 1.34 -25.88 16.22
N ALA B 282 0.22 -25.34 15.77
CA ALA B 282 0.14 -23.99 15.25
C ALA B 282 -0.74 -23.15 16.16
N ALA B 283 -0.34 -21.90 16.41
CA ALA B 283 -1.12 -20.99 17.24
C ALA B 283 -2.48 -20.66 16.63
N ILE B 284 -2.48 -20.21 15.39
CA ILE B 284 -3.70 -19.82 14.71
C ILE B 284 -3.74 -20.44 13.33
N SER B 285 -4.92 -20.87 12.90
CA SER B 285 -5.05 -21.48 11.58
C SER B 285 -6.34 -21.11 10.90
N LEU B 286 -6.29 -20.99 9.58
CA LEU B 286 -7.49 -20.75 8.81
C LEU B 286 -8.12 -22.15 8.68
N MET B 287 -9.36 -22.22 8.22
CA MET B 287 -10.04 -23.51 8.08
C MET B 287 -10.00 -24.09 6.68
N VAL B 288 -9.49 -25.31 6.58
CA VAL B 288 -9.43 -26.03 5.31
C VAL B 288 -9.94 -27.44 5.59
N TYR B 289 -10.94 -27.87 4.83
CA TYR B 289 -11.54 -29.21 5.02
C TYR B 289 -10.99 -30.28 4.07
N ARG B 290 -10.68 -31.45 4.64
CA ARG B 290 -10.11 -32.57 3.91
C ARG B 290 -11.09 -33.73 3.71
N LYS B 291 -11.20 -34.20 2.47
CA LYS B 291 -12.10 -35.29 2.12
C LYS B 291 -11.73 -36.59 2.84
N GLN B 292 -12.76 -37.26 3.36
CA GLN B 292 -12.61 -38.52 4.06
C GLN B 292 -12.94 -39.65 3.08
N PRO B 293 -12.50 -40.88 3.36
CA PRO B 293 -12.80 -41.99 2.44
C PRO B 293 -14.28 -42.10 2.09
N ASP B 294 -15.16 -41.83 3.06
CA ASP B 294 -16.60 -41.93 2.84
C ASP B 294 -17.26 -40.73 2.15
N GLY B 295 -16.44 -39.81 1.64
CA GLY B 295 -16.96 -38.65 0.94
C GLY B 295 -17.32 -37.46 1.81
N SER B 296 -17.21 -37.62 3.12
CA SER B 296 -17.50 -36.52 4.04
C SER B 296 -16.26 -35.64 4.23
N TYR B 297 -16.40 -34.53 4.94
CA TYR B 297 -15.27 -33.63 5.16
C TYR B 297 -14.98 -33.30 6.61
N LYS B 298 -13.71 -33.22 6.96
CA LYS B 298 -13.27 -32.93 8.32
C LYS B 298 -12.20 -31.83 8.33
N LEU B 299 -12.40 -30.84 9.18
CA LEU B 299 -11.49 -29.71 9.34
C LEU B 299 -10.08 -30.17 9.58
N ASN B 300 -9.10 -29.59 8.88
CA ASN B 300 -7.72 -30.01 9.12
C ASN B 300 -7.23 -29.55 10.48
N LYS B 301 -6.63 -30.48 11.22
CA LYS B 301 -6.08 -30.18 12.54
C LYS B 301 -4.61 -30.57 12.61
N ASP B 302 -4.07 -30.99 11.47
CA ASP B 302 -2.67 -31.37 11.40
C ASP B 302 -1.82 -30.11 11.20
N VAL B 303 -0.80 -29.93 12.04
CA VAL B 303 0.05 -28.75 11.93
C VAL B 303 0.82 -28.69 10.61
N ASP B 304 1.28 -29.85 10.14
CA ASP B 304 2.08 -29.91 8.92
C ASP B 304 1.28 -29.83 7.63
N TYR B 305 -0.02 -30.07 7.69
CA TYR B 305 -0.83 -30.06 6.48
C TYR B 305 -1.08 -28.71 5.81
N TYR B 306 -0.97 -28.69 4.49
CA TYR B 306 -1.28 -27.49 3.71
C TYR B 306 -1.91 -27.95 2.39
N PRO B 307 -3.02 -27.31 1.99
CA PRO B 307 -3.67 -27.69 0.75
C PRO B 307 -2.91 -27.22 -0.49
N THR B 308 -2.92 -28.03 -1.54
CA THR B 308 -2.27 -27.66 -2.80
C THR B 308 -3.36 -27.18 -3.75
N GLY B 309 -2.96 -26.60 -4.88
CA GLY B 309 -3.91 -26.14 -5.86
C GLY B 309 -4.65 -27.35 -6.40
N LEU B 310 -3.89 -28.46 -6.51
CA LEU B 310 -4.44 -29.72 -7.00
C LEU B 310 -5.58 -30.16 -6.10
N ASP B 311 -5.31 -30.26 -4.79
CA ASP B 311 -6.29 -30.66 -3.77
C ASP B 311 -7.59 -29.87 -3.90
N ILE B 312 -7.46 -28.60 -4.21
CA ILE B 312 -8.61 -27.73 -4.32
C ILE B 312 -9.39 -28.01 -5.61
N ASP B 313 -8.66 -28.31 -6.69
CA ASP B 313 -9.27 -28.63 -7.96
C ASP B 313 -9.83 -30.05 -7.87
N ASN B 314 -9.08 -30.89 -7.16
CA ASN B 314 -9.39 -32.31 -6.94
C ASN B 314 -10.66 -32.53 -6.11
N GLY B 315 -10.84 -31.71 -5.08
CA GLY B 315 -11.97 -31.84 -4.18
C GLY B 315 -11.49 -32.49 -2.89
N ASP B 316 -10.22 -32.90 -2.90
CA ASP B 316 -9.57 -33.51 -1.73
C ASP B 316 -9.53 -32.53 -0.59
N ALA B 317 -9.54 -31.25 -0.92
CA ALA B 317 -9.54 -30.19 0.07
C ALA B 317 -10.53 -29.14 -0.37
N ILE B 318 -11.26 -28.60 0.60
CA ILE B 318 -12.20 -27.55 0.30
C ILE B 318 -11.91 -26.45 1.31
N THR B 319 -11.62 -25.27 0.78
CA THR B 319 -11.31 -24.11 1.60
C THR B 319 -12.53 -23.58 2.33
N CYS B 320 -12.34 -23.21 3.59
CA CYS B 320 -13.40 -22.58 4.36
C CYS B 320 -12.75 -21.37 5.02
N ALA B 321 -12.00 -20.62 4.21
CA ALA B 321 -11.27 -19.44 4.63
C ALA B 321 -11.52 -18.35 3.63
N ARG B 322 -12.46 -17.47 3.96
CA ARG B 322 -12.81 -16.36 3.09
C ARG B 322 -13.40 -15.24 3.93
N LYS B 323 -13.35 -14.00 3.43
CA LYS B 323 -13.87 -12.86 4.17
C LYS B 323 -13.20 -12.74 5.54
N ILE B 324 -11.87 -12.81 5.55
CA ILE B 324 -11.11 -12.67 6.77
C ILE B 324 -10.13 -11.50 6.60
N ASP B 325 -10.20 -10.54 7.52
CA ASP B 325 -9.38 -9.34 7.48
C ASP B 325 -8.74 -9.12 8.85
N ILE B 326 -7.42 -8.88 8.85
CA ILE B 326 -6.69 -8.73 10.12
C ILE B 326 -5.90 -7.43 10.20
N ASN B 327 -6.23 -6.60 11.17
CA ASN B 327 -5.55 -5.34 11.37
C ASN B 327 -4.85 -5.23 12.71
N ASN B 328 -3.52 -5.33 12.68
CA ASN B 328 -2.67 -5.20 13.86
C ASN B 328 -2.70 -6.31 14.88
N LEU B 329 -3.06 -7.51 14.47
CA LEU B 329 -3.07 -8.62 15.42
C LEU B 329 -1.64 -8.91 15.89
N ASN B 330 -1.44 -8.99 17.20
CA ASN B 330 -0.14 -9.34 17.74
C ASN B 330 -0.25 -10.77 18.22
N LEU B 331 0.65 -11.64 17.77
CA LEU B 331 0.63 -13.02 18.18
C LEU B 331 1.97 -13.42 18.74
N ILE B 332 2.01 -13.81 20.01
CA ILE B 332 3.25 -14.28 20.60
C ILE B 332 3.04 -15.76 20.91
N THR B 333 4.10 -16.47 21.22
CA THR B 333 3.95 -17.87 21.47
C THR B 333 5.01 -18.35 22.46
N ALA B 334 4.74 -19.44 23.16
CA ALA B 334 5.73 -19.98 24.07
C ALA B 334 6.95 -20.45 23.27
N PRO B 335 8.15 -20.44 23.88
CA PRO B 335 9.30 -20.92 23.11
C PRO B 335 9.07 -22.38 22.66
N GLY B 336 9.53 -22.74 21.46
CA GLY B 336 9.37 -24.11 20.98
C GLY B 336 8.14 -24.38 20.15
N VAL B 337 7.19 -23.45 20.13
CA VAL B 337 5.98 -23.68 19.34
C VAL B 337 6.40 -23.76 17.87
N LYS B 338 5.84 -24.75 17.16
CA LYS B 338 6.23 -24.98 15.78
C LYS B 338 5.86 -23.87 14.80
N VAL B 339 4.57 -23.54 14.75
CA VAL B 339 4.08 -22.54 13.82
C VAL B 339 3.21 -21.46 14.47
N GLY B 340 3.39 -20.22 14.02
CA GLY B 340 2.60 -19.13 14.53
C GLY B 340 1.26 -19.10 13.81
N VAL B 341 1.29 -18.80 12.52
CA VAL B 341 0.05 -18.69 11.76
C VAL B 341 0.02 -19.57 10.53
N LYS B 342 -1.08 -20.28 10.33
CA LYS B 342 -1.25 -21.12 9.16
C LYS B 342 -2.27 -20.44 8.28
N TRP B 343 -1.78 -19.68 7.31
CA TRP B 343 -2.60 -18.95 6.37
C TRP B 343 -2.87 -19.87 5.18
N ILE B 344 -3.67 -20.90 5.44
CA ILE B 344 -3.97 -21.89 4.42
C ILE B 344 -5.38 -21.72 3.85
N GLY B 345 -5.46 -21.73 2.52
CA GLY B 345 -6.74 -21.58 1.83
C GLY B 345 -7.29 -20.17 1.85
N GLY B 346 -6.52 -19.20 2.38
CA GLY B 346 -7.02 -17.84 2.50
C GLY B 346 -7.04 -16.96 1.26
N ALA B 347 -7.62 -17.44 0.16
CA ALA B 347 -7.69 -16.65 -1.07
C ALA B 347 -8.49 -15.36 -0.86
N GLY B 348 -7.90 -14.24 -1.25
CA GLY B 348 -8.56 -12.95 -1.12
C GLY B 348 -8.63 -12.41 0.30
N CYS B 349 -8.05 -13.14 1.25
CA CYS B 349 -8.06 -12.72 2.65
C CYS B 349 -6.95 -11.69 2.79
N THR B 350 -7.08 -10.79 3.76
CA THR B 350 -6.09 -9.73 3.86
C THR B 350 -5.56 -9.48 5.26
N THR B 351 -4.42 -8.82 5.29
CA THR B 351 -3.73 -8.57 6.53
C THR B 351 -2.96 -7.24 6.50
N LYS B 352 -2.94 -6.54 7.64
CA LYS B 352 -2.20 -5.29 7.78
C LYS B 352 -1.70 -5.21 9.20
N GLY B 353 -0.39 -5.14 9.39
CA GLY B 353 0.15 -5.06 10.73
C GLY B 353 0.21 -6.35 11.54
N LEU B 354 0.04 -7.51 10.89
CA LEU B 354 0.15 -8.78 11.59
C LEU B 354 1.58 -8.81 12.13
N SER B 355 1.70 -8.98 13.44
CA SER B 355 2.99 -8.95 14.08
C SER B 355 3.15 -10.21 14.90
N ILE B 356 4.12 -11.04 14.52
CA ILE B 356 4.34 -12.31 15.19
C ILE B 356 5.62 -12.35 16.00
N GLY B 357 5.54 -12.89 17.21
CA GLY B 357 6.71 -13.04 18.06
C GLY B 357 7.02 -11.89 18.98
N GLU B 358 7.75 -12.18 20.05
CA GLU B 358 8.14 -11.18 21.03
C GLU B 358 9.66 -11.11 21.18
N ASN B 359 10.17 -9.89 21.31
CA ASN B 359 11.59 -9.67 21.52
C ASN B 359 11.83 -9.76 23.04
N THR B 360 11.56 -10.94 23.57
CA THR B 360 11.63 -11.24 25.00
C THR B 360 12.96 -10.86 25.64
N GLY B 361 14.06 -11.31 25.04
CA GLY B 361 15.38 -11.04 25.58
C GLY B 361 16.46 -11.45 24.59
N SER B 362 17.71 -11.38 25.00
CA SER B 362 18.83 -11.70 24.11
C SER B 362 18.98 -13.19 23.82
N ASP B 363 18.39 -14.06 24.64
CA ASP B 363 18.49 -15.51 24.40
C ASP B 363 17.29 -16.01 23.59
N ILE B 364 17.51 -16.28 22.31
CA ILE B 364 16.44 -16.71 21.43
C ILE B 364 15.75 -18.02 21.84
N THR B 365 16.46 -18.89 22.56
CA THR B 365 15.88 -20.17 22.96
C THR B 365 14.76 -20.01 23.99
N THR B 366 14.75 -18.87 24.68
CA THR B 366 13.71 -18.63 25.67
C THR B 366 12.78 -17.50 25.25
N ALA B 367 12.98 -16.94 24.04
CA ALA B 367 12.09 -15.88 23.58
C ALA B 367 10.74 -16.43 23.23
N ARG B 368 9.72 -15.58 23.39
CA ARG B 368 8.36 -15.99 23.10
C ARG B 368 7.98 -15.76 21.64
N LEU B 369 8.55 -16.58 20.78
CA LEU B 369 8.33 -16.52 19.34
C LEU B 369 8.31 -17.95 18.79
N PRO B 370 7.69 -18.16 17.63
CA PRO B 370 7.63 -19.53 17.11
C PRO B 370 8.84 -19.88 16.25
N ARG B 371 9.04 -21.18 16.04
CA ARG B 371 10.13 -21.64 15.22
C ARG B 371 9.88 -21.20 13.78
N VAL B 372 8.63 -21.39 13.34
CA VAL B 372 8.19 -20.99 12.01
C VAL B 372 7.06 -19.96 12.19
N GLY B 373 7.28 -18.74 11.69
CA GLY B 373 6.31 -17.67 11.84
C GLY B 373 5.00 -17.83 11.10
N LEU B 374 5.08 -18.01 9.80
CA LEU B 374 3.90 -18.11 8.98
C LEU B 374 4.07 -19.11 7.86
N LEU B 375 3.05 -19.93 7.63
CA LEU B 375 3.08 -20.94 6.58
C LEU B 375 1.85 -20.70 5.73
N GLN B 376 2.04 -20.43 4.44
CA GLN B 376 0.92 -20.10 3.56
C GLN B 376 0.81 -20.92 2.25
N SER B 377 -0.40 -21.30 1.89
CA SER B 377 -0.64 -22.02 0.64
C SER B 377 -2.08 -21.80 0.21
N ALA B 378 -2.34 -22.04 -1.07
CA ALA B 378 -3.69 -21.90 -1.64
C ALA B 378 -4.34 -20.57 -1.28
N SER B 379 -3.54 -19.50 -1.31
CA SER B 379 -4.07 -18.19 -0.94
C SER B 379 -3.84 -17.14 -2.03
N TRP B 380 -4.21 -17.47 -3.26
CA TRP B 380 -4.10 -16.54 -4.36
C TRP B 380 -4.91 -15.28 -4.06
N GLY B 381 -4.42 -14.13 -4.51
CA GLY B 381 -5.09 -12.86 -4.28
C GLY B 381 -5.09 -12.37 -2.84
N SER B 382 -4.32 -12.99 -1.95
CA SER B 382 -4.27 -12.55 -0.55
C SER B 382 -3.18 -11.49 -0.40
N ILE B 383 -3.44 -10.48 0.42
CA ILE B 383 -2.47 -9.41 0.60
C ILE B 383 -2.02 -9.23 2.04
N HIS B 384 -0.70 -9.22 2.28
CA HIS B 384 -0.17 -8.98 3.61
C HIS B 384 0.56 -7.65 3.62
N GLU B 385 -0.06 -6.63 4.20
CA GLU B 385 0.56 -5.31 4.27
C GLU B 385 1.33 -5.15 5.57
N ASN B 386 2.59 -4.75 5.45
CA ASN B 386 3.44 -4.49 6.60
C ASN B 386 3.46 -5.59 7.66
N LEU B 387 3.70 -6.82 7.20
CA LEU B 387 3.78 -7.97 8.08
C LEU B 387 5.07 -7.88 8.90
N ARG B 388 5.00 -8.19 10.19
CA ARG B 388 6.18 -8.17 11.06
C ARG B 388 6.39 -9.56 11.65
N ILE B 389 7.60 -10.11 11.50
CA ILE B 389 7.86 -11.44 12.04
C ILE B 389 9.20 -11.56 12.75
N LEU B 390 9.14 -12.07 13.99
CA LEU B 390 10.33 -12.37 14.76
C LEU B 390 10.24 -13.89 14.87
N TYR B 391 11.23 -14.60 14.33
CA TYR B 391 11.22 -16.06 14.31
C TYR B 391 12.52 -16.67 14.79
N LYS B 392 12.55 -18.00 14.94
CA LYS B 392 13.76 -18.71 15.35
C LYS B 392 14.39 -19.53 14.22
N THR B 393 13.56 -20.27 13.49
CA THR B 393 14.02 -21.15 12.41
C THR B 393 13.66 -20.64 11.01
N GLN B 394 12.39 -20.33 10.79
CA GLN B 394 11.89 -19.82 9.53
C GLN B 394 10.88 -18.68 9.74
N GLY B 395 11.02 -17.62 8.97
CA GLY B 395 10.11 -16.49 9.08
C GLY B 395 8.77 -16.78 8.46
N ALA B 396 8.74 -16.79 7.12
CA ALA B 396 7.53 -17.06 6.35
C ALA B 396 7.82 -18.09 5.26
N VAL B 397 6.85 -18.95 4.99
CA VAL B 397 6.97 -20.00 3.99
C VAL B 397 5.74 -19.91 3.12
N PHE B 398 5.94 -19.88 1.81
CA PHE B 398 4.85 -19.80 0.85
C PHE B 398 4.97 -20.97 -0.09
N ILE B 399 3.94 -21.81 -0.15
CA ILE B 399 4.00 -23.02 -0.97
C ILE B 399 2.85 -23.22 -1.93
N ASP B 400 3.15 -23.77 -3.10
CA ASP B 400 2.13 -24.10 -4.10
C ASP B 400 1.33 -22.88 -4.55
N SER B 401 0.07 -23.07 -4.92
CA SER B 401 -0.76 -21.98 -5.43
C SER B 401 -0.95 -20.75 -4.52
N ASN B 402 -0.44 -19.61 -4.99
CA ASN B 402 -0.60 -18.33 -4.30
C ASN B 402 -0.65 -17.21 -5.33
N GLY B 403 -1.19 -17.53 -6.51
CA GLY B 403 -1.26 -16.59 -7.62
C GLY B 403 -1.70 -15.18 -7.32
N GLY B 404 -0.85 -14.20 -7.64
CA GLY B 404 -1.19 -12.81 -7.43
C GLY B 404 -1.14 -12.30 -5.99
N ALA B 405 -0.75 -13.17 -5.06
CA ALA B 405 -0.64 -12.80 -3.65
C ALA B 405 0.49 -11.80 -3.49
N ALA B 406 0.39 -10.91 -2.51
CA ALA B 406 1.44 -9.92 -2.31
C ALA B 406 1.82 -9.77 -0.85
N VAL B 407 3.10 -9.52 -0.64
CA VAL B 407 3.64 -9.31 0.70
C VAL B 407 4.42 -8.00 0.62
N ASN B 408 3.81 -6.94 1.14
CA ASN B 408 4.41 -5.60 1.05
C ASN B 408 4.98 -5.06 2.35
N ASN B 409 6.17 -4.49 2.27
CA ASN B 409 6.84 -3.89 3.42
C ASN B 409 6.94 -4.83 4.62
N ALA B 410 7.18 -6.11 4.36
CA ALA B 410 7.33 -7.06 5.45
C ALA B 410 8.61 -6.74 6.21
N TYR B 411 8.61 -6.97 7.51
CA TYR B 411 9.80 -6.74 8.31
C TYR B 411 9.97 -8.10 9.00
N ILE B 412 10.89 -8.89 8.47
CA ILE B 412 11.10 -10.25 8.99
C ILE B 412 12.52 -10.36 9.51
N SER B 413 12.66 -10.82 10.74
CA SER B 413 13.99 -10.93 11.33
C SER B 413 14.08 -12.05 12.33
N ARG B 414 15.25 -12.66 12.42
CA ARG B 414 15.43 -13.66 13.45
C ARG B 414 15.83 -12.83 14.66
N LEU B 415 15.52 -13.31 15.86
CA LEU B 415 15.90 -12.57 17.07
C LEU B 415 17.39 -12.76 17.35
N GLY B 416 18.22 -12.08 16.57
CA GLY B 416 19.66 -12.22 16.72
C GLY B 416 20.20 -13.32 15.81
N ASN B 417 21.54 -13.34 15.75
CA ASN B 417 22.34 -14.24 14.93
C ASN B 417 22.86 -15.50 15.59
N THR B 418 22.84 -15.52 16.92
CA THR B 418 23.40 -16.63 17.69
C THR B 418 22.88 -17.99 17.29
N ASN B 419 23.81 -18.82 16.80
CA ASN B 419 23.51 -20.18 16.37
C ASN B 419 22.52 -20.29 15.22
N GLY B 420 22.24 -19.18 14.55
CA GLY B 420 21.32 -19.18 13.43
C GLY B 420 21.71 -20.17 12.34
N GLU B 421 23.01 -20.33 12.13
CA GLU B 421 23.52 -21.23 11.11
C GLU B 421 23.29 -22.70 11.42
N LEU B 422 22.73 -22.98 12.61
CA LEU B 422 22.48 -24.35 13.01
C LEU B 422 21.01 -24.70 12.92
N GLU B 423 20.18 -23.73 12.53
CA GLU B 423 18.74 -23.98 12.44
C GLU B 423 18.43 -24.83 11.20
N GLN B 424 17.51 -25.77 11.34
CA GLN B 424 17.14 -26.59 10.19
C GLN B 424 15.75 -26.24 9.72
N ALA B 425 15.65 -25.73 8.50
CA ALA B 425 14.36 -25.35 7.93
C ALA B 425 13.40 -26.53 8.04
N VAL B 426 12.17 -26.23 8.47
CA VAL B 426 11.14 -27.24 8.64
C VAL B 426 10.34 -27.50 7.36
N TYR B 427 9.85 -26.42 6.75
CA TYR B 427 9.08 -26.53 5.51
C TYR B 427 9.93 -25.95 4.37
N LYS B 428 10.46 -26.84 3.54
CA LYS B 428 11.40 -26.45 2.48
C LYS B 428 11.36 -27.36 1.27
N PRO B 429 11.88 -26.86 0.12
CA PRO B 429 11.90 -27.72 -1.07
C PRO B 429 12.95 -28.83 -0.93
N ALA B 430 12.75 -29.95 -1.62
CA ALA B 430 13.69 -31.08 -1.57
C ALA B 430 15.08 -30.65 -1.99
N GLY B 431 15.15 -29.74 -2.97
CA GLY B 431 16.42 -29.25 -3.46
C GLY B 431 17.21 -28.38 -2.47
N PHE B 432 16.57 -27.94 -1.38
CA PHE B 432 17.30 -27.15 -0.39
C PHE B 432 17.76 -28.03 0.77
N THR B 433 19.05 -28.31 0.83
CA THR B 433 19.58 -29.18 1.85
C THR B 433 20.55 -28.54 2.84
N GLU B 434 20.85 -27.26 2.69
CA GLU B 434 21.79 -26.63 3.61
C GLU B 434 21.16 -26.43 4.97
N VAL B 435 22.02 -26.23 5.97
CA VAL B 435 21.57 -25.97 7.32
C VAL B 435 21.68 -24.47 7.57
N GLY B 436 20.73 -23.91 8.31
CA GLY B 436 20.74 -22.49 8.64
C GLY B 436 19.34 -21.92 8.55
N ASP B 437 19.04 -20.90 9.35
CA ASP B 437 17.72 -20.31 9.36
C ASP B 437 17.39 -19.63 8.03
N VAL B 438 16.09 -19.64 7.67
CA VAL B 438 15.63 -19.02 6.44
C VAL B 438 14.52 -17.98 6.71
N ALA B 439 14.71 -16.73 6.30
CA ALA B 439 13.65 -15.75 6.58
C ALA B 439 12.41 -15.97 5.72
N VAL B 440 12.61 -16.21 4.43
CA VAL B 440 11.52 -16.43 3.48
C VAL B 440 11.81 -17.64 2.60
N THR B 441 10.86 -18.57 2.57
CA THR B 441 11.01 -19.79 1.80
C THR B 441 9.83 -19.86 0.84
N GLN B 442 10.08 -20.26 -0.40
CA GLN B 442 8.99 -20.35 -1.36
C GLN B 442 9.26 -21.49 -2.33
N PHE B 443 8.23 -22.26 -2.66
CA PHE B 443 8.44 -23.35 -3.59
C PHE B 443 7.14 -23.94 -4.08
N ALA B 444 7.26 -24.98 -4.91
CA ALA B 444 6.12 -25.68 -5.48
C ALA B 444 5.25 -24.84 -6.40
N GLY B 445 5.82 -23.81 -7.03
CA GLY B 445 5.04 -22.99 -7.94
C GLY B 445 4.43 -21.74 -7.34
N SER B 446 4.77 -21.44 -6.08
CA SER B 446 4.25 -20.24 -5.44
C SER B 446 5.08 -19.08 -6.00
N GLU B 447 4.40 -17.99 -6.32
CA GLU B 447 5.04 -16.81 -6.88
C GLU B 447 4.50 -15.53 -6.28
N VAL B 448 4.65 -15.42 -4.97
CA VAL B 448 4.21 -14.25 -4.22
C VAL B 448 5.17 -13.07 -4.58
N LYS B 449 4.64 -11.86 -4.67
CA LYS B 449 5.47 -10.70 -4.96
C LYS B 449 5.94 -10.06 -3.67
N PHE B 450 7.26 -9.94 -3.52
CA PHE B 450 7.83 -9.36 -2.33
C PHE B 450 8.31 -7.95 -2.64
N ASN B 451 7.55 -6.98 -2.14
CA ASN B 451 7.87 -5.56 -2.36
C ASN B 451 8.44 -4.92 -1.12
N SER B 452 9.64 -4.37 -1.27
CA SER B 452 10.35 -3.72 -0.16
C SER B 452 10.40 -4.48 1.16
N PRO B 453 10.82 -5.76 1.14
CA PRO B 453 10.87 -6.42 2.43
C PRO B 453 12.12 -5.98 3.19
N ILE B 454 12.07 -6.07 4.51
CA ILE B 454 13.22 -5.76 5.35
C ILE B 454 13.54 -7.09 6.01
N ILE B 455 14.73 -7.62 5.75
CA ILE B 455 15.13 -8.91 6.29
C ILE B 455 16.40 -8.77 7.11
N GLU B 456 16.37 -9.22 8.37
CA GLU B 456 17.51 -9.07 9.25
C GLU B 456 17.92 -10.33 10.02
N GLN B 457 19.22 -10.43 10.29
CA GLN B 457 19.83 -11.55 11.03
C GLN B 457 19.60 -12.95 10.47
N ALA B 458 19.42 -13.08 9.16
CA ALA B 458 19.16 -14.40 8.59
C ALA B 458 20.35 -15.08 7.93
N SER B 459 20.43 -16.40 8.09
CA SER B 459 21.47 -17.21 7.46
C SER B 459 21.19 -17.17 5.95
N PHE B 460 19.92 -17.40 5.61
CA PHE B 460 19.43 -17.32 4.24
C PHE B 460 18.29 -16.32 4.21
N ASP B 461 18.41 -15.26 3.41
CA ASP B 461 17.31 -14.29 3.37
C ASP B 461 16.12 -14.90 2.65
N PHE B 462 16.38 -15.48 1.47
CA PHE B 462 15.32 -16.09 0.68
C PHE B 462 15.77 -17.43 0.07
N VAL B 463 14.89 -18.43 0.12
CA VAL B 463 15.13 -19.72 -0.51
C VAL B 463 13.90 -19.92 -1.36
N HIS B 464 14.09 -20.06 -2.66
CA HIS B 464 12.99 -20.21 -3.60
C HIS B 464 13.29 -21.28 -4.63
N ALA B 465 12.34 -22.17 -4.87
CA ALA B 465 12.48 -23.21 -5.87
C ALA B 465 11.32 -23.08 -6.85
N GLY B 466 11.61 -23.15 -8.14
CA GLY B 466 10.54 -23.09 -9.12
C GLY B 466 9.86 -24.45 -9.06
N ARG B 467 8.74 -24.59 -9.77
CA ARG B 467 8.03 -25.87 -9.77
C ARG B 467 8.90 -26.99 -10.38
N ASP B 468 8.89 -28.18 -9.77
CA ASP B 468 9.70 -29.32 -10.24
C ASP B 468 9.52 -29.65 -11.73
N THR B 469 8.26 -29.69 -12.13
CA THR B 469 7.87 -29.99 -13.50
C THR B 469 8.43 -29.12 -14.62
N ASP B 470 8.18 -27.81 -14.52
CA ASP B 470 8.56 -26.89 -15.58
C ASP B 470 9.25 -25.61 -15.14
N SER B 471 9.77 -25.59 -13.93
CA SER B 471 10.46 -24.42 -13.39
C SER B 471 9.55 -23.18 -13.22
N TYR B 472 8.23 -23.39 -13.20
CA TYR B 472 7.28 -22.29 -13.03
C TYR B 472 7.38 -21.63 -11.63
N GLY B 473 7.09 -20.33 -11.57
CA GLY B 473 7.11 -19.61 -10.31
C GLY B 473 8.24 -18.59 -10.25
N LEU B 474 7.98 -17.39 -10.75
CA LEU B 474 8.99 -16.33 -10.77
C LEU B 474 9.29 -15.81 -9.37
N PHE B 475 10.58 -15.73 -9.03
CA PHE B 475 11.01 -15.18 -7.76
C PHE B 475 11.07 -13.64 -7.95
N MET B 476 10.18 -12.92 -7.27
CA MET B 476 10.07 -11.47 -7.40
C MET B 476 10.31 -10.69 -6.11
N VAL B 477 11.45 -10.01 -6.04
CA VAL B 477 11.78 -9.19 -4.89
C VAL B 477 12.18 -7.80 -5.38
N ASP B 478 11.43 -6.80 -4.96
CA ASP B 478 11.75 -5.45 -5.36
C ASP B 478 12.32 -4.65 -4.17
N LYS B 479 13.59 -4.26 -4.29
CA LYS B 479 14.30 -3.45 -3.29
C LYS B 479 14.32 -4.02 -1.87
N PRO B 480 14.96 -5.19 -1.67
CA PRO B 480 14.98 -5.75 -0.31
C PRO B 480 16.00 -5.02 0.55
N HIS B 481 15.68 -4.77 1.81
CA HIS B 481 16.61 -4.11 2.70
C HIS B 481 17.21 -5.23 3.56
N ILE B 482 18.41 -5.68 3.21
CA ILE B 482 19.04 -6.80 3.92
C ILE B 482 20.19 -6.41 4.85
N GLU B 483 20.08 -6.82 6.13
CA GLU B 483 21.11 -6.55 7.13
C GLU B 483 21.33 -7.71 8.08
N SER B 484 22.54 -7.79 8.64
CA SER B 484 22.89 -8.84 9.58
C SER B 484 24.06 -8.42 10.46
N SER B 485 23.87 -8.53 11.78
CA SER B 485 24.90 -8.18 12.75
C SER B 485 26.18 -8.94 12.48
N GLY B 486 27.30 -8.23 12.56
CA GLY B 486 28.61 -8.83 12.33
C GLY B 486 28.79 -9.46 10.97
N GLY B 487 27.89 -9.15 10.02
CA GLY B 487 27.97 -9.69 8.67
C GLY B 487 27.93 -11.21 8.60
N LYS B 488 27.14 -11.82 9.47
CA LYS B 488 26.97 -13.26 9.52
C LYS B 488 25.87 -13.62 8.52
N LYS B 489 26.18 -14.48 7.55
CA LYS B 489 25.20 -14.84 6.52
C LYS B 489 25.74 -15.91 5.56
N LYS B 490 24.83 -16.75 5.04
CA LYS B 490 25.22 -17.76 4.06
C LYS B 490 24.96 -17.21 2.66
N HIS B 491 23.69 -16.94 2.36
CA HIS B 491 23.27 -16.41 1.06
C HIS B 491 22.04 -15.51 1.19
N SER B 492 21.82 -14.62 0.23
CA SER B 492 20.61 -13.79 0.28
C SER B 492 19.53 -14.41 -0.61
N PHE B 493 19.94 -14.86 -1.79
CA PHE B 493 19.01 -15.46 -2.73
C PHE B 493 19.50 -16.86 -3.14
N TYR B 494 18.95 -17.87 -2.50
CA TYR B 494 19.28 -19.26 -2.79
C TYR B 494 18.17 -19.71 -3.73
N LEU B 495 18.49 -19.73 -5.02
CA LEU B 495 17.52 -20.01 -6.09
C LEU B 495 17.71 -21.37 -6.76
N ILE B 496 16.66 -22.18 -6.69
CA ILE B 496 16.70 -23.52 -7.24
C ILE B 496 15.73 -23.69 -8.40
N ASN B 497 16.23 -24.22 -9.52
CA ASN B 497 15.41 -24.49 -10.71
C ASN B 497 14.39 -23.38 -10.98
N THR B 498 14.88 -22.15 -11.12
CA THR B 498 14.00 -21.01 -11.28
C THR B 498 14.63 -19.80 -11.96
N SER B 499 13.74 -18.88 -12.33
CA SER B 499 14.10 -17.59 -12.90
C SER B 499 13.79 -16.60 -11.80
N SER B 500 14.21 -15.35 -11.98
CA SER B 500 13.94 -14.29 -11.01
C SER B 500 14.19 -12.90 -11.58
N ASN B 501 13.55 -11.92 -10.94
CA ASN B 501 13.69 -10.48 -11.26
C ASN B 501 13.87 -9.80 -9.91
N VAL B 502 15.09 -9.33 -9.64
CA VAL B 502 15.38 -8.69 -8.37
C VAL B 502 15.95 -7.28 -8.61
N THR B 503 15.45 -6.30 -7.88
CA THR B 503 16.00 -4.95 -7.99
C THR B 503 16.66 -4.64 -6.66
N LEU B 504 17.97 -4.42 -6.68
CA LEU B 504 18.69 -4.09 -5.45
C LEU B 504 18.57 -2.59 -5.13
N SER B 505 18.59 -2.27 -3.84
CA SER B 505 18.43 -0.90 -3.42
C SER B 505 19.68 -0.32 -2.78
N GLY B 506 20.83 -0.91 -3.09
CA GLY B 506 22.10 -0.42 -2.55
C GLY B 506 22.36 -0.93 -1.13
N VAL B 507 21.52 -1.84 -0.68
CA VAL B 507 21.65 -2.40 0.66
C VAL B 507 21.87 -3.91 0.60
N GLY B 508 22.90 -4.39 1.27
CA GLY B 508 23.17 -5.82 1.30
C GLY B 508 24.57 -6.15 1.77
N LEU B 509 24.90 -7.44 1.71
CA LEU B 509 26.19 -7.94 2.14
C LEU B 509 26.32 -9.42 1.82
N SER B 510 27.52 -9.96 1.99
CA SER B 510 27.73 -11.40 1.85
C SER B 510 28.52 -11.84 3.09
N GLY B 511 28.34 -13.09 3.49
CA GLY B 511 28.95 -13.65 4.69
C GLY B 511 30.45 -13.53 4.91
N GLN B 512 30.88 -14.05 6.06
CA GLN B 512 32.27 -14.00 6.47
C GLN B 512 33.16 -15.12 5.90
N ASP B 513 32.54 -16.20 5.41
CA ASP B 513 33.29 -17.31 4.81
C ASP B 513 33.68 -16.89 3.40
N PRO B 514 34.99 -16.65 3.17
CA PRO B 514 35.52 -16.18 1.89
C PRO B 514 35.40 -17.15 0.72
N ASP B 515 34.86 -18.34 0.95
CA ASP B 515 34.72 -19.32 -0.13
C ASP B 515 33.27 -19.60 -0.50
N LEU B 516 32.50 -20.00 0.50
CA LEU B 516 31.11 -20.40 0.29
C LEU B 516 30.03 -19.31 0.34
N ASP B 517 30.30 -18.20 1.01
CA ASP B 517 29.29 -17.14 1.13
C ASP B 517 29.16 -16.24 -0.10
N SER B 518 27.94 -16.07 -0.59
CA SER B 518 27.69 -15.22 -1.74
C SER B 518 26.26 -14.69 -1.76
N MET B 519 26.07 -13.54 -2.39
CA MET B 519 24.75 -12.95 -2.46
C MET B 519 23.76 -13.93 -3.08
N TYR B 520 24.12 -14.48 -4.24
CA TYR B 520 23.27 -15.43 -4.93
C TYR B 520 23.87 -16.82 -4.97
N PHE B 521 23.00 -17.82 -4.90
CA PHE B 521 23.41 -19.19 -5.13
C PHE B 521 22.41 -19.76 -6.10
N LEU B 522 22.87 -20.07 -7.31
CA LEU B 522 22.00 -20.60 -8.37
C LEU B 522 22.15 -22.11 -8.49
N LYS B 523 21.19 -22.83 -7.94
CA LYS B 523 21.24 -24.28 -7.97
C LYS B 523 20.38 -24.91 -9.06
N ASN B 524 21.05 -25.52 -10.03
CA ASN B 524 20.37 -26.21 -11.12
C ASN B 524 19.29 -25.43 -11.84
N CYS B 525 19.58 -24.15 -12.13
CA CYS B 525 18.62 -23.35 -12.87
C CYS B 525 18.76 -23.79 -14.31
N PRO B 526 17.63 -23.99 -15.00
CA PRO B 526 17.68 -24.48 -16.38
C PRO B 526 18.18 -23.50 -17.40
N GLU B 527 18.55 -24.03 -18.56
CA GLU B 527 19.06 -23.26 -19.68
C GLU B 527 18.17 -22.09 -20.05
N THR B 528 16.85 -22.27 -19.96
CA THR B 528 15.88 -21.23 -20.33
C THR B 528 15.59 -20.22 -19.22
N ALA B 529 16.11 -20.47 -18.03
CA ALA B 529 15.89 -19.56 -16.91
C ALA B 529 16.77 -18.31 -16.98
N ARG B 530 16.27 -17.21 -16.39
CA ARG B 530 17.04 -15.98 -16.31
C ARG B 530 16.85 -15.39 -14.93
N ASN B 531 17.95 -15.06 -14.27
CA ASN B 531 17.90 -14.49 -12.94
C ASN B 531 18.47 -13.09 -13.06
N VAL B 532 17.56 -12.16 -13.32
CA VAL B 532 17.88 -10.76 -13.62
C VAL B 532 18.10 -9.86 -12.42
N VAL B 533 19.26 -9.20 -12.41
CA VAL B 533 19.63 -8.29 -11.33
C VAL B 533 19.64 -6.84 -11.80
N ARG B 534 18.82 -6.00 -11.18
CA ARG B 534 18.80 -4.58 -11.52
C ARG B 534 19.09 -3.79 -10.25
N GLY B 535 19.22 -2.48 -10.37
CA GLY B 535 19.47 -1.66 -9.21
C GLY B 535 20.91 -1.44 -8.84
N GLN B 536 21.13 -1.14 -7.57
CA GLN B 536 22.46 -0.83 -7.06
C GLN B 536 23.01 -1.87 -6.12
N MET B 537 24.23 -2.30 -6.40
CA MET B 537 24.95 -3.23 -5.55
C MET B 537 25.24 -2.55 -4.22
N PRO B 538 25.46 -3.34 -3.16
CA PRO B 538 25.78 -2.77 -1.85
C PRO B 538 27.05 -1.93 -1.92
N ILE B 539 27.20 -0.96 -1.00
CA ILE B 539 28.38 -0.10 -0.99
C ILE B 539 29.60 -0.94 -0.66
N SER B 540 29.49 -1.76 0.38
CA SER B 540 30.58 -2.65 0.78
C SER B 540 30.75 -3.82 -0.19
N GLY B 541 32.00 -4.24 -0.37
CA GLY B 541 32.28 -5.33 -1.29
C GLY B 541 31.57 -6.61 -0.87
N VAL B 542 31.01 -7.32 -1.84
CA VAL B 542 30.35 -8.59 -1.58
C VAL B 542 30.76 -9.61 -2.65
N LYS B 543 30.54 -10.90 -2.38
CA LYS B 543 30.78 -11.92 -3.40
C LYS B 543 29.40 -12.09 -4.02
N LEU B 544 29.31 -11.92 -5.33
CA LEU B 544 28.03 -11.94 -6.04
C LEU B 544 27.32 -13.27 -6.26
N VAL B 545 28.00 -14.25 -6.86
CA VAL B 545 27.32 -15.49 -7.19
C VAL B 545 28.13 -16.78 -7.19
N ARG B 546 27.48 -17.87 -6.77
CA ARG B 546 28.02 -19.22 -6.77
C ARG B 546 26.89 -20.06 -7.30
N GLY B 547 27.15 -21.32 -7.65
CA GLY B 547 26.10 -22.18 -8.14
C GLY B 547 26.51 -23.59 -8.47
N THR B 548 25.55 -24.38 -8.91
CA THR B 548 25.74 -25.76 -9.32
C THR B 548 24.85 -25.86 -10.54
N GLY B 549 25.26 -26.66 -11.52
CA GLY B 549 24.45 -26.80 -12.72
C GLY B 549 25.28 -26.39 -13.91
N ASN B 550 24.83 -26.76 -15.11
CA ASN B 550 25.58 -26.49 -16.32
C ASN B 550 25.17 -25.28 -17.14
N TYR B 551 24.25 -24.47 -16.63
CA TYR B 551 23.80 -23.33 -17.41
C TYR B 551 23.90 -22.01 -16.66
N PRO B 552 24.50 -21.00 -17.29
CA PRO B 552 24.57 -19.68 -16.63
C PRO B 552 23.22 -19.01 -16.79
N THR B 553 22.68 -18.40 -15.73
CA THR B 553 21.39 -17.73 -15.87
C THR B 553 21.37 -16.30 -15.33
N LEU B 554 22.43 -15.88 -14.64
CA LEU B 554 22.45 -14.52 -14.08
C LEU B 554 22.64 -13.44 -15.12
N VAL B 555 21.83 -12.39 -15.03
CA VAL B 555 21.88 -11.26 -15.94
C VAL B 555 22.01 -9.94 -15.19
N LEU B 556 23.06 -9.18 -15.53
CA LEU B 556 23.25 -7.88 -14.93
C LEU B 556 22.59 -6.87 -15.89
N ASP B 557 21.39 -6.43 -15.53
CA ASP B 557 20.65 -5.49 -16.37
C ASP B 557 20.90 -4.04 -15.93
N CYS B 558 21.91 -3.41 -16.53
CA CYS B 558 22.29 -2.04 -16.19
C CYS B 558 22.58 -1.88 -14.69
N THR B 559 22.99 -2.97 -14.06
CA THR B 559 23.28 -2.98 -12.64
C THR B 559 24.33 -1.94 -12.25
N ASN B 560 24.05 -1.19 -11.20
CA ASN B 560 24.97 -0.18 -10.69
C ASN B 560 25.94 -0.95 -9.81
N MET B 561 27.15 -1.18 -10.31
CA MET B 561 28.14 -1.97 -9.57
C MET B 561 28.96 -1.21 -8.54
N GLY B 562 28.79 0.12 -8.47
CA GLY B 562 29.57 0.93 -7.55
C GLY B 562 31.05 0.64 -7.58
N SER B 563 31.61 0.30 -6.43
CA SER B 563 33.04 0.00 -6.39
C SER B 563 33.32 -1.49 -6.22
N GLN B 564 32.38 -2.33 -6.67
CA GLN B 564 32.52 -3.78 -6.51
C GLN B 564 33.70 -4.42 -7.23
N PHE B 565 34.07 -3.91 -8.40
CA PHE B 565 35.20 -4.47 -9.14
C PHE B 565 36.46 -4.36 -8.29
N GLN B 566 36.56 -3.24 -7.56
CA GLN B 566 37.70 -2.96 -6.71
C GLN B 566 37.63 -3.55 -5.29
N PHE B 567 36.44 -3.70 -4.73
CA PHE B 567 36.32 -4.17 -3.35
C PHE B 567 35.54 -5.45 -3.15
N GLY B 568 34.79 -5.87 -4.16
CA GLY B 568 34.01 -7.08 -4.07
C GLY B 568 34.62 -8.20 -4.88
N GLU B 569 33.79 -9.18 -5.23
CA GLU B 569 34.20 -10.35 -5.99
C GLU B 569 33.01 -10.88 -6.78
N VAL B 570 33.25 -11.46 -7.97
CA VAL B 570 32.14 -12.02 -8.73
C VAL B 570 31.77 -13.35 -8.09
N GLY B 571 32.79 -14.08 -7.65
CA GLY B 571 32.60 -15.41 -7.09
C GLY B 571 32.86 -16.40 -8.22
N ASP B 572 31.79 -16.90 -8.82
CA ASP B 572 31.93 -17.83 -9.93
C ASP B 572 31.41 -17.25 -11.25
N ILE B 573 32.33 -16.70 -12.04
CA ILE B 573 32.00 -16.10 -13.34
C ILE B 573 31.16 -16.99 -14.28
N PHE B 574 31.29 -18.30 -14.15
CA PHE B 574 30.54 -19.22 -14.99
C PHE B 574 29.03 -18.98 -15.02
N TYR B 575 28.45 -18.63 -13.88
CA TYR B 575 27.01 -18.46 -13.78
C TYR B 575 26.41 -17.15 -14.34
N ILE B 576 27.26 -16.25 -14.81
CA ILE B 576 26.75 -15.02 -15.42
C ILE B 576 26.48 -15.30 -16.88
N LYS B 577 25.23 -15.15 -17.28
CA LYS B 577 24.81 -15.42 -18.64
C LYS B 577 24.91 -14.22 -19.58
N ASP B 578 24.61 -13.05 -19.08
CA ASP B 578 24.58 -11.89 -19.96
C ASP B 578 24.70 -10.60 -19.15
N VAL B 579 25.30 -9.57 -19.75
CA VAL B 579 25.51 -8.28 -19.09
C VAL B 579 25.14 -7.13 -20.01
N VAL B 580 24.26 -6.26 -19.52
CA VAL B 580 23.80 -5.11 -20.28
C VAL B 580 24.16 -3.82 -19.55
N GLY B 581 24.72 -2.87 -20.28
CA GLY B 581 25.06 -1.58 -19.70
C GLY B 581 26.09 -1.53 -18.59
N VAL B 582 27.03 -2.47 -18.56
CA VAL B 582 28.09 -2.45 -17.55
C VAL B 582 29.38 -2.69 -18.30
N LYS B 583 30.31 -1.75 -18.24
CA LYS B 583 31.58 -1.89 -18.96
C LYS B 583 32.81 -1.62 -18.12
N ALA B 584 33.95 -2.09 -18.60
CA ALA B 584 35.24 -1.88 -17.95
C ALA B 584 36.30 -1.92 -19.05
N ASP B 585 37.26 -1.00 -19.00
CA ASP B 585 38.30 -0.96 -20.04
C ASP B 585 39.30 -2.12 -20.04
N THR B 586 39.71 -2.54 -18.85
CA THR B 586 40.77 -3.54 -18.73
C THR B 586 40.52 -4.70 -17.77
N LEU B 587 41.03 -5.87 -18.17
CA LEU B 587 40.95 -7.08 -17.37
C LEU B 587 42.39 -7.36 -16.94
N TYR B 588 42.60 -7.52 -15.63
CA TYR B 588 43.94 -7.73 -15.08
C TYR B 588 44.16 -9.17 -14.66
N ILE B 589 45.26 -9.77 -15.11
CA ILE B 589 45.60 -11.15 -14.79
C ILE B 589 46.90 -11.22 -13.99
N ASP B 590 46.93 -12.00 -12.92
CA ASP B 590 48.14 -12.15 -12.13
C ASP B 590 48.29 -13.61 -11.74
N PRO B 591 49.19 -14.34 -12.43
CA PRO B 591 49.33 -15.76 -12.12
C PRO B 591 49.94 -16.02 -10.74
N VAL B 592 50.62 -15.03 -10.19
CA VAL B 592 51.22 -15.17 -8.87
C VAL B 592 50.30 -14.74 -7.72
N ASN B 593 49.73 -13.55 -7.83
CA ASN B 593 48.88 -13.01 -6.75
C ASN B 593 47.39 -12.87 -7.07
N GLY B 594 46.97 -13.27 -8.25
CA GLY B 594 45.57 -13.15 -8.62
C GLY B 594 44.67 -14.10 -7.86
N ASN B 595 43.38 -13.79 -7.85
CA ASN B 595 42.38 -14.61 -7.18
C ASN B 595 41.21 -14.75 -8.13
N ASN B 596 40.85 -15.97 -8.51
CA ASN B 596 39.76 -16.16 -9.46
C ASN B 596 38.37 -15.73 -8.99
N TYR B 597 38.22 -15.43 -7.70
CA TYR B 597 36.94 -14.96 -7.18
C TYR B 597 36.75 -13.50 -7.62
N ASN B 598 37.85 -12.82 -7.92
CA ASN B 598 37.80 -11.42 -8.33
C ASN B 598 37.06 -11.20 -9.66
N TRP B 599 36.66 -9.95 -9.90
CA TRP B 599 36.01 -9.61 -11.15
C TRP B 599 37.15 -9.55 -12.16
N GLY B 600 38.28 -8.98 -11.72
CA GLY B 600 39.47 -8.85 -12.54
C GLY B 600 39.54 -7.53 -13.29
N THR B 601 38.42 -6.81 -13.31
CA THR B 601 38.35 -5.54 -14.01
C THR B 601 38.93 -4.35 -13.24
N ASN B 602 39.43 -4.59 -12.03
CA ASN B 602 40.08 -3.52 -11.29
C ASN B 602 41.51 -3.97 -11.00
N GLY B 603 42.48 -3.11 -11.32
CA GLY B 603 43.89 -3.42 -11.15
C GLY B 603 44.33 -3.91 -9.79
N THR B 604 43.60 -3.59 -8.75
CA THR B 604 43.99 -4.05 -7.41
C THR B 604 43.47 -5.45 -7.14
N LYS B 605 42.51 -5.89 -7.94
CA LYS B 605 41.95 -7.23 -7.78
C LYS B 605 41.96 -8.05 -9.07
N PRO B 606 43.16 -8.47 -9.50
CA PRO B 606 43.25 -9.26 -10.72
C PRO B 606 42.81 -10.70 -10.49
N ILE B 607 42.44 -11.40 -11.56
CA ILE B 607 42.08 -12.80 -11.47
C ILE B 607 43.39 -13.57 -11.71
N ARG B 608 43.41 -14.88 -11.57
CA ARG B 608 44.70 -15.54 -11.75
C ARG B 608 44.88 -16.44 -12.96
N GLU B 609 43.78 -17.00 -13.48
CA GLU B 609 43.85 -17.90 -14.64
C GLU B 609 43.32 -17.27 -15.93
N LEU B 610 43.61 -17.89 -17.07
CA LEU B 610 43.20 -17.40 -18.38
C LEU B 610 41.89 -18.01 -18.87
N THR B 611 41.44 -19.03 -18.16
CA THR B 611 40.26 -19.78 -18.55
C THR B 611 39.06 -18.99 -19.07
N ASN B 612 38.61 -18.00 -18.29
CA ASN B 612 37.44 -17.23 -18.70
C ASN B 612 37.67 -15.83 -19.26
N ILE B 613 38.88 -15.53 -19.69
CA ILE B 613 39.14 -14.18 -20.17
C ILE B 613 38.33 -13.73 -21.39
N ALA B 614 38.02 -14.65 -22.30
CA ALA B 614 37.24 -14.28 -23.47
C ALA B 614 35.84 -13.88 -23.01
N LYS B 615 35.23 -14.73 -22.20
CA LYS B 615 33.90 -14.47 -21.67
C LYS B 615 33.85 -13.14 -20.89
N ILE B 616 34.81 -12.94 -19.99
CA ILE B 616 34.85 -11.71 -19.19
C ILE B 616 34.97 -10.49 -20.09
N CYS B 617 35.88 -10.57 -21.06
CA CYS B 617 36.06 -9.45 -21.97
C CYS B 617 34.79 -9.17 -22.80
N GLN B 618 34.06 -10.22 -23.17
CA GLN B 618 32.83 -10.07 -23.96
C GLN B 618 31.71 -9.44 -23.11
N LEU B 619 31.63 -9.83 -21.85
CA LEU B 619 30.60 -9.32 -20.97
C LEU B 619 30.76 -7.84 -20.67
N PHE B 620 31.98 -7.43 -20.33
CA PHE B 620 32.26 -6.05 -19.94
C PHE B 620 32.86 -5.15 -21.03
N ARG B 621 32.95 -5.67 -22.26
CA ARG B 621 33.46 -4.90 -23.39
C ARG B 621 34.86 -4.34 -23.16
N CYS B 622 35.76 -5.15 -22.58
CA CYS B 622 37.13 -4.74 -22.31
C CYS B 622 37.93 -4.46 -23.59
N LYS B 623 38.84 -3.49 -23.52
CA LYS B 623 39.65 -3.12 -24.68
C LYS B 623 41.02 -3.71 -24.57
N SER B 624 41.39 -4.07 -23.34
CA SER B 624 42.69 -4.66 -23.13
C SER B 624 42.77 -5.61 -21.96
N VAL B 625 43.82 -6.41 -21.96
CA VAL B 625 44.08 -7.35 -20.90
C VAL B 625 45.50 -7.06 -20.43
N TYR B 626 45.69 -6.83 -19.14
CA TYR B 626 47.01 -6.54 -18.63
C TYR B 626 47.53 -7.79 -17.94
N LEU B 627 48.67 -8.29 -18.37
CA LEU B 627 49.26 -9.48 -17.75
C LEU B 627 50.38 -9.06 -16.80
N ASN B 628 50.15 -9.27 -15.50
CA ASN B 628 51.17 -8.96 -14.52
C ASN B 628 52.31 -9.96 -14.66
N ALA B 629 53.45 -9.64 -14.03
CA ALA B 629 54.64 -10.48 -14.07
C ALA B 629 54.36 -11.96 -13.83
N GLY B 630 55.07 -12.80 -14.58
CA GLY B 630 54.89 -14.24 -14.46
C GLY B 630 54.32 -14.86 -15.73
N GLU B 631 54.29 -16.18 -15.75
CA GLU B 631 53.80 -16.89 -16.92
C GLU B 631 52.34 -17.24 -16.76
N SER B 632 51.50 -16.83 -17.70
CA SER B 632 50.09 -17.20 -17.65
C SER B 632 49.96 -18.38 -18.61
N VAL B 633 49.51 -19.52 -18.09
CA VAL B 633 49.45 -20.74 -18.90
C VAL B 633 48.08 -21.34 -19.11
N ILE B 634 47.97 -22.15 -20.16
CA ILE B 634 46.75 -22.91 -20.42
C ILE B 634 47.23 -24.35 -20.62
N THR B 635 46.39 -25.32 -20.28
CA THR B 635 46.75 -26.72 -20.50
C THR B 635 45.70 -27.38 -21.36
N SER B 636 44.73 -26.59 -21.80
CA SER B 636 43.66 -27.05 -22.71
C SER B 636 43.32 -25.85 -23.62
N ASN B 637 42.77 -26.12 -24.80
CA ASN B 637 42.49 -25.03 -25.74
C ASN B 637 41.64 -23.93 -25.13
N THR B 638 42.13 -22.70 -25.20
CA THR B 638 41.47 -21.55 -24.58
C THR B 638 41.34 -20.34 -25.49
N GLU B 639 40.15 -19.78 -25.58
CA GLU B 639 39.94 -18.61 -26.43
C GLU B 639 40.60 -17.34 -25.88
N LEU B 640 41.20 -16.56 -26.77
CA LEU B 640 41.76 -15.27 -26.41
C LEU B 640 40.84 -14.23 -27.01
N PRO B 641 40.47 -13.21 -26.22
CA PRO B 641 39.63 -12.16 -26.82
C PRO B 641 40.45 -11.33 -27.81
N MET B 642 39.79 -10.78 -28.82
CA MET B 642 40.47 -9.97 -29.82
C MET B 642 40.68 -8.57 -29.27
N VAL B 643 41.68 -8.45 -28.42
CA VAL B 643 41.98 -7.17 -27.79
C VAL B 643 43.48 -6.98 -27.67
N VAL B 644 43.88 -5.92 -26.97
CA VAL B 644 45.28 -5.63 -26.79
C VAL B 644 45.79 -6.25 -25.50
N PHE B 645 46.88 -7.02 -25.58
CA PHE B 645 47.49 -7.59 -24.39
C PHE B 645 48.77 -6.80 -24.12
N GLU B 646 48.95 -6.32 -22.89
CA GLU B 646 50.16 -5.59 -22.50
C GLU B 646 50.61 -6.03 -21.11
N GLY B 647 51.77 -5.56 -20.68
CA GLY B 647 52.26 -5.95 -19.36
C GLY B 647 53.49 -6.83 -19.44
N PRO B 648 54.13 -7.07 -18.28
CA PRO B 648 55.35 -7.88 -18.24
C PRO B 648 55.11 -9.40 -18.30
N GLY B 649 53.88 -9.86 -18.12
CA GLY B 649 53.62 -11.29 -18.14
C GLY B 649 53.90 -11.95 -19.49
N SER B 650 53.99 -13.27 -19.48
CA SER B 650 54.22 -14.04 -20.69
C SER B 650 53.03 -14.99 -20.83
N LEU B 651 52.83 -15.50 -22.03
CA LEU B 651 51.75 -16.45 -22.33
C LEU B 651 52.34 -17.81 -22.74
N LYS B 652 51.79 -18.88 -22.19
CA LYS B 652 52.31 -20.22 -22.50
C LYS B 652 51.21 -21.24 -22.69
N ALA B 653 51.24 -21.93 -23.83
CA ALA B 653 50.28 -22.98 -24.11
C ALA B 653 51.00 -24.31 -23.86
N ASN B 654 50.57 -25.02 -22.83
CA ASN B 654 51.18 -26.32 -22.48
C ASN B 654 50.29 -27.51 -22.83
N SER B 655 50.87 -28.69 -22.67
CA SER B 655 50.20 -29.97 -22.95
C SER B 655 49.70 -30.05 -24.38
N GLY B 656 50.42 -29.42 -25.30
CA GLY B 656 50.03 -29.46 -26.71
C GLY B 656 48.79 -28.66 -27.04
N SER B 657 48.34 -27.81 -26.13
CA SER B 657 47.14 -27.00 -26.39
C SER B 657 47.44 -25.80 -27.29
N SER B 658 46.38 -25.11 -27.70
CA SER B 658 46.48 -23.94 -28.56
C SER B 658 45.60 -22.82 -28.04
N PHE B 659 45.96 -21.58 -28.37
CA PHE B 659 45.12 -20.45 -28.03
C PHE B 659 44.11 -20.41 -29.16
N LEU B 660 42.85 -20.11 -28.84
CA LEU B 660 41.80 -20.08 -29.84
C LEU B 660 41.32 -18.69 -30.23
N ILE B 661 41.14 -18.49 -31.52
CA ILE B 661 40.64 -17.23 -32.04
C ILE B 661 39.30 -17.58 -32.69
N LYS B 662 38.22 -17.12 -32.07
CA LYS B 662 36.87 -17.43 -32.52
C LYS B 662 36.08 -16.21 -33.02
N ALA B 663 36.69 -15.04 -33.01
CA ALA B 663 35.94 -13.88 -33.48
C ALA B 663 36.85 -13.01 -34.31
N GLY B 664 36.25 -12.21 -35.19
CA GLY B 664 37.02 -11.29 -36.02
C GLY B 664 37.54 -10.13 -35.19
N GLY B 665 38.43 -9.33 -35.77
CA GLY B 665 38.99 -8.18 -35.08
C GLY B 665 40.50 -8.25 -35.10
N THR B 666 41.13 -7.62 -34.12
CA THR B 666 42.58 -7.63 -34.03
C THR B 666 43.05 -8.08 -32.64
N LEU B 667 43.93 -9.07 -32.63
CA LEU B 667 44.55 -9.58 -31.40
C LEU B 667 45.94 -8.98 -31.39
N SER B 668 46.29 -8.27 -30.31
CA SER B 668 47.60 -7.65 -30.20
C SER B 668 48.33 -8.07 -28.94
N LEU B 669 49.61 -8.43 -29.11
CA LEU B 669 50.45 -8.81 -27.99
C LEU B 669 51.53 -7.74 -28.00
N ILE B 670 51.44 -6.79 -27.08
CA ILE B 670 52.38 -5.69 -27.09
C ILE B 670 53.31 -5.60 -25.89
N GLY B 671 54.59 -5.83 -26.14
CA GLY B 671 55.59 -5.74 -25.09
C GLY B 671 55.58 -6.82 -24.03
N LEU B 672 54.80 -7.88 -24.24
CA LEU B 672 54.77 -9.01 -23.30
C LEU B 672 56.17 -9.66 -23.24
N SER B 673 56.43 -10.43 -22.19
CA SER B 673 57.70 -11.12 -22.09
C SER B 673 57.81 -12.27 -23.09
N GLY B 674 56.76 -12.48 -23.89
CA GLY B 674 56.77 -13.52 -24.90
C GLY B 674 55.53 -14.42 -24.90
N ILE B 675 55.33 -15.11 -26.01
CA ILE B 675 54.25 -16.09 -26.11
C ILE B 675 54.89 -17.33 -26.74
N SER B 676 54.62 -18.49 -26.17
CA SER B 676 55.19 -19.71 -26.73
C SER B 676 54.31 -20.91 -26.48
N THR B 677 54.67 -22.01 -27.12
CA THR B 677 53.91 -23.23 -27.02
C THR B 677 54.82 -24.44 -26.79
N ASP B 678 54.32 -25.49 -26.15
CA ASP B 678 55.13 -26.68 -25.96
C ASP B 678 54.87 -27.72 -27.06
N GLY B 679 54.38 -27.27 -28.21
CA GLY B 679 54.16 -28.18 -29.31
C GLY B 679 52.94 -27.99 -30.20
N GLY B 680 51.85 -27.47 -29.66
CA GLY B 680 50.66 -27.25 -30.49
C GLY B 680 50.78 -25.97 -31.30
N HIS B 681 49.95 -25.85 -32.33
CA HIS B 681 49.93 -24.62 -33.11
C HIS B 681 49.54 -23.49 -32.14
N MET B 682 50.14 -22.32 -32.29
CA MET B 682 49.89 -21.20 -31.37
C MET B 682 48.46 -20.66 -31.38
N PHE B 683 47.98 -20.24 -32.54
CA PHE B 683 46.62 -19.70 -32.65
C PHE B 683 45.78 -20.51 -33.61
N ARG B 684 44.68 -21.07 -33.13
CA ARG B 684 43.78 -21.85 -33.98
C ARG B 684 42.55 -21.00 -34.29
N VAL B 685 42.49 -20.53 -35.54
CA VAL B 685 41.40 -19.68 -36.00
C VAL B 685 40.22 -20.49 -36.53
N SER B 686 39.07 -20.28 -35.90
CA SER B 686 37.86 -20.99 -36.31
C SER B 686 36.78 -20.04 -36.81
N THR B 687 37.14 -18.80 -37.13
CA THR B 687 36.18 -17.85 -37.66
C THR B 687 36.53 -17.50 -39.09
N VAL B 688 35.51 -17.27 -39.92
CA VAL B 688 35.71 -16.90 -41.31
C VAL B 688 35.81 -15.37 -41.44
N GLU B 689 35.59 -14.67 -40.33
CA GLU B 689 35.66 -13.22 -40.34
C GLU B 689 37.12 -12.74 -40.42
N LYS B 690 37.31 -11.49 -40.81
CA LYS B 690 38.67 -10.97 -40.91
C LYS B 690 39.35 -10.98 -39.55
N VAL B 691 40.49 -11.66 -39.49
CA VAL B 691 41.28 -11.74 -38.27
C VAL B 691 42.66 -11.13 -38.49
N ASN B 692 43.05 -10.22 -37.59
CA ASN B 692 44.38 -9.63 -37.60
C ASN B 692 45.09 -10.06 -36.32
N ILE B 693 46.28 -10.61 -36.46
CA ILE B 693 47.07 -11.04 -35.31
C ILE B 693 48.31 -10.16 -35.36
N HIS B 694 48.55 -9.39 -34.28
CA HIS B 694 49.64 -8.43 -34.24
C HIS B 694 50.54 -8.73 -33.05
N THR B 695 51.70 -9.32 -33.33
CA THR B 695 52.64 -9.71 -32.28
C THR B 695 53.89 -8.86 -32.22
N ASN B 696 53.97 -8.06 -31.17
CA ASN B 696 55.09 -7.16 -30.90
C ASN B 696 55.73 -7.64 -29.59
N CYS B 697 56.18 -8.90 -29.63
CA CYS B 697 56.85 -9.58 -28.53
C CYS B 697 57.49 -10.83 -29.12
N SER B 698 58.20 -11.57 -28.29
CA SER B 698 58.85 -12.79 -28.75
C SER B 698 57.78 -13.87 -29.00
N VAL B 699 57.90 -14.57 -30.13
CA VAL B 699 56.95 -15.60 -30.53
C VAL B 699 57.67 -16.93 -30.83
N ASN B 700 57.28 -17.99 -30.15
CA ASN B 700 57.90 -19.29 -30.37
C ASN B 700 56.92 -20.47 -30.47
N ALA B 701 56.65 -20.92 -31.68
CA ALA B 701 55.74 -22.03 -31.91
C ALA B 701 56.53 -23.31 -32.16
N GLY B 702 57.86 -23.22 -32.11
CA GLY B 702 58.72 -24.36 -32.32
C GLY B 702 58.55 -24.99 -33.69
N ALA B 703 58.24 -26.29 -33.70
CA ALA B 703 58.05 -27.03 -34.95
C ALA B 703 56.65 -26.82 -35.52
N ALA B 704 55.80 -26.13 -34.77
CA ALA B 704 54.42 -25.88 -35.21
C ALA B 704 54.23 -24.51 -35.87
N TYR B 705 52.99 -24.14 -36.19
CA TYR B 705 52.72 -22.86 -36.85
C TYR B 705 52.26 -21.78 -35.88
N VAL B 706 52.46 -20.52 -36.24
CA VAL B 706 51.97 -19.43 -35.40
C VAL B 706 50.45 -19.41 -35.55
N VAL B 707 49.98 -19.60 -36.78
CA VAL B 707 48.55 -19.57 -37.05
C VAL B 707 48.06 -20.79 -37.85
N LEU B 708 46.97 -21.42 -37.40
CA LEU B 708 46.37 -22.54 -38.15
C LEU B 708 44.90 -22.21 -38.31
N SER B 709 44.43 -22.07 -39.54
CA SER B 709 43.02 -21.79 -39.80
C SER B 709 42.25 -23.12 -39.94
N GLU B 710 41.15 -23.25 -39.19
CA GLU B 710 40.36 -24.48 -39.21
C GLU B 710 39.17 -24.34 -40.13
N VAL B 711 39.05 -23.16 -40.73
CA VAL B 711 37.99 -22.84 -41.66
C VAL B 711 38.63 -22.19 -42.89
N GLN B 712 37.81 -21.78 -43.85
CA GLN B 712 38.32 -21.08 -45.01
C GLN B 712 38.45 -19.64 -44.52
N GLY B 713 39.61 -19.32 -43.95
CA GLY B 713 39.84 -18.03 -43.33
C GLY B 713 40.31 -16.85 -44.15
N ASN B 714 40.52 -15.74 -43.46
CA ASN B 714 40.94 -14.49 -44.05
C ASN B 714 41.72 -13.84 -42.93
N ILE B 715 43.04 -13.97 -42.97
CA ILE B 715 43.91 -13.53 -41.89
C ILE B 715 45.08 -12.61 -42.28
N GLU B 716 45.46 -11.70 -41.38
CA GLU B 716 46.61 -10.85 -41.59
C GLU B 716 47.47 -10.97 -40.37
N TYR B 717 48.72 -11.35 -40.59
CA TYR B 717 49.66 -11.54 -39.51
C TYR B 717 50.84 -10.60 -39.66
N ARG B 718 51.11 -9.94 -38.56
CA ARG B 718 52.10 -8.92 -38.49
C ARG B 718 53.00 -9.14 -37.28
N GLN B 719 54.27 -9.45 -37.53
CA GLN B 719 55.27 -9.66 -36.48
C GLN B 719 56.17 -8.44 -36.46
N LEU B 720 56.22 -7.74 -35.33
CA LEU B 720 57.05 -6.55 -35.19
C LEU B 720 58.21 -6.69 -34.21
N PHE B 721 59.40 -6.78 -34.79
CA PHE B 721 60.62 -6.90 -34.02
C PHE B 721 60.66 -8.13 -33.12
N TYR B 722 61.43 -8.06 -32.05
CA TYR B 722 61.63 -9.21 -31.17
C TYR B 722 62.06 -10.42 -32.02
N SER B 723 61.46 -11.58 -31.80
CA SER B 723 61.82 -12.74 -32.58
C SER B 723 60.62 -13.62 -32.81
N VAL B 724 60.69 -14.41 -33.88
CA VAL B 724 59.63 -15.36 -34.19
C VAL B 724 60.26 -16.69 -34.64
N ASN B 725 59.73 -17.80 -34.14
CA ASN B 725 60.17 -19.14 -34.51
C ASN B 725 58.95 -20.01 -34.74
N CYS B 726 58.96 -20.78 -35.82
CA CYS B 726 57.86 -21.65 -36.20
C CYS B 726 58.28 -22.39 -37.46
N SER B 727 57.49 -23.39 -37.88
CA SER B 727 57.79 -24.14 -39.11
C SER B 727 57.13 -23.47 -40.32
N LYS B 728 55.98 -22.83 -40.10
CA LYS B 728 55.26 -22.06 -41.11
C LYS B 728 54.57 -20.98 -40.30
N TYR B 729 54.44 -19.77 -40.84
CA TYR B 729 53.75 -18.71 -40.10
C TYR B 729 52.26 -19.02 -40.02
N ILE B 730 51.70 -19.44 -41.14
CA ILE B 730 50.28 -19.75 -41.26
C ILE B 730 50.04 -21.05 -42.04
N GLY B 731 49.09 -21.85 -41.57
CA GLY B 731 48.68 -23.08 -42.22
C GLY B 731 47.17 -23.13 -42.11
N ALA B 732 46.55 -24.09 -42.78
CA ALA B 732 45.10 -24.27 -42.75
C ALA B 732 44.79 -25.76 -42.88
N THR B 733 43.71 -26.21 -42.25
CA THR B 733 43.33 -27.61 -42.27
C THR B 733 42.87 -28.12 -43.64
N ALA B 734 42.29 -27.24 -44.44
CA ALA B 734 41.80 -27.65 -45.76
C ALA B 734 41.63 -26.52 -46.76
N GLY B 735 40.65 -26.71 -47.65
CA GLY B 735 40.29 -25.80 -48.72
C GLY B 735 40.56 -24.31 -48.59
N GLN B 736 41.75 -23.92 -49.04
CA GLN B 736 42.26 -22.53 -49.08
C GLN B 736 41.77 -21.43 -48.12
N THR B 737 42.76 -20.80 -47.48
CA THR B 737 42.55 -19.69 -46.57
C THR B 737 43.41 -18.54 -47.08
N ILE B 738 42.86 -17.34 -47.19
CA ILE B 738 43.64 -16.21 -47.67
C ILE B 738 44.37 -15.53 -46.51
N ALA B 739 45.59 -15.07 -46.77
CA ALA B 739 46.37 -14.43 -45.72
C ALA B 739 47.37 -13.38 -46.21
N GLY B 740 47.61 -12.37 -45.37
CA GLY B 740 48.56 -11.33 -45.66
C GLY B 740 49.58 -11.42 -44.54
N ILE B 741 50.87 -11.34 -44.88
CA ILE B 741 51.90 -11.46 -43.87
C ILE B 741 52.97 -10.39 -43.92
N MET B 742 53.38 -9.95 -42.73
CA MET B 742 54.46 -9.00 -42.58
C MET B 742 55.30 -9.48 -41.41
N VAL B 743 56.59 -9.68 -41.64
CA VAL B 743 57.47 -10.13 -40.58
C VAL B 743 58.65 -9.18 -40.58
N LYS B 744 58.66 -8.25 -39.63
CA LYS B 744 59.75 -7.29 -39.55
C LYS B 744 60.66 -7.58 -38.38
N THR B 745 61.57 -8.51 -38.60
CA THR B 745 62.58 -8.90 -37.62
C THR B 745 63.59 -9.76 -38.35
N ALA B 746 64.86 -9.60 -37.97
CA ALA B 746 65.94 -10.36 -38.55
C ALA B 746 65.98 -11.72 -37.89
N THR B 747 65.44 -11.81 -36.68
CA THR B 747 65.42 -13.08 -35.97
C THR B 747 64.14 -13.85 -36.28
N ARG B 748 64.19 -14.58 -37.37
CA ARG B 748 63.06 -15.35 -37.86
C ARG B 748 63.66 -16.55 -38.58
N PRO B 749 62.84 -17.57 -38.89
CA PRO B 749 63.40 -18.69 -39.65
C PRO B 749 63.49 -18.28 -41.12
N THR B 750 64.64 -17.72 -41.51
CA THR B 750 64.86 -17.26 -42.87
C THR B 750 64.69 -18.37 -43.92
N GLY B 751 64.81 -19.61 -43.48
CA GLY B 751 64.65 -20.75 -44.36
C GLY B 751 63.26 -20.81 -44.99
N ILE B 752 62.29 -20.11 -44.41
CA ILE B 752 60.94 -20.12 -44.97
C ILE B 752 60.51 -18.78 -45.61
N ASP B 753 61.46 -17.89 -45.85
CA ASP B 753 61.14 -16.61 -46.48
C ASP B 753 60.48 -16.89 -47.83
N ALA B 754 61.00 -17.89 -48.53
CA ALA B 754 60.49 -18.26 -49.85
C ALA B 754 59.16 -19.00 -49.82
N ALA B 755 58.87 -19.70 -48.72
CA ALA B 755 57.61 -20.44 -48.57
C ALA B 755 57.11 -20.28 -47.13
N PRO B 756 56.54 -19.11 -46.81
CA PRO B 756 56.08 -18.79 -45.46
C PRO B 756 54.85 -19.55 -44.97
N VAL B 757 54.00 -20.05 -45.85
CA VAL B 757 52.80 -20.75 -45.40
C VAL B 757 52.62 -22.14 -46.02
N ASP B 758 51.74 -22.95 -45.45
CA ASP B 758 51.48 -24.28 -45.99
C ASP B 758 50.70 -24.18 -47.31
N GLY B 759 50.46 -25.32 -47.95
CA GLY B 759 49.76 -25.36 -49.21
C GLY B 759 48.31 -24.89 -49.19
N ASN B 760 47.68 -24.93 -48.02
CA ASN B 760 46.28 -24.53 -47.91
C ASN B 760 46.05 -23.03 -47.70
N VAL B 761 47.12 -22.25 -47.74
CA VAL B 761 47.05 -20.81 -47.58
C VAL B 761 47.56 -20.11 -48.84
N SER B 762 46.83 -19.10 -49.30
CA SER B 762 47.24 -18.29 -50.47
C SER B 762 47.51 -16.89 -49.96
N LEU B 763 48.64 -16.32 -50.36
CA LEU B 763 49.02 -14.97 -49.92
C LEU B 763 48.40 -13.79 -50.67
N THR B 764 48.01 -12.75 -49.92
CA THR B 764 47.46 -11.53 -50.49
C THR B 764 48.64 -10.58 -50.67
N TYR B 765 49.50 -10.50 -49.66
CA TYR B 765 50.71 -9.70 -49.71
C TYR B 765 51.76 -10.38 -48.84
N LYS B 766 53.03 -10.05 -49.07
CA LYS B 766 54.12 -10.62 -48.28
C LYS B 766 55.16 -9.53 -48.06
N ILE B 767 55.40 -9.17 -46.80
CA ILE B 767 56.36 -8.13 -46.50
C ILE B 767 57.44 -8.70 -45.59
N ILE B 768 58.51 -9.17 -46.20
CA ILE B 768 59.66 -9.75 -45.51
C ILE B 768 60.95 -9.39 -46.26
N GLU B 769 61.97 -8.95 -45.53
CA GLU B 769 63.25 -8.58 -46.16
C GLU B 769 64.09 -9.80 -46.54
N LYS C 10 -59.14 7.34 73.92
CA LYS C 10 -58.62 6.27 74.76
C LYS C 10 -57.66 5.34 73.99
N GLY C 11 -57.23 4.27 74.65
CA GLY C 11 -56.30 3.31 74.10
C GLY C 11 -56.71 2.60 72.82
N SER C 12 -57.88 1.95 72.82
CA SER C 12 -58.36 1.24 71.63
C SER C 12 -58.59 2.20 70.46
N THR C 13 -58.94 3.44 70.79
CA THR C 13 -59.16 4.46 69.77
C THR C 13 -57.82 4.82 69.14
N GLY C 14 -56.77 4.93 69.97
CA GLY C 14 -55.45 5.24 69.49
C GLY C 14 -54.95 4.16 68.53
N ILE C 15 -55.16 2.90 68.92
CA ILE C 15 -54.77 1.76 68.11
C ILE C 15 -55.52 1.76 66.78
N LEU C 16 -56.84 1.96 66.83
CA LEU C 16 -57.64 1.99 65.61
C LEU C 16 -57.17 3.10 64.67
N THR C 17 -56.91 4.29 65.20
CA THR C 17 -56.48 5.38 64.33
C THR C 17 -55.08 5.12 63.75
N ASN C 18 -54.24 4.43 64.52
CA ASN C 18 -52.91 4.09 64.04
C ASN C 18 -52.99 3.08 62.90
N LYS C 19 -53.79 2.03 63.11
CA LYS C 19 -53.98 0.99 62.10
C LYS C 19 -54.46 1.61 60.79
N GLN C 20 -55.29 2.64 60.92
CA GLN C 20 -55.83 3.37 59.78
C GLN C 20 -54.68 4.09 59.06
N ALA C 21 -53.85 4.83 59.80
CA ALA C 21 -52.71 5.55 59.25
C ALA C 21 -51.74 4.58 58.55
N VAL C 22 -51.47 3.45 59.20
CA VAL C 22 -50.59 2.44 58.63
C VAL C 22 -51.21 1.91 57.32
N ALA C 23 -52.49 1.56 57.38
CA ALA C 23 -53.22 1.04 56.23
C ALA C 23 -53.20 2.00 55.03
N ARG C 24 -53.34 3.29 55.31
CA ARG C 24 -53.34 4.28 54.24
C ARG C 24 -51.95 4.36 53.60
N HIS C 25 -50.92 4.16 54.41
CA HIS C 25 -49.56 4.22 53.88
C HIS C 25 -49.28 3.05 52.91
N PHE C 26 -49.79 1.87 53.23
CA PHE C 26 -49.57 0.67 52.40
C PHE C 26 -50.65 0.38 51.36
N GLY C 27 -51.77 1.09 51.41
CA GLY C 27 -52.86 0.88 50.48
C GLY C 27 -53.69 -0.37 50.78
N VAL C 28 -53.76 -0.74 52.06
CA VAL C 28 -54.54 -1.89 52.47
C VAL C 28 -55.73 -1.42 53.33
N LYS C 29 -56.58 -2.34 53.75
CA LYS C 29 -57.73 -1.97 54.57
C LYS C 29 -57.31 -1.91 56.04
N GLN C 30 -58.02 -1.11 56.81
CA GLN C 30 -57.72 -0.94 58.24
C GLN C 30 -57.76 -2.28 58.98
N SER C 31 -58.68 -3.16 58.59
CA SER C 31 -58.80 -4.46 59.22
C SER C 31 -57.64 -5.41 58.86
N GLU C 32 -56.87 -5.04 57.86
CA GLU C 32 -55.75 -5.88 57.42
C GLU C 32 -54.43 -5.60 58.13
N VAL C 33 -54.48 -4.69 59.11
CA VAL C 33 -53.29 -4.34 59.89
C VAL C 33 -53.33 -4.99 61.28
N VAL C 34 -52.25 -5.69 61.63
CA VAL C 34 -52.16 -6.38 62.91
C VAL C 34 -50.95 -5.89 63.74
N TYR C 35 -51.14 -5.73 65.04
CA TYR C 35 -50.05 -5.36 65.92
C TYR C 35 -49.33 -6.63 66.34
N PHE C 36 -48.01 -6.59 66.41
CA PHE C 36 -47.30 -7.77 66.89
C PHE C 36 -47.44 -7.85 68.41
N SER C 37 -47.61 -9.08 68.88
CA SER C 37 -47.66 -9.43 70.29
C SER C 37 -47.46 -10.95 70.29
N VAL C 38 -46.87 -11.48 71.35
CA VAL C 38 -46.64 -12.92 71.43
C VAL C 38 -47.96 -13.66 71.40
N GLY C 39 -48.10 -14.60 70.48
CA GLY C 39 -49.32 -15.38 70.38
C GLY C 39 -50.44 -14.85 69.49
N VAL C 40 -50.28 -13.65 68.93
CA VAL C 40 -51.32 -13.10 68.07
C VAL C 40 -51.53 -13.96 66.81
N ASP C 41 -52.79 -14.14 66.42
CA ASP C 41 -53.09 -14.90 65.22
C ASP C 41 -52.79 -14.05 63.98
N LEU C 42 -51.90 -14.54 63.12
CA LEU C 42 -51.47 -13.80 61.95
C LEU C 42 -52.26 -14.04 60.66
N GLY C 43 -53.09 -15.08 60.63
CA GLY C 43 -53.86 -15.39 59.44
C GLY C 43 -54.68 -14.25 58.90
N GLY C 44 -54.64 -14.05 57.58
CA GLY C 44 -55.45 -13.02 56.93
C GLY C 44 -54.91 -11.59 56.88
N TYR C 45 -54.01 -11.24 57.78
CA TYR C 45 -53.48 -9.88 57.79
C TYR C 45 -52.47 -9.63 56.69
N LYS C 46 -52.37 -8.39 56.23
CA LYS C 46 -51.46 -8.04 55.16
C LYS C 46 -50.26 -7.24 55.64
N VAL C 47 -50.44 -6.53 56.76
CA VAL C 47 -49.38 -5.70 57.32
C VAL C 47 -49.31 -5.85 58.84
N ILE C 48 -48.09 -6.01 59.35
CA ILE C 48 -47.87 -6.13 60.80
C ILE C 48 -47.17 -4.88 61.33
N TYR C 49 -47.59 -4.44 62.52
CA TYR C 49 -47.04 -3.25 63.16
C TYR C 49 -46.28 -3.62 64.45
N ASP C 50 -45.10 -3.04 64.62
CA ASP C 50 -44.28 -3.26 65.81
C ASP C 50 -44.43 -2.03 66.72
N LYS C 51 -45.08 -2.23 67.86
CA LYS C 51 -45.31 -1.18 68.87
C LYS C 51 -44.01 -0.53 69.35
N GLU C 52 -43.03 -1.37 69.65
CA GLU C 52 -41.75 -0.89 70.18
C GLU C 52 -41.03 0.05 69.24
N THR C 53 -40.70 -0.45 68.06
CA THR C 53 -39.96 0.34 67.09
C THR C 53 -40.83 1.31 66.29
N GLN C 54 -42.15 1.12 66.34
CA GLN C 54 -43.07 1.94 65.57
C GLN C 54 -42.76 1.85 64.09
N ARG C 55 -42.62 0.61 63.61
CA ARG C 55 -42.35 0.32 62.20
C ARG C 55 -43.36 -0.71 61.73
N ALA C 56 -43.76 -0.61 60.47
CA ALA C 56 -44.72 -1.57 59.92
C ALA C 56 -44.09 -2.32 58.75
N TYR C 57 -44.60 -3.52 58.48
CA TYR C 57 -44.07 -4.39 57.41
C TYR C 57 -45.16 -5.20 56.74
N SER C 58 -45.12 -5.29 55.41
CA SER C 58 -46.07 -6.14 54.71
C SER C 58 -45.72 -7.55 55.15
N LEU C 59 -46.73 -8.38 55.35
CA LEU C 59 -46.52 -9.76 55.74
C LEU C 59 -46.51 -10.62 54.49
N PRO C 60 -45.77 -11.73 54.50
CA PRO C 60 -45.76 -12.63 53.35
C PRO C 60 -47.13 -13.25 53.19
N VAL C 61 -47.57 -13.48 51.96
CA VAL C 61 -48.86 -14.09 51.71
C VAL C 61 -48.71 -15.60 51.95
N GLY C 62 -49.71 -16.25 52.53
CA GLY C 62 -49.62 -17.67 52.75
C GLY C 62 -49.61 -18.11 54.21
N ILE C 63 -49.64 -17.15 55.13
CA ILE C 63 -49.67 -17.52 56.52
C ILE C 63 -51.05 -18.10 56.77
N ALA C 64 -51.09 -19.34 57.25
CA ALA C 64 -52.35 -20.04 57.52
C ALA C 64 -53.06 -19.54 58.78
N SER C 65 -54.40 -19.63 58.80
CA SER C 65 -55.13 -19.22 59.99
C SER C 65 -54.73 -20.21 61.07
N GLY C 66 -54.44 -19.70 62.26
CA GLY C 66 -54.01 -20.56 63.35
C GLY C 66 -52.54 -20.36 63.62
N THR C 67 -51.82 -19.82 62.66
CA THR C 67 -50.41 -19.53 62.83
C THR C 67 -50.33 -18.35 63.82
N THR C 68 -49.56 -18.52 64.88
CA THR C 68 -49.43 -17.46 65.89
C THR C 68 -48.03 -16.89 66.00
N ALA C 69 -47.96 -15.61 66.35
CA ALA C 69 -46.67 -14.93 66.49
C ALA C 69 -45.84 -15.42 67.67
N VAL C 70 -44.54 -15.59 67.45
CA VAL C 70 -43.66 -16.02 68.51
C VAL C 70 -42.73 -14.88 68.97
N SER C 71 -41.93 -14.36 68.04
CA SER C 71 -41.01 -13.26 68.34
C SER C 71 -40.79 -12.35 67.14
N LEU C 72 -40.36 -11.13 67.40
CA LEU C 72 -40.08 -10.15 66.36
C LEU C 72 -38.86 -9.33 66.77
N SER C 73 -37.73 -9.60 66.13
CA SER C 73 -36.47 -8.94 66.44
C SER C 73 -36.40 -7.51 65.92
N THR C 74 -35.39 -6.76 66.40
CA THR C 74 -35.22 -5.39 65.96
C THR C 74 -34.72 -5.31 64.54
N ALA C 75 -34.41 -6.46 63.95
CA ALA C 75 -33.97 -6.54 62.57
C ALA C 75 -35.18 -6.98 61.73
N ALA C 76 -36.34 -6.97 62.36
CA ALA C 76 -37.62 -7.34 61.72
C ALA C 76 -37.74 -8.79 61.31
N VAL C 77 -37.04 -9.68 62.01
CA VAL C 77 -37.16 -11.09 61.72
C VAL C 77 -38.36 -11.57 62.54
N LEU C 78 -39.39 -12.05 61.84
CA LEU C 78 -40.58 -12.55 62.49
C LEU C 78 -40.50 -14.07 62.58
N VAL C 79 -40.73 -14.60 63.78
CA VAL C 79 -40.73 -16.04 63.99
C VAL C 79 -42.15 -16.36 64.44
N HIS C 80 -42.76 -17.37 63.84
CA HIS C 80 -44.11 -17.76 64.21
C HIS C 80 -44.23 -19.27 64.32
N SER C 81 -45.42 -19.76 64.68
CA SER C 81 -45.66 -21.20 64.88
C SER C 81 -45.42 -22.10 63.65
N ALA C 82 -45.43 -21.51 62.47
CA ALA C 82 -45.25 -22.29 61.25
C ALA C 82 -43.87 -22.12 60.60
N GLY C 83 -43.11 -21.12 61.03
CA GLY C 83 -41.81 -20.89 60.44
C GLY C 83 -41.27 -19.53 60.80
N SER C 84 -40.48 -18.95 59.90
CA SER C 84 -39.87 -17.67 60.16
C SER C 84 -39.73 -16.86 58.87
N VAL C 85 -39.72 -15.53 59.00
CA VAL C 85 -39.58 -14.63 57.83
C VAL C 85 -38.83 -13.33 58.15
N ASP C 86 -37.88 -12.96 57.28
CA ASP C 86 -37.15 -11.72 57.47
C ASP C 86 -38.02 -10.65 56.80
N LEU C 87 -38.74 -9.88 57.61
CA LEU C 87 -39.62 -8.86 57.08
C LEU C 87 -38.87 -7.73 56.37
N GLY C 88 -37.63 -7.49 56.78
CA GLY C 88 -36.84 -6.43 56.16
C GLY C 88 -36.50 -6.82 54.73
N SER C 89 -36.14 -8.09 54.56
CA SER C 89 -35.80 -8.66 53.27
C SER C 89 -37.01 -8.64 52.33
N LEU C 90 -38.17 -9.03 52.85
CA LEU C 90 -39.38 -9.00 52.05
C LEU C 90 -39.67 -7.56 51.64
N ALA C 91 -39.49 -6.62 52.57
CA ALA C 91 -39.74 -5.21 52.28
C ALA C 91 -38.85 -4.69 51.15
N VAL C 92 -37.59 -5.10 51.17
CA VAL C 92 -36.66 -4.70 50.13
C VAL C 92 -37.18 -5.21 48.78
N SER C 93 -37.64 -6.45 48.76
CA SER C 93 -38.15 -7.04 47.52
C SER C 93 -39.37 -6.28 47.00
N ARG C 94 -40.10 -5.64 47.91
CA ARG C 94 -41.30 -4.88 47.57
C ARG C 94 -41.05 -3.38 47.47
N GLU C 95 -39.78 -2.97 47.57
CA GLU C 95 -39.41 -1.55 47.52
C GLU C 95 -40.20 -0.73 48.57
N GLU C 96 -40.33 -1.30 49.76
CA GLU C 96 -41.03 -0.65 50.86
C GLU C 96 -39.95 -0.32 51.90
N TYR C 97 -39.46 0.91 51.85
CA TYR C 97 -38.36 1.33 52.70
C TYR C 97 -38.69 2.45 53.67
N VAL C 98 -37.77 2.68 54.60
CA VAL C 98 -37.85 3.77 55.56
C VAL C 98 -36.54 4.55 55.46
N THR C 99 -36.63 5.85 55.22
CA THR C 99 -35.46 6.71 55.13
C THR C 99 -35.16 7.26 56.52
N LEU C 100 -34.11 6.75 57.14
CA LEU C 100 -33.73 7.19 58.49
C LEU C 100 -33.48 8.70 58.59
N PRO C 101 -33.70 9.25 59.78
CA PRO C 101 -33.39 10.66 59.97
C PRO C 101 -31.88 10.80 59.85
N GLY C 102 -31.39 11.97 59.51
CA GLY C 102 -29.96 12.13 59.40
C GLY C 102 -29.38 11.67 58.08
N SER C 103 -28.05 11.49 58.08
CA SER C 103 -27.34 11.12 56.87
C SER C 103 -25.98 10.54 57.21
N PHE C 104 -25.17 10.38 56.18
CA PHE C 104 -23.83 9.88 56.35
C PHE C 104 -23.01 10.94 57.07
N ASP C 105 -23.36 12.22 56.84
CA ASP C 105 -22.67 13.33 57.49
C ASP C 105 -22.90 13.24 58.98
N SER C 106 -24.16 13.08 59.39
CA SER C 106 -24.47 13.01 60.81
C SER C 106 -24.15 11.66 61.43
N GLY C 107 -24.07 10.62 60.59
CA GLY C 107 -23.83 9.29 61.12
C GLY C 107 -25.16 8.71 61.54
N SER C 108 -25.23 7.40 61.77
CA SER C 108 -26.48 6.75 62.14
C SER C 108 -26.24 5.28 62.45
N THR C 109 -27.32 4.57 62.75
CA THR C 109 -27.23 3.15 63.03
C THR C 109 -28.37 2.46 62.33
N LEU C 110 -28.04 1.51 61.46
CA LEU C 110 -29.06 0.78 60.73
C LEU C 110 -29.32 -0.57 61.40
N ASN C 111 -30.60 -0.90 61.58
CA ASN C 111 -30.98 -2.16 62.22
C ASN C 111 -31.78 -3.09 61.32
N VAL C 112 -32.38 -2.55 60.28
CA VAL C 112 -33.22 -3.37 59.41
C VAL C 112 -32.78 -3.29 57.96
N LYS C 113 -33.09 -4.33 57.18
CA LYS C 113 -32.68 -4.35 55.79
C LYS C 113 -33.38 -3.31 54.91
N ASN C 114 -34.58 -2.88 55.34
CA ASN C 114 -35.29 -1.89 54.54
C ASN C 114 -35.03 -0.44 54.96
N GLU C 115 -33.99 -0.22 55.76
CA GLU C 115 -33.63 1.14 56.16
C GLU C 115 -32.64 1.75 55.18
N LEU C 116 -32.87 3.00 54.80
CA LEU C 116 -32.01 3.71 53.87
C LEU C 116 -31.32 4.85 54.59
N LEU C 117 -30.07 5.12 54.22
CA LEU C 117 -29.34 6.22 54.80
C LEU C 117 -29.00 7.14 53.63
N THR C 118 -29.35 8.41 53.78
CA THR C 118 -29.13 9.41 52.76
C THR C 118 -27.69 9.92 52.72
N TYR C 119 -27.12 9.93 51.51
CA TYR C 119 -25.77 10.46 51.27
C TYR C 119 -25.99 11.62 50.31
N THR C 120 -24.94 12.32 49.91
CA THR C 120 -25.11 13.45 49.01
C THR C 120 -25.53 13.09 47.58
N ASP C 121 -25.33 11.85 47.17
CA ASP C 121 -25.71 11.47 45.81
C ASP C 121 -26.82 10.44 45.74
N GLY C 122 -27.56 10.29 46.83
CA GLY C 122 -28.65 9.34 46.83
C GLY C 122 -28.68 8.51 48.08
N LYS C 123 -29.62 7.57 48.13
CA LYS C 123 -29.78 6.68 49.28
C LYS C 123 -29.15 5.31 49.07
N TYR C 124 -28.83 4.66 50.19
CA TYR C 124 -28.23 3.35 50.19
C TYR C 124 -28.80 2.52 51.34
N ARG C 125 -28.88 1.21 51.13
CA ARG C 125 -29.31 0.28 52.19
C ARG C 125 -28.09 -0.57 52.51
N TRP C 126 -28.03 -1.14 53.71
CA TRP C 126 -26.88 -1.95 54.09
C TRP C 126 -27.17 -3.42 53.82
N ASP C 127 -26.32 -4.05 53.02
CA ASP C 127 -26.49 -5.46 52.64
C ASP C 127 -25.57 -6.40 53.41
N GLY C 128 -24.89 -5.88 54.43
CA GLY C 128 -24.00 -6.71 55.24
C GLY C 128 -24.60 -7.05 56.59
N ILE C 129 -23.73 -7.32 57.55
CA ILE C 129 -24.16 -7.67 58.89
C ILE C 129 -24.85 -6.49 59.59
N LEU C 130 -25.94 -6.78 60.27
CA LEU C 130 -26.69 -5.78 61.02
C LEU C 130 -26.63 -6.17 62.48
N PRO C 131 -26.66 -5.19 63.40
CA PRO C 131 -26.76 -3.74 63.14
C PRO C 131 -25.49 -3.14 62.56
N LYS C 132 -25.63 -2.06 61.81
CA LYS C 132 -24.50 -1.40 61.18
C LYS C 132 -24.37 0.01 61.70
N THR C 133 -23.22 0.30 62.29
CA THR C 133 -22.97 1.61 62.84
C THR C 133 -22.22 2.48 61.83
N VAL C 134 -22.73 3.66 61.59
CA VAL C 134 -22.11 4.59 60.66
C VAL C 134 -21.70 5.84 61.44
N ALA C 135 -20.39 6.02 61.59
CA ALA C 135 -19.85 7.18 62.31
C ALA C 135 -20.14 8.48 61.57
N PRO C 136 -20.29 9.59 62.32
CA PRO C 136 -20.52 10.88 61.68
C PRO C 136 -19.38 11.16 60.70
N GLY C 137 -19.67 11.81 59.58
CA GLY C 137 -18.64 12.13 58.63
C GLY C 137 -18.21 10.96 57.77
N SER C 138 -19.07 9.94 57.65
CA SER C 138 -18.77 8.77 56.84
C SER C 138 -19.22 8.94 55.40
N THR C 139 -18.77 8.03 54.53
CA THR C 139 -19.19 8.00 53.12
C THR C 139 -19.33 6.51 52.80
N PRO C 140 -20.20 6.17 51.83
CA PRO C 140 -20.35 4.76 51.48
C PRO C 140 -18.99 4.13 51.16
N ALA C 141 -18.17 4.84 50.38
CA ALA C 141 -16.85 4.32 50.01
C ALA C 141 -15.92 4.08 51.21
N SER C 142 -16.07 4.89 52.25
CA SER C 142 -15.21 4.75 53.41
C SER C 142 -15.77 3.84 54.49
N THR C 143 -16.96 3.31 54.27
CA THR C 143 -17.58 2.43 55.26
C THR C 143 -18.02 1.08 54.71
N GLY C 144 -17.28 0.55 53.75
CA GLY C 144 -17.59 -0.74 53.18
C GLY C 144 -17.65 -0.79 51.67
N GLY C 145 -17.78 0.36 51.03
CA GLY C 145 -17.85 0.40 49.58
C GLY C 145 -19.25 0.04 49.13
N VAL C 146 -19.53 0.17 47.84
CA VAL C 146 -20.85 -0.20 47.34
C VAL C 146 -20.78 -1.48 46.52
N GLY C 147 -21.62 -2.44 46.88
CA GLY C 147 -21.69 -3.72 46.22
C GLY C 147 -22.34 -4.74 47.13
N LEU C 148 -22.52 -5.96 46.62
CA LEU C 148 -23.14 -7.04 47.38
C LEU C 148 -22.46 -7.22 48.72
N GLY C 149 -23.23 -7.38 49.77
CA GLY C 149 -22.66 -7.52 51.09
C GLY C 149 -22.24 -6.21 51.76
N ALA C 150 -22.41 -5.09 51.06
CA ALA C 150 -22.05 -3.78 51.61
C ALA C 150 -23.15 -2.76 51.33
N TRP C 151 -22.78 -1.56 50.88
CA TRP C 151 -23.79 -0.56 50.57
C TRP C 151 -24.42 -0.84 49.20
N ILE C 152 -25.74 -0.85 49.16
CA ILE C 152 -26.45 -1.07 47.91
C ILE C 152 -27.25 0.19 47.58
N SER C 153 -27.04 0.70 46.38
CA SER C 153 -27.71 1.90 45.91
C SER C 153 -29.21 1.65 45.73
N VAL C 154 -30.03 2.55 46.26
CA VAL C 154 -31.49 2.41 46.17
C VAL C 154 -32.18 3.72 45.78
N GLY C 155 -33.20 3.61 44.93
CA GLY C 155 -33.94 4.80 44.57
C GLY C 155 -33.46 5.50 43.32
N ASP C 156 -34.33 6.34 42.78
CA ASP C 156 -34.05 7.06 41.56
C ASP C 156 -32.90 8.05 41.65
N ALA C 157 -32.74 8.74 42.77
CA ALA C 157 -31.64 9.69 42.87
C ALA C 157 -30.29 8.98 42.77
N SER C 158 -30.18 7.87 43.49
CA SER C 158 -28.99 7.02 43.48
C SER C 158 -28.75 6.45 42.09
N LEU C 159 -29.81 6.04 41.41
CA LEU C 159 -29.67 5.47 40.08
C LEU C 159 -29.07 6.49 39.12
N ARG C 160 -29.53 7.74 39.20
CA ARG C 160 -29.02 8.81 38.34
C ARG C 160 -27.52 9.03 38.55
N THR C 161 -27.09 9.11 39.80
CA THR C 161 -25.67 9.34 40.07
C THR C 161 -24.81 8.12 39.74
N GLN C 162 -25.34 6.92 39.95
CA GLN C 162 -24.61 5.69 39.63
C GLN C 162 -24.33 5.64 38.13
N LEU C 163 -25.36 5.92 37.34
CA LEU C 163 -25.25 5.94 35.88
C LEU C 163 -24.32 7.06 35.44
N ALA C 164 -24.49 8.25 36.03
CA ALA C 164 -23.65 9.40 35.67
C ALA C 164 -22.16 9.26 35.97
N ASN C 165 -21.80 8.48 36.98
CA ASN C 165 -20.41 8.36 37.38
C ASN C 165 -19.82 6.98 37.17
N GLY C 166 -20.54 6.14 36.44
CA GLY C 166 -20.11 4.78 36.19
C GLY C 166 -19.26 4.61 34.94
N ASP C 167 -19.11 3.37 34.49
CA ASP C 167 -18.32 3.13 33.29
C ASP C 167 -19.15 2.44 32.23
N GLY C 168 -20.44 2.28 32.52
CA GLY C 168 -21.37 1.64 31.62
C GLY C 168 -21.68 0.20 32.00
N SER C 169 -21.15 -0.25 33.13
CA SER C 169 -21.36 -1.61 33.61
C SER C 169 -22.80 -1.95 33.97
N LEU C 170 -23.63 -0.92 34.12
CA LEU C 170 -25.04 -1.12 34.44
C LEU C 170 -25.89 -1.29 33.19
N ILE C 171 -25.28 -1.11 32.02
CA ILE C 171 -25.99 -1.19 30.75
C ILE C 171 -25.67 -2.48 29.97
N GLY C 172 -26.66 -3.37 29.85
CA GLY C 172 -26.47 -4.63 29.14
C GLY C 172 -26.43 -4.41 27.65
N ILE C 173 -25.68 -5.26 26.94
CA ILE C 173 -25.56 -5.15 25.49
C ILE C 173 -25.65 -6.53 24.84
N HIS C 174 -25.85 -6.56 23.53
CA HIS C 174 -25.91 -7.83 22.82
C HIS C 174 -24.56 -8.19 22.15
N PRO C 175 -24.30 -9.50 21.96
CA PRO C 175 -25.15 -10.63 22.34
C PRO C 175 -25.10 -10.90 23.84
N GLN C 176 -24.08 -10.37 24.50
CA GLN C 176 -23.93 -10.51 25.93
C GLN C 176 -22.89 -9.54 26.45
N GLY C 177 -22.82 -9.40 27.77
CA GLY C 177 -21.87 -8.49 28.41
C GLY C 177 -22.52 -7.15 28.68
N THR C 178 -21.71 -6.17 29.07
CA THR C 178 -22.23 -4.84 29.34
C THR C 178 -21.48 -3.77 28.54
N LEU C 179 -22.06 -2.59 28.48
CA LEU C 179 -21.50 -1.48 27.70
C LEU C 179 -20.00 -1.23 27.86
N ASN C 180 -19.50 -1.26 29.11
CA ASN C 180 -18.09 -1.03 29.34
C ASN C 180 -17.20 -2.05 28.60
N ASN C 181 -17.73 -3.23 28.30
CA ASN C 181 -16.96 -4.27 27.61
C ASN C 181 -16.55 -3.90 26.19
N VAL C 182 -17.30 -2.99 25.57
CA VAL C 182 -17.04 -2.59 24.18
C VAL C 182 -16.63 -1.13 23.90
N LEU C 183 -16.51 -0.31 24.93
CA LEU C 183 -16.10 1.08 24.74
C LEU C 183 -14.60 1.17 24.92
N THR C 184 -13.88 1.31 23.80
CA THR C 184 -12.42 1.29 23.84
C THR C 184 -11.73 2.53 23.27
N VAL C 185 -12.45 3.34 22.51
CA VAL C 185 -11.87 4.53 21.89
C VAL C 185 -11.87 5.76 22.84
N ARG C 186 -10.94 6.68 22.63
CA ARG C 186 -10.91 7.92 23.44
C ARG C 186 -11.22 9.10 22.54
N THR C 187 -11.67 10.18 23.16
CA THR C 187 -12.00 11.37 22.42
C THR C 187 -11.73 12.62 23.27
N PRO C 188 -11.37 13.74 22.63
CA PRO C 188 -11.14 14.98 23.36
C PRO C 188 -12.40 15.44 24.09
N GLU C 189 -13.56 15.01 23.59
CA GLU C 189 -14.84 15.38 24.20
C GLU C 189 -14.98 14.80 25.61
N GLN C 190 -14.32 13.68 25.86
CA GLN C 190 -14.36 13.06 27.18
C GLN C 190 -13.69 13.98 28.18
N TYR C 191 -12.82 14.84 27.67
CA TYR C 191 -12.09 15.77 28.51
C TYR C 191 -12.64 17.17 28.38
N ASN C 192 -13.84 17.27 27.80
CA ASN C 192 -14.53 18.54 27.59
C ASN C 192 -13.81 19.54 26.68
N ALA C 193 -13.14 19.05 25.64
CA ALA C 193 -12.49 19.93 24.69
C ALA C 193 -13.62 20.70 23.99
N VAL C 194 -13.39 21.95 23.62
CA VAL C 194 -14.44 22.73 22.97
C VAL C 194 -14.59 22.34 21.51
N GLY C 195 -13.47 22.03 20.87
CA GLY C 195 -13.50 21.60 19.48
C GLY C 195 -14.02 22.58 18.44
N ASP C 196 -13.85 23.88 18.66
CA ASP C 196 -14.32 24.87 17.69
C ASP C 196 -13.13 25.50 16.95
N GLY C 197 -11.92 25.15 17.36
CA GLY C 197 -10.73 25.70 16.74
C GLY C 197 -10.52 27.16 17.12
N ILE C 198 -11.20 27.58 18.19
CA ILE C 198 -11.07 28.95 18.69
C ILE C 198 -10.51 28.89 20.11
N ALA C 199 -11.18 28.14 20.97
CA ALA C 199 -10.74 27.97 22.33
C ALA C 199 -9.45 27.16 22.38
N ASP C 200 -8.60 27.44 23.36
CA ASP C 200 -7.34 26.72 23.52
C ASP C 200 -7.62 25.37 24.19
N ASP C 201 -7.60 24.30 23.39
CA ASP C 201 -7.86 22.95 23.91
C ASP C 201 -6.58 22.19 24.30
N THR C 202 -5.46 22.90 24.35
CA THR C 202 -4.18 22.26 24.66
C THR C 202 -4.19 21.32 25.87
N SER C 203 -4.51 21.85 27.06
CA SER C 203 -4.46 21.02 28.27
C SER C 203 -5.37 19.80 28.23
N LYS C 204 -6.47 19.91 27.48
CA LYS C 204 -7.40 18.80 27.34
C LYS C 204 -6.73 17.69 26.51
N LEU C 205 -6.15 18.07 25.37
CA LEU C 205 -5.48 17.10 24.51
C LEU C 205 -4.33 16.44 25.24
N LYS C 206 -3.53 17.24 25.94
CA LYS C 206 -2.39 16.73 26.71
C LYS C 206 -2.87 15.74 27.76
N GLU C 207 -3.98 16.07 28.43
CA GLU C 207 -4.53 15.18 29.44
C GLU C 207 -4.99 13.86 28.82
N MET C 208 -5.53 13.95 27.61
CA MET C 208 -5.99 12.77 26.90
C MET C 208 -4.80 11.85 26.59
N LEU C 209 -3.70 12.44 26.14
CA LEU C 209 -2.51 11.68 25.80
C LEU C 209 -1.88 11.12 27.06
N SER C 210 -1.86 11.95 28.11
CA SER C 210 -1.31 11.56 29.40
C SER C 210 -2.07 10.37 30.00
N ASP C 211 -3.39 10.34 29.84
CA ASP C 211 -4.21 9.24 30.37
C ASP C 211 -3.94 7.92 29.63
N ILE C 212 -3.25 7.99 28.49
CA ILE C 212 -2.94 6.79 27.71
C ILE C 212 -1.56 6.24 28.07
N ASN C 213 -0.59 7.14 28.08
CA ASN C 213 0.79 6.82 28.38
C ASN C 213 1.46 8.13 28.83
N ASN C 214 1.62 8.27 30.15
CA ASN C 214 2.20 9.46 30.77
C ASN C 214 3.72 9.36 30.88
N VAL C 215 4.43 9.88 29.89
CA VAL C 215 5.89 9.76 29.89
C VAL C 215 6.61 10.99 30.45
N PRO C 216 7.37 10.80 31.55
CA PRO C 216 8.10 11.92 32.16
C PRO C 216 9.14 12.49 31.20
N GLU C 217 9.28 13.81 31.24
CA GLU C 217 10.20 14.50 30.37
C GLU C 217 11.66 14.29 30.73
N THR C 218 11.89 13.72 31.92
CA THR C 218 13.24 13.44 32.40
C THR C 218 13.26 12.01 32.91
N LEU C 219 14.28 11.24 32.51
CA LEU C 219 14.38 9.85 32.94
C LEU C 219 15.83 9.53 33.32
N PRO C 220 16.01 8.57 34.26
CA PRO C 220 17.33 8.16 34.80
C PRO C 220 18.23 7.41 33.84
N ASP C 221 17.67 6.49 33.06
CA ASP C 221 18.50 5.71 32.17
C ASP C 221 17.74 5.09 31.00
N ALA C 222 18.50 4.38 30.18
CA ALA C 222 17.97 3.70 29.00
C ALA C 222 16.79 2.81 29.34
N ALA C 223 16.96 1.97 30.36
CA ALA C 223 15.90 1.04 30.79
C ALA C 223 14.60 1.77 31.08
N ALA C 224 14.70 2.89 31.78
CA ALA C 224 13.54 3.68 32.15
C ALA C 224 12.77 4.20 30.93
N VAL C 225 13.47 4.76 29.96
CA VAL C 225 12.77 5.28 28.79
C VAL C 225 12.19 4.13 27.97
N ASN C 226 12.89 3.01 27.90
CA ASN C 226 12.44 1.85 27.12
C ASN C 226 11.16 1.23 27.66
N SER C 227 10.92 1.40 28.96
CA SER C 227 9.72 0.85 29.58
C SER C 227 8.42 1.45 29.04
N TYR C 228 8.45 2.73 28.67
CA TYR C 228 7.25 3.40 28.18
C TYR C 228 6.76 2.91 26.81
N MET C 229 7.59 2.10 26.15
CA MET C 229 7.24 1.54 24.84
C MET C 229 6.56 0.17 25.02
N GLU C 230 6.42 -0.25 26.27
CA GLU C 230 5.82 -1.53 26.62
C GLU C 230 4.55 -1.33 27.44
N GLN C 231 3.69 -0.42 26.98
CA GLN C 231 2.43 -0.10 27.65
C GLN C 231 1.27 -0.39 26.70
N VAL C 232 0.06 -0.49 27.24
CA VAL C 232 -1.14 -0.74 26.45
C VAL C 232 -1.38 0.42 25.47
N ALA C 233 -1.70 0.10 24.22
CA ALA C 233 -2.00 1.11 23.21
C ALA C 233 -3.49 1.41 23.18
N VAL C 234 -3.82 2.66 22.87
CA VAL C 234 -5.20 3.12 22.84
C VAL C 234 -5.49 3.96 21.61
N LYS C 235 -6.69 3.78 21.06
CA LYS C 235 -7.10 4.49 19.86
C LYS C 235 -7.84 5.79 20.18
N ILE C 236 -7.48 6.87 19.49
CA ILE C 236 -8.08 8.19 19.68
C ILE C 236 -8.87 8.60 18.43
N ASP C 237 -10.10 9.06 18.64
CA ASP C 237 -10.95 9.51 17.53
C ASP C 237 -11.09 11.03 17.59
N LEU C 238 -10.64 11.74 16.56
CA LEU C 238 -10.76 13.20 16.54
C LEU C 238 -11.86 13.56 15.52
N THR C 239 -13.00 14.04 16.00
CA THR C 239 -14.10 14.37 15.09
C THR C 239 -14.45 15.85 15.00
N LYS C 240 -13.79 16.67 15.80
CA LYS C 240 -13.99 18.12 15.76
C LYS C 240 -12.65 18.79 15.43
N LEU C 241 -12.59 20.11 15.64
CA LEU C 241 -11.40 20.90 15.36
C LEU C 241 -10.80 21.46 16.63
N TYR C 242 -9.61 20.99 16.99
CA TYR C 242 -9.00 21.41 18.23
C TYR C 242 -7.79 22.34 18.08
N ARG C 243 -7.94 23.57 18.54
CA ARG C 243 -6.85 24.52 18.50
C ARG C 243 -5.96 24.26 19.69
N PHE C 244 -4.64 24.31 19.49
CA PHE C 244 -3.71 24.08 20.59
C PHE C 244 -2.52 25.01 20.40
N THR C 245 -1.80 25.29 21.48
CA THR C 245 -0.76 26.31 21.41
C THR C 245 0.64 25.95 21.91
N GLU C 246 0.91 24.66 22.06
CA GLU C 246 2.20 24.17 22.49
C GLU C 246 2.40 22.84 21.78
N THR C 247 3.64 22.51 21.47
CA THR C 247 3.95 21.27 20.78
C THR C 247 3.35 20.04 21.49
N LEU C 248 2.63 19.21 20.77
CA LEU C 248 2.09 17.98 21.36
C LEU C 248 3.10 16.87 21.13
N TYR C 249 3.45 16.15 22.18
CA TYR C 249 4.38 15.04 22.03
C TYR C 249 3.60 13.74 22.14
N ILE C 250 3.52 12.99 21.03
CA ILE C 250 2.77 11.73 21.02
C ILE C 250 3.58 10.61 21.68
N PRO C 251 3.03 10.01 22.74
CA PRO C 251 3.78 8.94 23.41
C PRO C 251 3.58 7.63 22.65
N PRO C 252 4.38 6.60 22.95
CA PRO C 252 4.16 5.33 22.23
C PRO C 252 2.82 4.71 22.61
N GLY C 253 2.34 3.82 21.74
CA GLY C 253 1.08 3.12 21.98
C GLY C 253 -0.14 4.00 21.74
N VAL C 254 -0.12 4.70 20.61
CA VAL C 254 -1.24 5.59 20.28
C VAL C 254 -1.69 5.43 18.85
N SER C 255 -3.01 5.30 18.68
CA SER C 255 -3.61 5.22 17.38
C SER C 255 -4.55 6.42 17.25
N ILE C 256 -4.39 7.20 16.18
CA ILE C 256 -5.21 8.38 15.95
C ILE C 256 -5.94 8.25 14.61
N GLU C 257 -7.24 8.49 14.64
CA GLU C 257 -8.06 8.40 13.42
C GLU C 257 -9.07 9.55 13.33
N ILE C 258 -9.45 9.85 12.09
CA ILE C 258 -10.45 10.86 11.77
C ILE C 258 -11.21 10.20 10.63
N PRO C 259 -12.53 10.46 10.51
CA PRO C 259 -13.27 9.79 9.44
C PRO C 259 -12.66 9.95 8.02
N THR C 260 -12.26 11.14 7.62
CA THR C 260 -11.62 11.30 6.31
C THR C 260 -10.41 12.24 6.38
N SER C 261 -9.59 12.17 5.34
CA SER C 261 -8.38 12.97 5.22
C SER C 261 -8.62 14.25 4.43
N ASN C 262 -8.08 15.39 4.86
CA ASN C 262 -8.23 16.64 4.10
C ASN C 262 -7.57 16.47 2.73
N PHE C 263 -7.96 17.32 1.78
CA PHE C 263 -7.38 17.27 0.45
C PHE C 263 -7.61 18.63 -0.17
N PHE C 264 -6.59 19.48 -0.14
CA PHE C 264 -6.71 20.85 -0.65
C PHE C 264 -7.95 21.44 0.01
N THR C 265 -8.09 21.19 1.30
CA THR C 265 -9.23 21.66 2.07
C THR C 265 -9.11 23.15 2.38
N ARG C 266 -10.17 23.88 2.04
CA ARG C 266 -10.20 25.33 2.22
C ARG C 266 -10.39 25.71 3.68
N GLU C 267 -11.26 24.98 4.37
CA GLU C 267 -11.56 25.25 5.77
C GLU C 267 -11.54 23.96 6.57
N CYS C 268 -10.44 23.70 7.25
CA CYS C 268 -10.30 22.48 8.04
C CYS C 268 -11.37 22.45 9.13
N LYS C 269 -12.10 21.34 9.22
CA LYS C 269 -13.18 21.20 10.19
C LYS C 269 -12.90 20.12 11.21
N GLN C 270 -12.00 19.19 10.89
CA GLN C 270 -11.68 18.12 11.82
C GLN C 270 -10.19 17.88 11.84
N GLY C 271 -9.61 17.98 13.03
CA GLY C 271 -8.18 17.79 13.19
C GLY C 271 -7.57 18.69 14.24
N LEU C 272 -6.30 18.99 14.07
CA LEU C 272 -5.55 19.81 15.00
C LEU C 272 -5.06 21.07 14.32
N PHE C 273 -5.23 22.21 15.00
CA PHE C 273 -4.81 23.51 14.48
C PHE C 273 -3.76 24.06 15.47
N TYR C 274 -2.50 24.08 15.05
CA TYR C 274 -1.42 24.56 15.89
C TYR C 274 -1.28 26.07 15.77
N ASP C 275 -1.49 26.77 16.87
CA ASP C 275 -1.48 28.24 16.88
C ASP C 275 -0.72 28.81 18.07
N PRO C 276 0.62 28.70 18.06
CA PRO C 276 1.46 29.14 19.18
C PRO C 276 1.92 30.58 19.08
N VAL C 277 2.48 31.08 20.19
CA VAL C 277 3.05 32.43 20.25
C VAL C 277 4.43 32.32 19.59
N ASP C 278 5.20 31.33 20.02
CA ASP C 278 6.52 31.08 19.46
C ASP C 278 6.34 30.18 18.25
N LYS C 279 6.43 30.76 17.06
CA LYS C 279 6.25 30.00 15.83
C LYS C 279 7.48 29.18 15.39
N ASN C 280 8.62 29.36 16.05
CA ASN C 280 9.82 28.60 15.73
C ASN C 280 9.74 27.31 16.50
N THR C 281 8.67 26.56 16.23
CA THR C 281 8.40 25.31 16.90
C THR C 281 7.74 24.31 15.97
N ALA C 282 7.52 23.09 16.46
CA ALA C 282 6.84 22.08 15.68
C ALA C 282 5.43 21.91 16.25
N ALA C 283 4.48 21.55 15.42
CA ALA C 283 3.12 21.34 15.89
C ALA C 283 3.02 20.01 16.62
N ILE C 284 3.49 18.94 15.98
CA ILE C 284 3.44 17.59 16.54
C ILE C 284 4.83 16.97 16.50
N SER C 285 5.20 16.23 17.53
CA SER C 285 6.49 15.56 17.51
C SER C 285 6.44 14.24 18.23
N LEU C 286 7.25 13.29 17.75
CA LEU C 286 7.38 12.01 18.42
C LEU C 286 8.41 12.27 19.53
N MET C 287 8.56 11.33 20.46
CA MET C 287 9.48 11.50 21.59
C MET C 287 10.86 10.87 21.41
N VAL C 288 11.89 11.70 21.51
CA VAL C 288 13.27 11.24 21.44
C VAL C 288 14.01 11.83 22.64
N TYR C 289 14.64 10.96 23.42
CA TYR C 289 15.37 11.36 24.62
C TYR C 289 16.86 11.53 24.35
N ARG C 290 17.40 12.64 24.83
CA ARG C 290 18.81 12.97 24.62
C ARG C 290 19.59 12.84 25.92
N LYS C 291 20.76 12.22 25.82
CA LYS C 291 21.61 12.01 26.98
C LYS C 291 22.18 13.31 27.52
N GLN C 292 22.19 13.43 28.85
CA GLN C 292 22.67 14.63 29.53
C GLN C 292 24.07 14.42 30.06
N PRO C 293 24.78 15.52 30.39
CA PRO C 293 26.14 15.34 30.91
C PRO C 293 26.21 14.40 32.11
N ASP C 294 25.17 14.40 32.95
CA ASP C 294 25.14 13.53 34.14
C ASP C 294 24.72 12.08 33.86
N GLY C 295 24.35 11.77 32.62
CA GLY C 295 23.96 10.42 32.27
C GLY C 295 22.46 10.19 32.19
N SER C 296 21.68 11.13 32.73
CA SER C 296 20.23 11.04 32.70
C SER C 296 19.75 11.40 31.28
N TYR C 297 18.44 11.35 31.06
CA TYR C 297 17.89 11.64 29.75
C TYR C 297 16.72 12.62 29.79
N LYS C 298 16.74 13.60 28.88
CA LYS C 298 15.67 14.61 28.78
C LYS C 298 14.99 14.57 27.42
N LEU C 299 13.67 14.68 27.41
CA LEU C 299 12.90 14.70 26.19
C LEU C 299 13.34 15.82 25.26
N ASN C 300 13.49 15.52 23.97
CA ASN C 300 13.86 16.59 23.07
C ASN C 300 12.69 17.52 22.85
N LYS C 301 12.96 18.80 22.97
CA LYS C 301 11.94 19.79 22.76
C LYS C 301 12.48 20.88 21.85
N ASP C 302 13.63 20.59 21.23
CA ASP C 302 14.26 21.51 20.30
C ASP C 302 13.69 21.23 18.90
N VAL C 303 13.17 22.26 18.26
CA VAL C 303 12.56 22.12 16.95
C VAL C 303 13.52 21.61 15.85
N ASP C 304 14.77 22.04 15.87
CA ASP C 304 15.72 21.64 14.84
C ASP C 304 16.41 20.31 15.08
N TYR C 305 16.30 19.79 16.29
CA TYR C 305 16.95 18.53 16.62
C TYR C 305 16.32 17.30 15.98
N TYR C 306 17.19 16.41 15.49
CA TYR C 306 16.76 15.15 14.91
C TYR C 306 17.87 14.17 15.24
N PRO C 307 17.51 12.97 15.71
CA PRO C 307 18.56 12.01 16.06
C PRO C 307 19.16 11.37 14.81
N THR C 308 20.44 11.01 14.89
CA THR C 308 21.10 10.32 13.79
C THR C 308 21.20 8.84 14.16
N GLY C 309 21.50 7.98 13.19
CA GLY C 309 21.62 6.56 13.44
C GLY C 309 22.71 6.33 14.46
N LEU C 310 23.78 7.10 14.33
CA LEU C 310 24.92 7.04 15.26
C LEU C 310 24.42 7.34 16.66
N ASP C 311 23.70 8.45 16.81
CA ASP C 311 23.15 8.85 18.11
C ASP C 311 22.43 7.68 18.80
N ILE C 312 21.57 6.98 18.05
CA ILE C 312 20.83 5.83 18.58
C ILE C 312 21.79 4.68 18.94
N ASP C 313 22.85 4.54 18.15
CA ASP C 313 23.83 3.48 18.37
C ASP C 313 24.66 3.67 19.64
N ASN C 314 25.20 4.86 19.84
CA ASN C 314 26.02 5.14 21.01
C ASN C 314 25.27 5.65 22.25
N GLY C 315 23.94 5.59 22.22
CA GLY C 315 23.15 6.03 23.35
C GLY C 315 23.02 7.52 23.60
N ASP C 316 23.59 8.35 22.74
CA ASP C 316 23.47 9.79 22.89
C ASP C 316 21.99 10.14 22.76
N ALA C 317 21.26 9.32 22.01
CA ALA C 317 19.83 9.54 21.83
C ALA C 317 19.11 8.21 22.04
N ILE C 318 17.94 8.26 22.65
CA ILE C 318 17.14 7.04 22.84
C ILE C 318 15.72 7.32 22.38
N THR C 319 15.24 6.53 21.43
CA THR C 319 13.89 6.72 20.90
C THR C 319 12.82 6.25 21.87
N CYS C 320 11.72 6.99 21.92
CA CYS C 320 10.58 6.61 22.74
C CYS C 320 9.40 6.78 21.80
N ALA C 321 9.61 6.36 20.56
CA ALA C 321 8.63 6.46 19.52
C ALA C 321 8.42 5.14 18.79
N ARG C 322 7.40 4.41 19.20
CA ARG C 322 7.03 3.16 18.54
C ARG C 322 5.58 2.79 18.87
N LYS C 323 4.99 1.87 18.12
CA LYS C 323 3.59 1.49 18.31
C LYS C 323 2.69 2.71 18.16
N ILE C 324 2.99 3.53 17.14
CA ILE C 324 2.22 4.72 16.85
C ILE C 324 1.67 4.60 15.43
N ASP C 325 0.35 4.75 15.30
CA ASP C 325 -0.35 4.61 14.03
C ASP C 325 -1.27 5.80 13.80
N ILE C 326 -1.21 6.41 12.61
CA ILE C 326 -2.05 7.57 12.30
C ILE C 326 -2.88 7.34 11.05
N ASN C 327 -4.19 7.47 11.18
CA ASN C 327 -5.09 7.30 10.05
C ASN C 327 -5.93 8.55 9.84
N ASN C 328 -5.62 9.31 8.78
CA ASN C 328 -6.34 10.53 8.41
C ASN C 328 -6.20 11.75 9.32
N LEU C 329 -5.12 11.85 10.09
CA LEU C 329 -4.96 13.05 10.92
C LEU C 329 -4.80 14.27 10.01
N ASN C 330 -5.56 15.30 10.31
CA ASN C 330 -5.49 16.55 9.56
C ASN C 330 -4.81 17.55 10.48
N LEU C 331 -3.69 18.11 10.01
CA LEU C 331 -2.96 19.08 10.80
C LEU C 331 -2.75 20.39 10.07
N ILE C 332 -3.37 21.45 10.56
CA ILE C 332 -3.19 22.76 9.97
C ILE C 332 -2.46 23.57 11.02
N THR C 333 -1.87 24.69 10.63
CA THR C 333 -1.12 25.47 11.58
C THR C 333 -1.17 26.95 11.25
N ALA C 334 -0.79 27.79 12.21
CA ALA C 334 -0.80 29.23 11.96
C ALA C 334 0.27 29.52 10.91
N PRO C 335 0.06 30.57 10.11
CA PRO C 335 1.06 30.92 9.09
C PRO C 335 2.39 31.23 9.77
N GLY C 336 3.49 30.73 9.22
CA GLY C 336 4.79 30.99 9.80
C GLY C 336 5.32 29.93 10.74
N VAL C 337 4.51 28.94 11.08
CA VAL C 337 4.97 27.86 11.96
C VAL C 337 6.08 27.12 11.21
N LYS C 338 7.20 26.89 11.89
CA LYS C 338 8.37 26.27 11.27
C LYS C 338 8.14 24.85 10.72
N VAL C 339 7.72 23.94 11.60
CA VAL C 339 7.54 22.54 11.21
C VAL C 339 6.17 22.00 11.61
N GLY C 340 5.53 21.27 10.71
CA GLY C 340 4.24 20.68 11.02
C GLY C 340 4.44 19.43 11.89
N VAL C 341 5.10 18.42 11.34
CA VAL C 341 5.31 17.15 12.05
C VAL C 341 6.75 16.68 12.14
N LYS C 342 7.23 16.41 13.36
CA LYS C 342 8.57 15.86 13.55
C LYS C 342 8.48 14.36 13.80
N TRP C 343 8.63 13.60 12.72
CA TRP C 343 8.58 12.15 12.77
C TRP C 343 10.00 11.64 13.03
N ILE C 344 10.45 11.83 14.27
CA ILE C 344 11.79 11.41 14.66
C ILE C 344 11.83 10.17 15.55
N GLY C 345 12.72 9.25 15.18
CA GLY C 345 12.88 8.01 15.91
C GLY C 345 11.71 7.06 15.82
N GLY C 346 10.78 7.31 14.90
CA GLY C 346 9.60 6.46 14.76
C GLY C 346 9.75 5.20 13.92
N ALA C 347 10.70 4.33 14.30
CA ALA C 347 10.91 3.08 13.57
C ALA C 347 9.65 2.22 13.62
N GLY C 348 9.22 1.71 12.47
CA GLY C 348 8.03 0.88 12.41
C GLY C 348 6.71 1.60 12.61
N CYS C 349 6.74 2.91 12.82
CA CYS C 349 5.51 3.69 12.99
C CYS C 349 4.87 3.88 11.62
N THR C 350 3.55 3.94 11.60
CA THR C 350 2.87 4.00 10.32
C THR C 350 1.84 5.10 10.24
N THR C 351 1.60 5.52 9.02
CA THR C 351 0.71 6.62 8.76
C THR C 351 -0.10 6.35 7.49
N LYS C 352 -1.36 6.76 7.47
CA LYS C 352 -2.23 6.63 6.30
C LYS C 352 -3.14 7.84 6.23
N GLY C 353 -3.09 8.56 5.12
CA GLY C 353 -3.90 9.75 4.95
C GLY C 353 -3.52 10.95 5.81
N LEU C 354 -2.31 10.97 6.37
CA LEU C 354 -1.87 12.13 7.16
C LEU C 354 -1.94 13.33 6.21
N SER C 355 -2.71 14.34 6.57
CA SER C 355 -2.90 15.50 5.70
C SER C 355 -2.52 16.80 6.42
N ILE C 356 -1.44 17.41 5.97
CA ILE C 356 -0.89 18.65 6.57
C ILE C 356 -1.17 19.90 5.76
N GLY C 357 -1.59 20.97 6.43
CA GLY C 357 -1.84 22.24 5.79
C GLY C 357 -3.23 22.47 5.22
N GLU C 358 -3.63 23.75 5.20
CA GLU C 358 -4.93 24.17 4.71
C GLU C 358 -4.78 25.05 3.48
N ASN C 359 -5.65 24.83 2.49
CA ASN C 359 -5.70 25.63 1.27
C ASN C 359 -6.54 26.89 1.60
N THR C 360 -6.06 27.67 2.57
CA THR C 360 -6.74 28.87 3.05
C THR C 360 -7.19 29.85 1.97
N GLY C 361 -6.24 30.31 1.16
CA GLY C 361 -6.52 31.26 0.09
C GLY C 361 -5.34 31.37 -0.86
N SER C 362 -5.37 32.37 -1.73
CA SER C 362 -4.32 32.59 -2.74
C SER C 362 -3.02 33.09 -2.15
N ASP C 363 -3.11 33.85 -1.07
CA ASP C 363 -1.92 34.41 -0.45
C ASP C 363 -1.31 33.37 0.47
N ILE C 364 -0.23 32.74 0.01
CA ILE C 364 0.45 31.71 0.79
C ILE C 364 0.98 32.27 2.12
N THR C 365 1.22 33.57 2.13
CA THR C 365 1.74 34.28 3.30
C THR C 365 0.75 34.23 4.50
N THR C 366 -0.54 34.11 4.22
CA THR C 366 -1.53 34.03 5.28
C THR C 366 -2.20 32.66 5.34
N ALA C 367 -1.73 31.71 4.52
CA ALA C 367 -2.31 30.37 4.51
C ALA C 367 -1.96 29.63 5.79
N ARG C 368 -2.93 28.87 6.30
CA ARG C 368 -2.73 28.10 7.53
C ARG C 368 -1.99 26.77 7.28
N LEU C 369 -0.72 26.88 6.94
CA LEU C 369 0.13 25.74 6.63
C LEU C 369 1.54 26.07 7.13
N PRO C 370 2.36 25.06 7.40
CA PRO C 370 3.69 25.33 7.93
C PRO C 370 4.77 25.59 6.88
N ARG C 371 5.92 26.09 7.33
CA ARG C 371 7.05 26.35 6.46
C ARG C 371 7.60 25.01 5.98
N VAL C 372 7.82 24.10 6.94
CA VAL C 372 8.28 22.75 6.61
C VAL C 372 7.20 21.77 7.04
N GLY C 373 6.68 20.98 6.12
CA GLY C 373 5.60 20.05 6.44
C GLY C 373 5.97 18.94 7.41
N LEU C 374 6.99 18.16 7.05
CA LEU C 374 7.39 17.02 7.88
C LEU C 374 8.91 16.85 7.86
N LEU C 375 9.47 16.51 9.01
CA LEU C 375 10.92 16.28 9.15
C LEU C 375 11.06 14.92 9.78
N GLN C 376 11.79 14.02 9.11
CA GLN C 376 11.95 12.65 9.57
C GLN C 376 13.36 12.10 9.63
N SER C 377 13.68 11.45 10.75
CA SER C 377 14.98 10.80 10.91
C SER C 377 14.80 9.57 11.80
N ALA C 378 15.78 8.66 11.73
CA ALA C 378 15.79 7.44 12.55
C ALA C 378 14.46 6.67 12.57
N SER C 379 13.79 6.64 11.43
CA SER C 379 12.52 5.96 11.34
C SER C 379 12.56 4.83 10.33
N TRP C 380 13.53 3.92 10.50
CA TRP C 380 13.64 2.78 9.61
C TRP C 380 12.36 1.95 9.72
N GLY C 381 11.92 1.40 8.60
CA GLY C 381 10.71 0.58 8.58
C GLY C 381 9.43 1.39 8.75
N SER C 382 9.52 2.71 8.62
CA SER C 382 8.34 3.54 8.76
C SER C 382 7.63 3.64 7.42
N ILE C 383 6.32 3.51 7.43
CA ILE C 383 5.54 3.57 6.21
C ILE C 383 4.53 4.72 6.26
N HIS C 384 4.55 5.59 5.26
CA HIS C 384 3.59 6.67 5.14
C HIS C 384 2.73 6.40 3.92
N GLU C 385 1.48 5.98 4.10
CA GLU C 385 0.62 5.70 2.95
C GLU C 385 -0.24 6.92 2.62
N ASN C 386 -0.18 7.35 1.36
CA ASN C 386 -0.95 8.47 0.87
C ASN C 386 -0.87 9.73 1.76
N LEU C 387 0.36 10.16 2.02
CA LEU C 387 0.63 11.35 2.81
C LEU C 387 0.31 12.58 1.96
N ARG C 388 -0.42 13.55 2.53
CA ARG C 388 -0.77 14.78 1.82
C ARG C 388 -0.15 15.99 2.52
N ILE C 389 0.54 16.83 1.76
CA ILE C 389 1.20 17.98 2.34
C ILE C 389 1.08 19.23 1.49
N LEU C 390 0.60 20.30 2.11
CA LEU C 390 0.50 21.61 1.50
C LEU C 390 1.52 22.41 2.31
N TYR C 391 2.54 22.95 1.65
CA TYR C 391 3.59 23.65 2.37
C TYR C 391 3.95 24.98 1.73
N LYS C 392 4.76 25.76 2.44
CA LYS C 392 5.24 27.03 1.92
C LYS C 392 6.72 26.92 1.49
N THR C 393 7.56 26.34 2.34
CA THR C 393 9.01 26.26 2.05
C THR C 393 9.54 24.88 1.66
N GLN C 394 9.24 23.86 2.48
CA GLN C 394 9.65 22.48 2.21
C GLN C 394 8.53 21.52 2.55
N GLY C 395 8.25 20.58 1.65
CA GLY C 395 7.19 19.62 1.90
C GLY C 395 7.59 18.64 2.98
N ALA C 396 8.45 17.70 2.62
CA ALA C 396 8.94 16.67 3.55
C ALA C 396 10.49 16.59 3.46
N VAL C 397 11.12 16.30 4.58
CA VAL C 397 12.59 16.23 4.66
C VAL C 397 12.95 14.93 5.38
N PHE C 398 13.80 14.12 4.76
CA PHE C 398 14.21 12.82 5.29
C PHE C 398 15.72 12.81 5.51
N ILE C 399 16.16 12.61 6.74
CA ILE C 399 17.58 12.68 7.05
C ILE C 399 18.14 11.49 7.80
N ASP C 400 19.39 11.15 7.51
CA ASP C 400 20.09 10.07 8.20
C ASP C 400 19.35 8.73 8.08
N SER C 401 19.53 7.84 9.05
CA SER C 401 18.92 6.50 9.04
C SER C 401 17.40 6.37 8.85
N ASN C 402 16.97 5.84 7.71
CA ASN C 402 15.54 5.60 7.44
C ASN C 402 15.41 4.32 6.63
N GLY C 403 16.28 3.36 6.94
CA GLY C 403 16.35 2.10 6.23
C GLY C 403 15.02 1.41 5.97
N GLY C 404 14.75 1.11 4.71
CA GLY C 404 13.54 0.40 4.36
C GLY C 404 12.25 1.20 4.43
N ALA C 405 12.32 2.46 4.87
CA ALA C 405 11.13 3.31 4.96
C ALA C 405 10.51 3.57 3.59
N ALA C 406 9.19 3.68 3.55
CA ALA C 406 8.50 3.95 2.29
C ALA C 406 7.47 5.07 2.39
N VAL C 407 7.34 5.82 1.29
CA VAL C 407 6.37 6.90 1.16
C VAL C 407 5.61 6.62 -0.11
N ASN C 408 4.40 6.13 0.04
CA ASN C 408 3.58 5.70 -1.08
C ASN C 408 2.44 6.64 -1.44
N ASN C 409 2.35 6.94 -2.72
CA ASN C 409 1.31 7.83 -3.24
C ASN C 409 1.21 9.15 -2.48
N ALA C 410 2.34 9.76 -2.16
CA ALA C 410 2.32 11.05 -1.49
C ALA C 410 1.79 12.09 -2.48
N TYR C 411 1.03 13.07 -1.96
CA TYR C 411 0.51 14.17 -2.77
C TYR C 411 1.08 15.39 -2.06
N ILE C 412 2.19 15.89 -2.59
CA ILE C 412 2.89 17.01 -1.97
C ILE C 412 2.91 18.21 -2.91
N SER C 413 2.42 19.33 -2.42
CA SER C 413 2.34 20.53 -3.24
C SER C 413 2.55 21.82 -2.46
N ARG C 414 3.18 22.80 -3.11
CA ARG C 414 3.29 24.11 -2.48
C ARG C 414 1.92 24.73 -2.75
N LEU C 415 1.46 25.66 -1.92
CA LEU C 415 0.17 26.26 -2.21
C LEU C 415 0.40 27.30 -3.28
N GLY C 416 0.50 26.84 -4.53
CA GLY C 416 0.78 27.73 -5.64
C GLY C 416 2.29 27.96 -5.75
N ASN C 417 2.75 28.42 -6.91
CA ASN C 417 4.16 28.67 -7.10
C ASN C 417 4.53 30.16 -7.13
N THR C 418 3.63 31.01 -6.66
CA THR C 418 3.89 32.45 -6.62
C THR C 418 5.01 32.73 -5.62
N ASN C 419 6.11 33.29 -6.13
CA ASN C 419 7.30 33.59 -5.34
C ASN C 419 7.95 32.33 -4.79
N GLY C 420 7.59 31.17 -5.32
CA GLY C 420 8.15 29.93 -4.84
C GLY C 420 9.65 29.87 -5.04
N GLU C 421 10.11 30.49 -6.13
CA GLU C 421 11.53 30.50 -6.44
C GLU C 421 12.36 31.32 -5.44
N LEU C 422 11.70 32.01 -4.52
CA LEU C 422 12.41 32.82 -3.53
C LEU C 422 12.48 32.15 -2.17
N GLU C 423 11.84 31.00 -2.02
CA GLU C 423 11.87 30.28 -0.74
C GLU C 423 13.26 29.75 -0.48
N GLN C 424 13.65 29.72 0.78
CA GLN C 424 14.96 29.21 1.16
C GLN C 424 14.81 27.95 2.02
N ALA C 425 15.28 26.82 1.50
CA ALA C 425 15.23 25.55 2.21
C ALA C 425 15.84 25.69 3.60
N VAL C 426 15.15 25.17 4.61
CA VAL C 426 15.59 25.25 6.00
C VAL C 426 16.48 24.07 6.40
N TYR C 427 16.00 22.85 6.14
CA TYR C 427 16.74 21.63 6.44
C TYR C 427 17.23 21.05 5.11
N LYS C 428 18.54 21.15 4.88
CA LYS C 428 19.13 20.75 3.61
C LYS C 428 20.59 20.32 3.79
N PRO C 429 21.13 19.58 2.80
CA PRO C 429 22.54 19.18 2.89
C PRO C 429 23.37 20.40 2.52
N ALA C 430 24.59 20.49 3.02
CA ALA C 430 25.47 21.63 2.74
C ALA C 430 25.70 21.87 1.24
N GLY C 431 25.71 20.80 0.47
CA GLY C 431 25.93 20.89 -0.97
C GLY C 431 24.80 21.55 -1.74
N PHE C 432 23.66 21.76 -1.09
CA PHE C 432 22.53 22.40 -1.75
C PHE C 432 22.46 23.86 -1.32
N THR C 433 22.84 24.75 -2.24
CA THR C 433 22.86 26.17 -1.92
C THR C 433 21.94 26.99 -2.81
N GLU C 434 21.18 26.33 -3.68
CA GLU C 434 20.27 27.06 -4.55
C GLU C 434 19.11 27.61 -3.75
N VAL C 435 18.47 28.63 -4.31
CA VAL C 435 17.33 29.25 -3.67
C VAL C 435 16.12 28.70 -4.40
N GLY C 436 15.06 28.40 -3.65
CA GLY C 436 13.85 27.87 -4.24
C GLY C 436 13.22 26.85 -3.31
N ASP C 437 11.90 26.74 -3.35
CA ASP C 437 11.22 25.77 -2.49
C ASP C 437 11.53 24.33 -2.93
N VAL C 438 11.49 23.40 -1.98
CA VAL C 438 11.77 22.01 -2.29
C VAL C 438 10.68 21.13 -1.72
N ALA C 439 9.98 20.41 -2.59
CA ALA C 439 8.91 19.51 -2.15
C ALA C 439 9.44 18.39 -1.26
N VAL C 440 10.48 17.67 -1.73
CA VAL C 440 11.07 16.57 -0.96
C VAL C 440 12.60 16.70 -0.90
N THR C 441 13.15 16.66 0.31
CA THR C 441 14.57 16.79 0.53
C THR C 441 15.07 15.57 1.29
N GLN C 442 16.19 15.01 0.86
CA GLN C 442 16.74 13.83 1.52
C GLN C 442 18.26 13.87 1.56
N PHE C 443 18.84 13.49 2.69
CA PHE C 443 20.30 13.47 2.78
C PHE C 443 20.83 12.68 3.96
N ALA C 444 22.14 12.73 4.11
CA ALA C 444 22.89 12.05 5.17
C ALA C 444 22.76 10.53 5.19
N GLY C 445 22.50 9.93 4.04
CA GLY C 445 22.41 8.47 3.99
C GLY C 445 21.00 7.95 4.04
N SER C 446 20.03 8.86 4.02
CA SER C 446 18.63 8.47 4.05
C SER C 446 18.28 7.87 2.66
N GLU C 447 17.56 6.77 2.66
CA GLU C 447 17.16 6.11 1.41
C GLU C 447 15.73 5.63 1.42
N VAL C 448 14.81 6.56 1.60
CA VAL C 448 13.38 6.28 1.64
C VAL C 448 12.95 5.92 0.20
N LYS C 449 12.01 4.99 0.04
CA LYS C 449 11.52 4.62 -1.29
C LYS C 449 10.28 5.46 -1.59
N PHE C 450 10.35 6.26 -2.65
CA PHE C 450 9.20 7.09 -3.04
C PHE C 450 8.46 6.43 -4.17
N ASN C 451 7.29 5.88 -3.87
CA ASN C 451 6.49 5.21 -4.88
C ASN C 451 5.30 6.06 -5.35
N SER C 452 5.25 6.34 -6.64
CA SER C 452 4.20 7.15 -7.27
C SER C 452 3.86 8.47 -6.57
N PRO C 453 4.88 9.26 -6.24
CA PRO C 453 4.54 10.54 -5.59
C PRO C 453 3.93 11.49 -6.59
N ILE C 454 3.11 12.41 -6.11
CA ILE C 454 2.48 13.44 -6.94
C ILE C 454 3.07 14.73 -6.37
N ILE C 455 3.83 15.46 -7.19
CA ILE C 455 4.49 16.67 -6.73
C ILE C 455 4.04 17.86 -7.54
N GLU C 456 3.55 18.89 -6.86
CA GLU C 456 3.04 20.05 -7.58
C GLU C 456 3.53 21.41 -7.10
N GLN C 457 3.64 22.34 -8.06
CA GLN C 457 4.03 23.74 -7.83
C GLN C 457 5.38 23.96 -7.16
N ALA C 458 6.31 23.03 -7.36
CA ALA C 458 7.62 23.13 -6.72
C ALA C 458 8.75 23.65 -7.61
N SER C 459 9.66 24.40 -7.01
CA SER C 459 10.84 24.91 -7.71
C SER C 459 11.79 23.74 -7.91
N PHE C 460 11.88 22.90 -6.88
CA PHE C 460 12.70 21.70 -6.88
C PHE C 460 11.79 20.58 -6.38
N ASP C 461 11.57 19.55 -7.20
CA ASP C 461 10.71 18.46 -6.74
C ASP C 461 11.45 17.61 -5.72
N PHE C 462 12.69 17.27 -6.04
CA PHE C 462 13.54 16.47 -5.17
C PHE C 462 14.95 17.01 -5.09
N VAL C 463 15.48 17.08 -3.87
CA VAL C 463 16.88 17.42 -3.63
C VAL C 463 17.37 16.25 -2.82
N HIS C 464 18.32 15.49 -3.35
CA HIS C 464 18.84 14.33 -2.63
C HIS C 464 20.36 14.33 -2.64
N ALA C 465 20.95 14.09 -1.49
CA ALA C 465 22.39 14.04 -1.37
C ALA C 465 22.77 12.69 -0.78
N GLY C 466 23.80 12.06 -1.35
CA GLY C 466 24.25 10.80 -0.82
C GLY C 466 25.05 11.14 0.43
N ARG C 467 25.35 10.13 1.23
CA ARG C 467 26.12 10.33 2.45
C ARG C 467 27.51 10.84 2.10
N ASP C 468 27.97 11.87 2.81
CA ASP C 468 29.27 12.51 2.59
C ASP C 468 30.46 11.58 2.49
N THR C 469 30.50 10.59 3.35
CA THR C 469 31.62 9.65 3.39
C THR C 469 31.82 8.77 2.16
N ASP C 470 30.75 8.10 1.74
CA ASP C 470 30.86 7.11 0.68
C ASP C 470 29.76 7.15 -0.36
N SER C 471 29.01 8.24 -0.45
CA SER C 471 27.91 8.36 -1.41
C SER C 471 26.77 7.34 -1.19
N TYR C 472 26.65 6.82 0.03
CA TYR C 472 25.59 5.86 0.33
C TYR C 472 24.21 6.51 0.38
N GLY C 473 23.20 5.75 -0.02
CA GLY C 473 21.83 6.23 0.02
C GLY C 473 21.31 6.41 -1.38
N LEU C 474 20.64 5.40 -1.90
CA LEU C 474 20.10 5.42 -3.25
C LEU C 474 18.83 6.26 -3.37
N PHE C 475 18.80 7.18 -4.32
CA PHE C 475 17.63 8.03 -4.54
C PHE C 475 16.68 7.19 -5.38
N MET C 476 15.54 6.82 -4.80
CA MET C 476 14.57 5.95 -5.47
C MET C 476 13.19 6.56 -5.65
N VAL C 477 12.88 6.93 -6.88
CA VAL C 477 11.57 7.49 -7.20
C VAL C 477 10.94 6.74 -8.37
N ASP C 478 9.81 6.11 -8.10
CA ASP C 478 9.08 5.35 -9.11
C ASP C 478 7.82 6.04 -9.62
N LYS C 479 7.86 6.44 -10.89
CA LYS C 479 6.76 7.09 -11.58
C LYS C 479 6.24 8.35 -10.89
N PRO C 480 7.05 9.42 -10.83
CA PRO C 480 6.58 10.64 -10.17
C PRO C 480 5.65 11.41 -11.08
N HIS C 481 4.54 11.92 -10.55
CA HIS C 481 3.63 12.71 -11.35
C HIS C 481 3.93 14.17 -11.03
N ILE C 482 4.79 14.78 -11.86
CA ILE C 482 5.23 16.15 -11.63
C ILE C 482 4.53 17.20 -12.50
N GLU C 483 4.01 18.24 -11.84
CA GLU C 483 3.33 19.33 -12.51
C GLU C 483 3.51 20.66 -11.80
N SER C 484 3.46 21.75 -12.57
CA SER C 484 3.63 23.10 -12.02
C SER C 484 2.96 24.10 -12.94
N SER C 485 2.09 24.94 -12.41
CA SER C 485 1.38 25.95 -13.21
C SER C 485 2.33 26.87 -13.95
N GLY C 486 1.98 27.22 -15.18
CA GLY C 486 2.79 28.11 -15.98
C GLY C 486 4.16 27.54 -16.35
N GLY C 487 4.39 26.29 -16.02
CA GLY C 487 5.66 25.65 -16.31
C GLY C 487 6.81 26.18 -15.49
N LYS C 488 6.52 26.80 -14.35
CA LYS C 488 7.59 27.34 -13.51
C LYS C 488 8.28 26.22 -12.71
N LYS C 489 9.61 26.15 -12.85
CA LYS C 489 10.39 25.11 -12.18
C LYS C 489 11.88 25.35 -12.40
N LYS C 490 12.71 24.90 -11.46
CA LYS C 490 14.15 25.00 -11.62
C LYS C 490 14.67 23.61 -11.98
N HIS C 491 14.42 22.62 -11.12
CA HIS C 491 14.86 21.25 -11.37
C HIS C 491 13.92 20.21 -10.74
N SER C 492 13.82 19.03 -11.34
CA SER C 492 12.98 17.99 -10.74
C SER C 492 13.80 17.09 -9.82
N PHE C 493 15.01 16.73 -10.24
CA PHE C 493 15.88 15.88 -9.46
C PHE C 493 17.25 16.53 -9.32
N TYR C 494 17.51 17.14 -8.17
CA TYR C 494 18.79 17.79 -7.90
C TYR C 494 19.54 16.80 -7.04
N LEU C 495 20.48 16.09 -7.66
CA LEU C 495 21.20 15.00 -7.02
C LEU C 495 22.67 15.28 -6.73
N ILE C 496 23.03 15.17 -5.45
CA ILE C 496 24.37 15.48 -4.98
C ILE C 496 25.11 14.25 -4.46
N ASN C 497 26.31 14.01 -5.00
CA ASN C 497 27.15 12.90 -4.57
C ASN C 497 26.35 11.62 -4.36
N THR C 498 25.63 11.19 -5.38
CA THR C 498 24.74 10.05 -5.20
C THR C 498 24.47 9.28 -6.47
N SER C 499 23.83 8.13 -6.30
CA SER C 499 23.37 7.28 -7.39
C SER C 499 21.85 7.36 -7.34
N SER C 500 21.17 6.83 -8.35
CA SER C 500 19.70 6.87 -8.34
C SER C 500 19.08 5.91 -9.33
N ASN C 501 17.85 5.50 -9.07
CA ASN C 501 17.07 4.67 -9.97
C ASN C 501 15.69 5.34 -10.06
N VAL C 502 15.39 5.93 -11.22
CA VAL C 502 14.12 6.63 -11.43
C VAL C 502 13.40 6.10 -12.67
N THR C 503 12.10 5.84 -12.54
CA THR C 503 11.29 5.41 -13.68
C THR C 503 10.31 6.54 -14.00
N LEU C 504 10.40 7.11 -15.20
CA LEU C 504 9.52 8.22 -15.60
C LEU C 504 8.21 7.67 -16.15
N SER C 505 7.11 8.39 -15.91
CA SER C 505 5.78 7.94 -16.34
C SER C 505 5.12 8.78 -17.43
N GLY C 506 5.93 9.54 -18.17
CA GLY C 506 5.41 10.37 -19.25
C GLY C 506 4.87 11.72 -18.79
N VAL C 507 5.12 12.07 -17.54
CA VAL C 507 4.66 13.32 -16.95
C VAL C 507 5.85 14.09 -16.41
N GLY C 508 5.92 15.37 -16.72
CA GLY C 508 7.01 16.20 -16.25
C GLY C 508 7.23 17.41 -17.14
N LEU C 509 8.25 18.19 -16.84
CA LEU C 509 8.57 19.38 -17.59
C LEU C 509 9.89 19.92 -17.09
N SER C 510 10.41 20.94 -17.76
CA SER C 510 11.60 21.64 -17.29
C SER C 510 11.25 23.14 -17.35
N GLY C 511 11.89 23.93 -16.50
CA GLY C 511 11.59 25.35 -16.39
C GLY C 511 11.67 26.26 -17.59
N GLN C 512 11.33 27.53 -17.36
CA GLN C 512 11.32 28.57 -18.38
C GLN C 512 12.68 29.20 -18.71
N ASP C 513 13.65 29.06 -17.81
CA ASP C 513 14.98 29.60 -18.07
C ASP C 513 15.62 28.66 -19.09
N PRO C 514 15.89 29.17 -20.31
CA PRO C 514 16.46 28.34 -21.40
C PRO C 514 17.90 27.92 -21.20
N ASP C 515 18.54 28.45 -20.16
CA ASP C 515 19.93 28.11 -19.86
C ASP C 515 20.12 27.24 -18.61
N LEU C 516 19.45 27.57 -17.51
CA LEU C 516 19.66 26.87 -16.25
C LEU C 516 18.68 25.78 -15.81
N ASP C 517 17.45 25.82 -16.29
CA ASP C 517 16.47 24.83 -15.87
C ASP C 517 16.63 23.48 -16.58
N SER C 518 16.51 22.40 -15.83
CA SER C 518 16.65 21.07 -16.41
C SER C 518 16.01 20.05 -15.48
N MET C 519 15.50 18.96 -16.05
CA MET C 519 14.89 17.90 -15.27
C MET C 519 15.87 17.40 -14.21
N TYR C 520 17.12 17.18 -14.62
CA TYR C 520 18.14 16.71 -13.70
C TYR C 520 19.30 17.69 -13.52
N PHE C 521 19.81 17.77 -12.30
CA PHE C 521 21.05 18.48 -12.05
C PHE C 521 21.90 17.49 -11.26
N LEU C 522 23.02 17.09 -11.84
CA LEU C 522 23.91 16.15 -11.18
C LEU C 522 25.11 16.91 -10.64
N LYS C 523 25.16 17.07 -9.33
CA LYS C 523 26.24 17.80 -8.70
C LYS C 523 27.26 16.92 -8.01
N ASN C 524 28.48 16.92 -8.54
CA ASN C 524 29.57 16.14 -7.95
C ASN C 524 29.26 14.67 -7.65
N CYS C 525 28.58 14.00 -8.58
CA CYS C 525 28.32 12.57 -8.39
C CYS C 525 29.64 11.85 -8.73
N PRO C 526 30.07 10.94 -7.86
CA PRO C 526 31.35 10.25 -8.06
C PRO C 526 31.40 9.35 -9.29
N GLU C 527 32.62 8.99 -9.69
CA GLU C 527 32.82 8.14 -10.86
C GLU C 527 32.06 6.81 -10.81
N THR C 528 31.93 6.22 -9.62
CA THR C 528 31.26 4.93 -9.45
C THR C 528 29.75 5.00 -9.33
N ALA C 529 29.20 6.22 -9.28
CA ALA C 529 27.76 6.41 -9.18
C ALA C 529 27.08 6.26 -10.55
N ARG C 530 25.79 5.92 -10.53
CA ARG C 530 25.01 5.77 -11.75
C ARG C 530 23.62 6.37 -11.44
N ASN C 531 23.13 7.20 -12.33
CA ASN C 531 21.82 7.80 -12.16
C ASN C 531 20.97 7.31 -13.31
N VAL C 532 20.26 6.23 -13.04
CA VAL C 532 19.49 5.52 -14.06
C VAL C 532 18.08 6.01 -14.34
N VAL C 533 17.83 6.29 -15.61
CA VAL C 533 16.51 6.76 -16.06
C VAL C 533 15.81 5.75 -16.96
N ARG C 534 14.68 5.23 -16.49
CA ARG C 534 13.83 4.31 -17.25
C ARG C 534 12.48 4.98 -17.47
N GLY C 535 11.64 4.40 -18.30
CA GLY C 535 10.31 4.94 -18.52
C GLY C 535 10.14 5.90 -19.68
N GLN C 536 9.05 6.66 -19.63
CA GLN C 536 8.74 7.59 -20.70
C GLN C 536 8.99 9.04 -20.34
N MET C 537 9.67 9.75 -21.25
CA MET C 537 9.97 11.16 -21.08
C MET C 537 8.65 11.91 -21.25
N PRO C 538 8.59 13.17 -20.76
CA PRO C 538 7.32 13.88 -20.93
C PRO C 538 7.05 14.10 -22.41
N ILE C 539 5.79 14.37 -22.75
CA ILE C 539 5.42 14.61 -24.14
C ILE C 539 6.06 15.89 -24.67
N SER C 540 5.94 16.98 -23.93
CA SER C 540 6.53 18.24 -24.35
C SER C 540 8.03 18.23 -24.16
N GLY C 541 8.71 19.00 -25.00
CA GLY C 541 10.16 19.08 -24.93
C GLY C 541 10.66 19.65 -23.63
N VAL C 542 11.73 19.04 -23.11
CA VAL C 542 12.36 19.48 -21.88
C VAL C 542 13.88 19.44 -22.05
N LYS C 543 14.60 20.06 -21.12
CA LYS C 543 16.05 19.99 -21.11
C LYS C 543 16.33 18.90 -20.08
N LEU C 544 16.98 17.83 -20.50
CA LEU C 544 17.23 16.70 -19.61
C LEU C 544 18.23 16.86 -18.47
N VAL C 545 19.43 17.34 -18.74
CA VAL C 545 20.40 17.37 -17.66
C VAL C 545 21.48 18.45 -17.71
N ARG C 546 21.88 18.90 -16.52
CA ARG C 546 22.97 19.86 -16.33
C ARG C 546 23.74 19.28 -15.13
N GLY C 547 24.94 19.79 -14.88
CA GLY C 547 25.68 19.28 -13.75
C GLY C 547 27.00 19.97 -13.48
N THR C 548 27.65 19.55 -12.39
CA THR C 548 28.95 20.08 -11.99
C THR C 548 29.71 18.86 -11.59
N GLY C 549 31.03 18.85 -11.80
CA GLY C 549 31.82 17.70 -11.45
C GLY C 549 32.50 17.07 -12.66
N ASN C 550 33.42 16.16 -12.41
CA ASN C 550 34.22 15.56 -13.49
C ASN C 550 33.77 14.23 -14.07
N TYR C 551 32.73 13.62 -13.50
CA TYR C 551 32.30 12.32 -14.01
C TYR C 551 30.86 12.23 -14.50
N PRO C 552 30.65 11.64 -15.67
CA PRO C 552 29.29 11.44 -16.22
C PRO C 552 28.66 10.28 -15.46
N THR C 553 27.38 10.35 -15.12
CA THR C 553 26.76 9.25 -14.39
C THR C 553 25.34 8.95 -14.86
N LEU C 554 24.80 9.78 -15.74
CA LEU C 554 23.44 9.55 -16.24
C LEU C 554 23.38 8.37 -17.22
N VAL C 555 22.39 7.51 -17.02
CA VAL C 555 22.21 6.35 -17.87
C VAL C 555 20.80 6.29 -18.44
N LEU C 556 20.66 6.26 -19.76
CA LEU C 556 19.33 6.12 -20.34
C LEU C 556 19.12 4.62 -20.52
N ASP C 557 18.34 4.02 -19.62
CA ASP C 557 18.09 2.59 -19.71
C ASP C 557 16.81 2.30 -20.48
N CYS C 558 16.93 2.15 -21.79
CA CYS C 558 15.77 1.89 -22.67
C CYS C 558 14.71 2.98 -22.56
N THR C 559 15.12 4.16 -22.12
CA THR C 559 14.23 5.28 -21.95
C THR C 559 13.44 5.57 -23.22
N ASN C 560 12.14 5.74 -23.08
CA ASN C 560 11.26 6.09 -24.18
C ASN C 560 11.39 7.60 -24.31
N MET C 561 12.11 8.04 -25.34
CA MET C 561 12.39 9.45 -25.57
C MET C 561 11.32 10.24 -26.29
N GLY C 562 10.31 9.56 -26.83
CA GLY C 562 9.26 10.24 -27.57
C GLY C 562 9.83 11.14 -28.66
N SER C 563 9.40 12.40 -28.66
CA SER C 563 9.87 13.34 -29.66
C SER C 563 10.86 14.35 -29.08
N GLN C 564 11.52 13.96 -27.98
CA GLN C 564 12.49 14.84 -27.31
C GLN C 564 13.66 15.26 -28.19
N PHE C 565 14.09 14.38 -29.10
CA PHE C 565 15.21 14.73 -29.98
C PHE C 565 14.82 15.92 -30.86
N GLN C 566 13.57 15.95 -31.30
CA GLN C 566 13.02 17.00 -32.14
C GLN C 566 12.57 18.26 -31.39
N PHE C 567 11.94 18.08 -30.23
CA PHE C 567 11.43 19.24 -29.48
C PHE C 567 12.11 19.59 -28.17
N GLY C 568 12.91 18.67 -27.63
CA GLY C 568 13.59 18.93 -26.38
C GLY C 568 15.07 19.22 -26.55
N GLU C 569 15.82 19.10 -25.46
CA GLU C 569 17.27 19.34 -25.44
C GLU C 569 17.93 18.40 -24.43
N VAL C 570 19.19 18.03 -24.67
CA VAL C 570 19.88 17.20 -23.70
C VAL C 570 20.38 18.09 -22.56
N GLY C 571 20.77 19.31 -22.90
CA GLY C 571 21.34 20.21 -21.91
C GLY C 571 22.85 20.01 -21.98
N ASP C 572 23.43 19.33 -21.01
CA ASP C 572 24.87 19.11 -21.01
C ASP C 572 25.20 17.64 -21.28
N ILE C 573 25.47 17.31 -22.53
CA ILE C 573 25.80 15.93 -22.95
C ILE C 573 26.94 15.30 -22.15
N PHE C 574 27.79 16.13 -21.56
CA PHE C 574 28.92 15.63 -20.80
C PHE C 574 28.53 14.64 -19.69
N TYR C 575 27.42 14.93 -19.01
CA TYR C 575 26.96 14.10 -17.90
C TYR C 575 26.32 12.73 -18.18
N ILE C 576 26.04 12.43 -19.45
CA ILE C 576 25.45 11.13 -19.79
C ILE C 576 26.57 10.09 -19.85
N LYS C 577 26.47 9.06 -19.03
CA LYS C 577 27.50 8.01 -18.98
C LYS C 577 27.29 6.96 -20.06
N ASP C 578 26.09 6.40 -20.13
CA ASP C 578 25.83 5.42 -21.17
C ASP C 578 24.36 5.36 -21.58
N VAL C 579 24.10 4.71 -22.71
CA VAL C 579 22.78 4.62 -23.27
C VAL C 579 22.49 3.21 -23.78
N VAL C 580 21.36 2.67 -23.34
CA VAL C 580 20.94 1.33 -23.72
C VAL C 580 19.57 1.40 -24.39
N GLY C 581 19.45 0.76 -25.55
CA GLY C 581 18.17 0.72 -26.26
C GLY C 581 17.65 2.01 -26.86
N VAL C 582 18.53 2.97 -27.16
CA VAL C 582 18.11 4.21 -27.79
C VAL C 582 19.07 4.51 -28.93
N LYS C 583 18.53 4.61 -30.14
CA LYS C 583 19.37 4.87 -31.32
C LYS C 583 18.88 6.03 -32.16
N ALA C 584 19.76 6.51 -33.03
CA ALA C 584 19.47 7.57 -33.98
C ALA C 584 20.43 7.35 -35.14
N ASP C 585 19.96 7.52 -36.36
CA ASP C 585 20.84 7.27 -37.51
C ASP C 585 21.84 8.37 -37.82
N THR C 586 21.46 9.61 -37.54
CA THR C 586 22.28 10.75 -37.92
C THR C 586 22.41 11.85 -36.87
N LEU C 587 23.61 12.42 -36.80
CA LEU C 587 23.91 13.51 -35.92
C LEU C 587 24.09 14.73 -36.83
N TYR C 588 23.39 15.81 -36.51
CA TYR C 588 23.45 17.04 -37.31
C TYR C 588 24.23 18.15 -36.64
N ILE C 589 25.18 18.71 -37.37
CA ILE C 589 26.03 19.79 -36.89
C ILE C 589 25.79 21.06 -37.71
N ASP C 590 25.75 22.20 -37.03
CA ASP C 590 25.55 23.49 -37.68
C ASP C 590 26.34 24.50 -36.87
N PRO C 591 27.51 24.89 -37.37
CA PRO C 591 28.41 25.82 -36.66
C PRO C 591 27.89 27.24 -36.59
N VAL C 592 26.92 27.58 -37.42
CA VAL C 592 26.36 28.92 -37.41
C VAL C 592 25.03 29.00 -36.65
N ASN C 593 24.11 28.11 -36.98
CA ASN C 593 22.78 28.11 -36.37
C ASN C 593 22.46 27.00 -35.37
N GLY C 594 23.44 26.14 -35.08
CA GLY C 594 23.22 25.05 -34.14
C GLY C 594 23.25 25.49 -32.69
N ASN C 595 22.76 24.62 -31.81
CA ASN C 595 22.75 24.93 -30.38
C ASN C 595 23.26 23.72 -29.64
N ASN C 596 24.29 23.92 -28.83
CA ASN C 596 24.89 22.81 -28.08
C ASN C 596 23.96 22.16 -27.06
N TYR C 597 22.85 22.83 -26.72
CA TYR C 597 21.90 22.23 -25.79
C TYR C 597 21.11 21.10 -26.47
N ASN C 598 21.04 21.13 -27.79
CA ASN C 598 20.26 20.14 -28.53
C ASN C 598 20.85 18.74 -28.48
N TRP C 599 20.01 17.75 -28.76
CA TRP C 599 20.49 16.37 -28.82
C TRP C 599 21.38 16.21 -30.08
N GLY C 600 20.95 16.85 -31.16
CA GLY C 600 21.68 16.81 -32.43
C GLY C 600 21.23 15.68 -33.34
N THR C 601 20.43 14.76 -32.81
CA THR C 601 19.98 13.59 -33.56
C THR C 601 18.73 13.80 -34.43
N ASN C 602 18.23 15.04 -34.45
CA ASN C 602 17.11 15.43 -35.31
C ASN C 602 17.52 16.66 -36.13
N GLY C 603 17.28 16.61 -37.42
CA GLY C 603 17.66 17.66 -38.34
C GLY C 603 17.24 19.09 -38.06
N THR C 604 16.14 19.27 -37.33
CA THR C 604 15.64 20.61 -37.03
C THR C 604 16.32 21.18 -35.79
N LYS C 605 17.05 20.34 -35.07
CA LYS C 605 17.75 20.77 -33.87
C LYS C 605 19.18 20.24 -33.85
N PRO C 606 20.03 20.77 -34.74
CA PRO C 606 21.42 20.30 -34.78
C PRO C 606 22.21 20.92 -33.63
N ILE C 607 23.35 20.31 -33.29
CA ILE C 607 24.21 20.88 -32.25
C ILE C 607 25.15 21.82 -32.98
N ARG C 608 26.06 22.46 -32.26
CA ARG C 608 26.94 23.43 -32.89
C ARG C 608 28.43 23.09 -33.04
N GLU C 609 29.02 22.46 -32.04
CA GLU C 609 30.45 22.15 -32.02
C GLU C 609 30.79 20.67 -32.28
N LEU C 610 32.06 20.40 -32.55
CA LEU C 610 32.53 19.03 -32.83
C LEU C 610 33.01 18.29 -31.58
N THR C 611 33.21 19.03 -30.51
CA THR C 611 33.70 18.51 -29.24
C THR C 611 33.26 17.10 -28.82
N ASN C 612 31.96 16.85 -28.83
CA ASN C 612 31.44 15.57 -28.38
C ASN C 612 30.81 14.70 -29.45
N ILE C 613 31.15 14.91 -30.73
CA ILE C 613 30.48 14.11 -31.74
C ILE C 613 30.82 12.62 -31.67
N ALA C 614 32.02 12.27 -31.22
CA ALA C 614 32.36 10.85 -31.11
C ALA C 614 31.52 10.21 -30.02
N LYS C 615 31.46 10.86 -28.86
CA LYS C 615 30.68 10.36 -27.73
C LYS C 615 29.19 10.20 -28.08
N ILE C 616 28.61 11.21 -28.72
CA ILE C 616 27.20 11.17 -29.10
C ILE C 616 26.93 10.03 -30.09
N CYS C 617 27.82 9.89 -31.08
CA CYS C 617 27.67 8.83 -32.07
C CYS C 617 27.80 7.44 -31.41
N GLN C 618 28.66 7.33 -30.39
CA GLN C 618 28.82 6.04 -29.70
C GLN C 618 27.58 5.72 -28.89
N LEU C 619 27.04 6.73 -28.20
CA LEU C 619 25.85 6.55 -27.39
C LEU C 619 24.62 6.15 -28.21
N PHE C 620 24.36 6.87 -29.30
CA PHE C 620 23.15 6.57 -30.09
C PHE C 620 23.36 5.75 -31.36
N ARG C 621 24.55 5.15 -31.49
CA ARG C 621 24.88 4.32 -32.64
C ARG C 621 24.62 4.99 -33.99
N CYS C 622 24.99 6.26 -34.12
CA CYS C 622 24.76 7.00 -35.36
C CYS C 622 25.60 6.43 -36.50
N LYS C 623 25.02 6.42 -37.69
CA LYS C 623 25.70 5.89 -38.89
C LYS C 623 26.29 7.02 -39.75
N SER C 624 25.81 8.25 -39.53
CA SER C 624 26.28 9.40 -40.31
C SER C 624 26.28 10.66 -39.50
N VAL C 625 27.09 11.60 -39.94
CA VAL C 625 27.15 12.93 -39.36
C VAL C 625 26.88 13.85 -40.53
N TYR C 626 25.96 14.79 -40.36
CA TYR C 626 25.63 15.72 -41.42
C TYR C 626 26.15 17.11 -41.03
N LEU C 627 27.02 17.65 -41.88
CA LEU C 627 27.60 18.96 -41.62
C LEU C 627 26.86 20.01 -42.43
N ASN C 628 26.15 20.88 -41.75
CA ASN C 628 25.46 21.97 -42.41
C ASN C 628 26.53 22.94 -42.89
N ALA C 629 26.14 23.83 -43.82
CA ALA C 629 27.05 24.81 -44.39
C ALA C 629 27.85 25.55 -43.35
N GLY C 630 29.10 25.85 -43.69
CA GLY C 630 29.98 26.56 -42.78
C GLY C 630 31.13 25.69 -42.37
N GLU C 631 32.08 26.30 -41.69
CA GLU C 631 33.25 25.58 -41.25
C GLU C 631 33.13 25.01 -39.84
N SER C 632 33.22 23.70 -39.71
CA SER C 632 33.19 23.07 -38.39
C SER C 632 34.66 22.94 -38.00
N VAL C 633 35.04 23.64 -36.94
CA VAL C 633 36.44 23.71 -36.53
C VAL C 633 36.78 23.15 -35.14
N ILE C 634 38.02 22.67 -34.99
CA ILE C 634 38.53 22.23 -33.70
C ILE C 634 39.82 23.02 -33.45
N THR C 635 40.14 23.26 -32.17
CA THR C 635 41.33 24.00 -31.78
C THR C 635 42.18 23.14 -30.83
N SER C 636 41.68 21.95 -30.52
CA SER C 636 42.33 20.96 -29.67
C SER C 636 42.10 19.61 -30.32
N ASN C 637 42.99 18.64 -30.11
CA ASN C 637 42.80 17.31 -30.72
C ASN C 637 41.42 16.74 -30.37
N THR C 638 40.68 16.32 -31.40
CA THR C 638 39.32 15.83 -31.20
C THR C 638 39.03 14.58 -31.98
N GLU C 639 38.38 13.61 -31.35
CA GLU C 639 38.07 12.35 -32.00
C GLU C 639 36.91 12.44 -32.97
N LEU C 640 37.05 11.74 -34.09
CA LEU C 640 36.01 11.67 -35.10
C LEU C 640 35.49 10.24 -35.10
N PRO C 641 34.17 10.08 -35.01
CA PRO C 641 33.60 8.73 -35.04
C PRO C 641 33.80 8.11 -36.42
N MET C 642 33.89 6.79 -36.50
CA MET C 642 34.09 6.13 -37.79
C MET C 642 32.76 5.91 -38.50
N VAL C 643 32.26 7.01 -39.07
CA VAL C 643 30.99 7.00 -39.77
C VAL C 643 31.10 7.75 -41.10
N VAL C 644 29.99 7.89 -41.79
CA VAL C 644 29.96 8.66 -43.03
C VAL C 644 29.64 10.12 -42.73
N PHE C 645 30.50 11.04 -43.17
CA PHE C 645 30.24 12.47 -43.01
C PHE C 645 29.72 12.98 -44.34
N GLU C 646 28.60 13.70 -44.31
CA GLU C 646 27.98 14.24 -45.51
C GLU C 646 27.53 15.69 -45.32
N GLY C 647 27.15 16.35 -46.41
CA GLY C 647 26.68 17.72 -46.32
C GLY C 647 27.64 18.75 -46.90
N PRO C 648 27.19 20.02 -46.96
CA PRO C 648 27.97 21.11 -47.55
C PRO C 648 29.01 21.73 -46.63
N GLY C 649 29.05 21.35 -45.35
CA GLY C 649 30.04 21.94 -44.46
C GLY C 649 31.45 21.47 -44.73
N SER C 650 32.42 22.09 -44.05
CA SER C 650 33.80 21.69 -44.21
C SER C 650 34.34 21.41 -42.81
N LEU C 651 35.45 20.69 -42.73
CA LEU C 651 36.08 20.41 -41.44
C LEU C 651 37.42 21.12 -41.35
N LYS C 652 37.72 21.73 -40.20
CA LYS C 652 38.99 22.45 -40.05
C LYS C 652 39.68 22.23 -38.72
N ALA C 653 40.96 21.89 -38.76
CA ALA C 653 41.75 21.73 -37.55
C ALA C 653 42.69 22.93 -37.39
N ASN C 654 42.45 23.74 -36.36
CA ASN C 654 43.27 24.93 -36.11
C ASN C 654 44.18 24.77 -34.90
N SER C 655 45.02 25.78 -34.67
CA SER C 655 45.97 25.79 -33.56
C SER C 655 46.91 24.58 -33.54
N GLY C 656 47.18 24.03 -34.72
CA GLY C 656 48.06 22.89 -34.83
C GLY C 656 47.47 21.58 -34.34
N SER C 657 46.16 21.56 -34.11
CA SER C 657 45.48 20.35 -33.65
C SER C 657 45.31 19.31 -34.75
N SER C 658 44.92 18.10 -34.35
CA SER C 658 44.70 17.00 -35.30
C SER C 658 43.37 16.32 -35.00
N PHE C 659 42.75 15.72 -36.01
CA PHE C 659 41.53 14.97 -35.75
C PHE C 659 42.03 13.60 -35.30
N LEU C 660 41.35 12.98 -34.34
CA LEU C 660 41.79 11.68 -33.80
C LEU C 660 40.93 10.50 -34.24
N ILE C 661 41.61 9.38 -34.52
CA ILE C 661 40.94 8.16 -34.88
C ILE C 661 41.34 7.17 -33.80
N LYS C 662 40.37 6.82 -32.96
CA LYS C 662 40.64 5.93 -31.85
C LYS C 662 39.95 4.59 -31.96
N ALA C 663 39.21 4.37 -33.04
CA ALA C 663 38.48 3.14 -33.22
C ALA C 663 38.60 2.58 -34.64
N GLY C 664 38.48 1.26 -34.75
CA GLY C 664 38.54 0.61 -36.05
C GLY C 664 37.25 0.89 -36.81
N GLY C 665 37.29 0.71 -38.12
CA GLY C 665 36.10 0.94 -38.92
C GLY C 665 36.45 1.74 -40.15
N THR C 666 35.46 2.44 -40.69
CA THR C 666 35.69 3.26 -41.87
C THR C 666 35.22 4.70 -41.62
N LEU C 667 36.15 5.65 -41.79
CA LEU C 667 35.81 7.06 -41.67
C LEU C 667 35.62 7.52 -43.11
N SER C 668 34.44 8.04 -43.45
CA SER C 668 34.20 8.51 -44.82
C SER C 668 33.79 9.98 -44.86
N LEU C 669 34.48 10.74 -45.71
CA LEU C 669 34.14 12.15 -45.92
C LEU C 669 33.59 12.23 -47.34
N ILE C 670 32.28 12.33 -47.49
CA ILE C 670 31.69 12.34 -48.82
C ILE C 670 30.94 13.62 -49.20
N GLY C 671 31.48 14.33 -50.19
CA GLY C 671 30.86 15.54 -50.70
C GLY C 671 31.01 16.80 -49.87
N LEU C 672 31.80 16.76 -48.80
CA LEU C 672 32.03 17.93 -47.96
C LEU C 672 32.76 19.01 -48.76
N SER C 673 32.73 20.23 -48.26
CA SER C 673 33.42 21.34 -48.90
C SER C 673 34.91 21.20 -48.65
N GLY C 674 35.30 20.18 -47.91
CA GLY C 674 36.71 19.93 -47.69
C GLY C 674 37.16 19.80 -46.25
N ILE C 675 38.36 19.25 -46.08
CA ILE C 675 38.94 19.09 -44.76
C ILE C 675 40.37 19.57 -44.90
N SER C 676 40.82 20.35 -43.93
CA SER C 676 42.18 20.86 -43.93
C SER C 676 42.59 21.21 -42.51
N THR C 677 43.89 21.38 -42.29
CA THR C 677 44.42 21.76 -40.99
C THR C 677 45.33 22.98 -41.18
N ASP C 678 45.66 23.67 -40.11
CA ASP C 678 46.55 24.81 -40.25
C ASP C 678 47.97 24.43 -39.86
N GLY C 679 48.29 23.14 -39.98
CA GLY C 679 49.63 22.69 -39.66
C GLY C 679 49.82 21.36 -38.95
N GLY C 680 48.78 20.85 -38.30
CA GLY C 680 48.93 19.58 -37.63
C GLY C 680 48.64 18.46 -38.62
N HIS C 681 49.13 17.25 -38.34
CA HIS C 681 48.83 16.11 -39.19
C HIS C 681 47.31 16.00 -39.15
N MET C 682 46.68 15.59 -40.25
CA MET C 682 45.21 15.57 -40.30
C MET C 682 44.51 14.55 -39.39
N PHE C 683 44.89 13.28 -39.51
CA PHE C 683 44.29 12.24 -38.69
C PHE C 683 45.35 11.51 -37.89
N ARG C 684 45.24 11.54 -36.56
CA ARG C 684 46.19 10.82 -35.71
C ARG C 684 45.53 9.53 -35.27
N VAL C 685 46.05 8.41 -35.78
CA VAL C 685 45.48 7.09 -35.48
C VAL C 685 46.12 6.48 -34.23
N SER C 686 45.30 6.19 -33.23
CA SER C 686 45.82 5.63 -32.00
C SER C 686 45.32 4.21 -31.75
N THR C 687 44.70 3.59 -32.75
CA THR C 687 44.19 2.22 -32.62
C THR C 687 44.95 1.24 -33.53
N VAL C 688 45.15 0.01 -33.05
CA VAL C 688 45.86 -1.00 -33.82
C VAL C 688 44.90 -1.79 -34.70
N GLU C 689 43.61 -1.48 -34.60
CA GLU C 689 42.62 -2.18 -35.42
C GLU C 689 42.63 -1.63 -36.82
N LYS C 690 42.08 -2.39 -37.75
CA LYS C 690 42.02 -1.95 -39.14
C LYS C 690 41.23 -0.64 -39.22
N VAL C 691 41.85 0.36 -39.83
CA VAL C 691 41.24 1.66 -40.01
C VAL C 691 41.22 1.98 -41.49
N ASN C 692 40.04 2.33 -42.00
CA ASN C 692 39.87 2.72 -43.38
C ASN C 692 39.50 4.20 -43.42
N ILE C 693 40.23 4.99 -44.19
CA ILE C 693 39.95 6.41 -44.32
C ILE C 693 39.60 6.63 -45.78
N HIS C 694 38.37 7.05 -46.01
CA HIS C 694 37.81 7.22 -47.33
C HIS C 694 37.43 8.67 -47.53
N THR C 695 38.25 9.40 -48.28
CA THR C 695 37.97 10.81 -48.50
C THR C 695 37.58 11.11 -49.93
N ASN C 696 36.35 11.57 -50.08
CA ASN C 696 35.78 11.93 -51.36
C ASN C 696 35.42 13.41 -51.29
N CYS C 697 36.43 14.22 -50.99
CA CYS C 697 36.27 15.66 -50.89
C CYS C 697 37.67 16.24 -50.94
N SER C 698 37.75 17.56 -50.96
CA SER C 698 39.03 18.23 -50.97
C SER C 698 39.76 17.96 -49.65
N VAL C 699 41.04 17.63 -49.74
CA VAL C 699 41.87 17.31 -48.58
C VAL C 699 43.17 18.09 -48.64
N ASN C 700 43.45 18.85 -47.60
CA ASN C 700 44.68 19.64 -47.57
C ASN C 700 45.39 19.64 -46.21
N ALA C 701 46.43 18.81 -46.08
CA ALA C 701 47.21 18.74 -44.86
C ALA C 701 48.46 19.63 -44.94
N GLY C 702 48.54 20.44 -46.00
CA GLY C 702 49.67 21.32 -46.18
C GLY C 702 51.01 20.56 -46.18
N ALA C 703 51.92 21.01 -45.32
CA ALA C 703 53.25 20.39 -45.19
C ALA C 703 53.22 19.13 -44.34
N ALA C 704 52.10 18.88 -43.68
CA ALA C 704 51.96 17.72 -42.81
C ALA C 704 51.39 16.48 -43.54
N TYR C 705 51.03 15.43 -42.80
CA TYR C 705 50.52 14.21 -43.41
C TYR C 705 48.99 14.12 -43.34
N VAL C 706 48.41 13.27 -44.17
CA VAL C 706 46.97 13.06 -44.10
C VAL C 706 46.72 12.18 -42.88
N VAL C 707 47.53 11.12 -42.77
CA VAL C 707 47.41 10.18 -41.65
C VAL C 707 48.72 9.97 -40.91
N LEU C 708 48.68 10.05 -39.58
CA LEU C 708 49.85 9.76 -38.79
C LEU C 708 49.48 8.69 -37.76
N SER C 709 50.14 7.54 -37.83
CA SER C 709 49.86 6.46 -36.90
C SER C 709 50.75 6.53 -35.66
N GLU C 710 50.12 6.64 -34.50
CA GLU C 710 50.86 6.70 -33.23
C GLU C 710 51.15 5.33 -32.60
N VAL C 711 50.70 4.27 -33.26
CA VAL C 711 50.93 2.89 -32.82
C VAL C 711 51.33 2.09 -34.05
N GLN C 712 51.56 0.79 -33.88
CA GLN C 712 51.87 -0.07 -35.01
C GLN C 712 50.52 -0.36 -35.63
N GLY C 713 50.16 0.45 -36.61
CA GLY C 713 48.86 0.36 -37.24
C GLY C 713 48.63 -0.53 -38.43
N ASN C 714 47.40 -0.47 -38.92
CA ASN C 714 46.91 -1.24 -40.06
C ASN C 714 45.89 -0.32 -40.70
N ILE C 715 46.31 0.40 -41.74
CA ILE C 715 45.48 1.42 -42.36
C ILE C 715 45.27 1.32 -43.87
N GLU C 716 44.07 1.64 -44.32
CA GLU C 716 43.78 1.69 -45.75
C GLU C 716 43.21 3.07 -46.06
N TYR C 717 43.93 3.81 -46.88
CA TYR C 717 43.53 5.15 -47.24
C TYR C 717 43.14 5.22 -48.70
N ARG C 718 41.96 5.76 -48.97
CA ARG C 718 41.52 5.92 -50.34
C ARG C 718 40.98 7.32 -50.59
N GLN C 719 41.63 8.03 -51.50
CA GLN C 719 41.24 9.37 -51.91
C GLN C 719 40.54 9.29 -53.26
N LEU C 720 39.29 9.71 -53.30
CA LEU C 720 38.53 9.64 -54.54
C LEU C 720 38.19 10.99 -55.12
N PHE C 721 38.82 11.27 -56.26
CA PHE C 721 38.63 12.50 -57.01
C PHE C 721 38.97 13.73 -56.18
N TYR C 722 38.34 14.85 -56.50
CA TYR C 722 38.64 16.09 -55.81
C TYR C 722 40.14 16.36 -55.86
N SER C 723 40.71 16.68 -54.71
CA SER C 723 42.13 16.97 -54.67
C SER C 723 42.69 16.61 -53.32
N VAL C 724 44.01 16.39 -53.29
CA VAL C 724 44.70 16.05 -52.06
C VAL C 724 46.08 16.72 -52.05
N ASN C 725 46.43 17.29 -50.90
CA ASN C 725 47.71 17.94 -50.72
C ASN C 725 48.27 17.53 -49.36
N CYS C 726 49.56 17.19 -49.34
CA CYS C 726 50.25 16.76 -48.13
C CYS C 726 51.71 16.49 -48.47
N SER C 727 52.54 16.32 -47.46
CA SER C 727 53.95 16.00 -47.70
C SER C 727 54.12 14.50 -47.93
N LYS C 728 53.35 13.70 -47.18
CA LYS C 728 53.30 12.24 -47.31
C LYS C 728 51.85 11.92 -46.98
N TYR C 729 51.28 10.88 -47.58
CA TYR C 729 49.91 10.52 -47.28
C TYR C 729 49.82 9.88 -45.88
N ILE C 730 50.74 8.98 -45.59
CA ILE C 730 50.73 8.30 -44.30
C ILE C 730 52.12 8.23 -43.71
N GLY C 731 52.21 8.46 -42.40
CA GLY C 731 53.46 8.37 -41.68
C GLY C 731 53.19 7.68 -40.36
N ALA C 732 54.22 7.45 -39.57
CA ALA C 732 54.06 6.79 -38.27
C ALA C 732 55.19 7.21 -37.33
N THR C 733 54.87 7.25 -36.04
CA THR C 733 55.83 7.67 -35.03
C THR C 733 56.97 6.69 -34.77
N ALA C 734 56.73 5.40 -35.01
CA ALA C 734 57.77 4.42 -34.76
C ALA C 734 57.66 3.10 -35.55
N GLY C 735 58.21 2.06 -34.95
CA GLY C 735 58.27 0.71 -35.49
C GLY C 735 57.21 0.14 -36.39
N GLN C 736 57.31 0.49 -37.67
CA GLN C 736 56.43 0.02 -38.75
C GLN C 736 54.92 -0.13 -38.59
N THR C 737 54.23 0.50 -39.54
CA THR C 737 52.78 0.48 -39.64
C THR C 737 52.47 -0.02 -41.05
N ILE C 738 51.53 -0.94 -41.18
CA ILE C 738 51.18 -1.43 -42.51
C ILE C 738 50.05 -0.60 -43.09
N ALA C 739 50.12 -0.33 -44.40
CA ALA C 739 49.08 0.48 -45.02
C ALA C 739 48.81 0.19 -46.49
N GLY C 740 47.59 0.48 -46.92
CA GLY C 740 47.17 0.29 -48.30
C GLY C 740 46.79 1.68 -48.76
N ILE C 741 47.12 2.03 -50.00
CA ILE C 741 46.79 3.37 -50.47
C ILE C 741 46.24 3.46 -51.88
N MET C 742 45.14 4.18 -52.05
CA MET C 742 44.60 4.45 -53.37
C MET C 742 44.32 5.93 -53.54
N VAL C 743 44.95 6.54 -54.53
CA VAL C 743 44.73 7.94 -54.79
C VAL C 743 44.25 8.06 -56.22
N LYS C 744 42.96 8.37 -56.38
CA LYS C 744 42.40 8.49 -57.70
C LYS C 744 42.07 9.93 -58.02
N THR C 745 43.09 10.71 -58.32
CA THR C 745 42.91 12.11 -58.71
C THR C 745 44.15 12.68 -59.34
N ALA C 746 43.97 13.51 -60.36
CA ALA C 746 45.08 14.15 -61.04
C ALA C 746 45.64 15.25 -60.14
N THR C 747 44.78 15.85 -59.32
CA THR C 747 45.21 16.93 -58.44
C THR C 747 45.74 16.37 -57.11
N ARG C 748 47.01 15.98 -57.14
CA ARG C 748 47.69 15.39 -55.99
C ARG C 748 49.15 15.77 -56.11
N PRO C 749 49.96 15.55 -55.06
CA PRO C 749 51.38 15.88 -55.21
C PRO C 749 52.14 14.78 -55.95
N THR C 750 52.13 14.86 -57.29
CA THR C 750 52.83 13.91 -58.18
C THR C 750 54.21 13.51 -57.67
N GLY C 751 54.92 14.46 -57.08
CA GLY C 751 56.25 14.22 -56.53
C GLY C 751 56.39 13.06 -55.56
N ILE C 752 55.33 12.69 -54.85
CA ILE C 752 55.45 11.59 -53.91
C ILE C 752 54.81 10.30 -54.43
N ASP C 753 54.49 10.26 -55.72
CA ASP C 753 53.91 9.06 -56.32
C ASP C 753 54.79 7.84 -55.99
N ALA C 754 56.10 8.00 -56.21
CA ALA C 754 57.08 6.93 -55.97
C ALA C 754 57.44 6.71 -54.50
N ALA C 755 57.20 7.71 -53.66
CA ALA C 755 57.49 7.58 -52.24
C ALA C 755 56.38 8.24 -51.42
N PRO C 756 55.19 7.60 -51.39
CA PRO C 756 53.97 8.12 -50.75
C PRO C 756 53.93 8.13 -49.22
N VAL C 757 54.78 7.34 -48.56
CA VAL C 757 54.74 7.27 -47.10
C VAL C 757 56.12 7.47 -46.49
N ASP C 758 56.18 7.69 -45.18
CA ASP C 758 57.48 7.86 -44.53
C ASP C 758 58.13 6.49 -44.33
N GLY C 759 59.33 6.46 -43.76
CA GLY C 759 60.05 5.22 -43.56
C GLY C 759 59.41 4.21 -42.62
N ASN C 760 58.50 4.66 -41.77
CA ASN C 760 57.87 3.77 -40.81
C ASN C 760 56.60 3.07 -41.28
N VAL C 761 56.26 3.27 -42.54
CA VAL C 761 55.08 2.65 -43.10
C VAL C 761 55.49 1.69 -44.21
N SER C 762 54.88 0.51 -44.23
CA SER C 762 55.15 -0.48 -45.27
C SER C 762 53.83 -0.67 -46.01
N LEU C 763 53.87 -0.61 -47.34
CA LEU C 763 52.67 -0.71 -48.16
C LEU C 763 52.26 -2.11 -48.55
N THR C 764 50.95 -2.36 -48.53
CA THR C 764 50.40 -3.65 -48.94
C THR C 764 50.01 -3.54 -50.39
N TYR C 765 49.57 -2.35 -50.79
CA TYR C 765 49.20 -2.09 -52.17
C TYR C 765 49.28 -0.60 -52.39
N LYS C 766 49.54 -0.19 -53.63
CA LYS C 766 49.62 1.23 -53.98
C LYS C 766 48.97 1.45 -55.33
N ILE C 767 47.82 2.10 -55.31
CA ILE C 767 47.07 2.34 -56.54
C ILE C 767 46.91 3.83 -56.75
N ILE C 768 47.69 4.37 -57.67
CA ILE C 768 47.65 5.80 -57.96
C ILE C 768 47.53 6.06 -59.46
#